data_6D2W
#
_entry.id   6D2W
#
_cell.length_a   54.484
_cell.length_b   96.753
_cell.length_c   138.089
_cell.angle_alpha   90.00
_cell.angle_beta   99.27
_cell.angle_gamma   90.00
#
_symmetry.space_group_name_H-M   'P 1 21 1'
#
loop_
_entity.id
_entity.type
_entity.pdbx_description
1 polymer 'Aryl-phospho-beta-D-glucosidase BglC, GH1 family'
2 non-polymer GLYCEROL
3 non-polymer '4-(2-HYDROXYETHYL)-1-PIPERAZINE ETHANESULFONIC ACID'
4 water water
#
_entity_poly.entity_id   1
_entity_poly.type   'polypeptide(L)'
_entity_poly.pdbx_seq_one_letter_code
;MKKFIFSLLATLISFSVFAQSADDTYVVNKADGTSQSYKVMEFPNIKFNGDGTFGNYMTGFDDFGQINVWNISDVKSVTF
NIAHSNPVDVSGVFLADASANDAAKKLYKYLRLVYGNKILSGMMAHVAWNHDEADKIHVLTGKYPAINCYDFIHIAVPNQ
GSNGWINYNDITPVTEWADAGGIVSLMWHFNVPQNENTTIGADGSGQGINSSQTTFKASHALVSGTWENKFFMEQMENVA
NVILKLQDAGIVALWRPFHEAAGNATLKSGANWGKAWFWWGEDGPDVYKQLWHTMFNYFSNKGIHNLIWEWTSQNYNGDS
DIYNNDDDWYPGDAYVDIIGRDLYGTTAVQQYSEYSQLKGRYPSKMIALAECGVNNSTITADVEQAWNAGAKWLNFMPWY
GESMPSDEWWTKVMNENVVITRDEINQNATYMEESAQSAVDNFGLGFNLGNTLDANGCGTGKPVATYETFWGQPETTQDM
MTFLMQNGFNAVRIPVTWYEHMDAEGNVDEAWMMRVKAIVEYAMNAGLYAIVNVHHDTAAGSGAWIKADTDVYAATKEKF
KKLWTQIANALADYDQHLLFEGYNEMLDGNNSWDEPQKASGYEALNNYAQDFVDAVRATGGNNATRNLIVNTYAAAKGEN
VLNNFMLPTDAVNNHLIVQVHSYDPWNFFNTKTTWDSECHNTLTEIFSALSKKFTTIPYIIGEYGTHGESDISVSKSSPA
EKIKLAADQAADMVKLAKDHHSATFYWMSIFDGSDRIQPQWSLPTVVEAMQEAYNN
;
_entity_poly.pdbx_strand_id   A,B
#
loop_
_chem_comp.id
_chem_comp.type
_chem_comp.name
_chem_comp.formula
EPE non-polymer '4-(2-HYDROXYETHYL)-1-PIPERAZINE ETHANESULFONIC ACID' 'C8 H18 N2 O4 S'
GOL non-polymer GLYCEROL 'C3 H8 O3'
#
# COMPACT_ATOMS: atom_id res chain seq x y z
N VAL A 90 17.67 -21.79 -25.50
CA VAL A 90 17.39 -23.05 -26.18
C VAL A 90 16.08 -23.67 -25.69
N SER A 91 16.12 -24.97 -25.37
CA SER A 91 14.91 -25.69 -25.04
C SER A 91 14.31 -25.26 -23.71
N GLY A 92 15.15 -25.10 -22.68
CA GLY A 92 14.65 -24.76 -21.37
C GLY A 92 14.26 -23.32 -21.15
N VAL A 93 14.38 -22.46 -22.17
CA VAL A 93 14.15 -21.03 -22.03
C VAL A 93 12.71 -20.70 -22.39
N PHE A 94 12.02 -20.04 -21.47
CA PHE A 94 10.65 -19.57 -21.70
C PHE A 94 10.58 -18.11 -21.26
N LEU A 95 10.64 -17.21 -22.23
CA LEU A 95 10.61 -15.77 -21.94
C LEU A 95 9.17 -15.30 -21.79
N ALA A 96 9.00 -14.06 -21.33
CA ALA A 96 7.67 -13.47 -21.30
C ALA A 96 7.01 -13.53 -22.68
N ASP A 97 7.78 -13.25 -23.73
CA ASP A 97 7.32 -13.46 -25.10
C ASP A 97 7.50 -14.94 -25.43
N ALA A 98 6.38 -15.68 -25.48
CA ALA A 98 6.45 -17.11 -25.70
C ALA A 98 6.99 -17.46 -27.08
N SER A 99 6.98 -16.51 -28.01
CA SER A 99 7.48 -16.73 -29.37
C SER A 99 8.82 -16.05 -29.61
N ALA A 100 9.61 -15.82 -28.56
CA ALA A 100 10.90 -15.16 -28.71
C ALA A 100 11.81 -15.97 -29.64
N ASN A 101 12.54 -15.26 -30.51
CA ASN A 101 13.37 -15.96 -31.48
C ASN A 101 14.62 -16.52 -30.81
N ASP A 102 15.40 -17.26 -31.60
CA ASP A 102 16.56 -17.97 -31.04
C ASP A 102 17.58 -17.00 -30.47
N ALA A 103 17.86 -15.91 -31.19
CA ALA A 103 18.88 -14.97 -30.73
C ALA A 103 18.50 -14.32 -29.42
N ALA A 104 17.21 -14.05 -29.21
CA ALA A 104 16.77 -13.46 -27.96
C ALA A 104 16.92 -14.43 -26.81
N LYS A 105 16.60 -15.70 -27.05
CA LYS A 105 16.81 -16.74 -26.05
C LYS A 105 18.30 -16.93 -25.75
N LYS A 106 19.15 -16.79 -26.77
CA LYS A 106 20.59 -16.87 -26.56
C LYS A 106 21.07 -15.76 -25.63
N LEU A 107 20.68 -14.51 -25.92
CA LEU A 107 21.04 -13.39 -25.05
C LEU A 107 20.51 -13.58 -23.64
N TYR A 108 19.25 -14.03 -23.51
CA TYR A 108 18.68 -14.26 -22.19
C TYR A 108 19.47 -15.31 -21.41
N LYS A 109 19.87 -16.39 -22.08
CA LYS A 109 20.68 -17.42 -21.42
C LYS A 109 22.02 -16.86 -20.97
N TYR A 110 22.60 -15.96 -21.77
CA TYR A 110 23.83 -15.30 -21.37
C TYR A 110 23.62 -14.44 -20.12
N LEU A 111 22.52 -13.68 -20.09
CA LEU A 111 22.23 -12.85 -18.93
C LEU A 111 22.12 -13.70 -17.67
N ARG A 112 21.43 -14.85 -17.76
CA ARG A 112 21.32 -15.75 -16.63
C ARG A 112 22.67 -16.33 -16.24
N LEU A 113 23.57 -16.51 -17.22
CA LEU A 113 24.88 -17.06 -16.92
C LEU A 113 25.70 -16.10 -16.05
N VAL A 114 25.64 -14.80 -16.34
CA VAL A 114 26.46 -13.84 -15.59
C VAL A 114 25.77 -13.33 -14.32
N TYR A 115 24.44 -13.48 -14.22
CA TYR A 115 23.68 -12.89 -13.13
C TYR A 115 24.18 -13.38 -11.77
N GLY A 116 24.55 -12.44 -10.91
CA GLY A 116 25.08 -12.77 -9.60
C GLY A 116 26.54 -13.13 -9.60
N ASN A 117 27.15 -13.26 -10.78
CA ASN A 117 28.55 -13.57 -10.96
C ASN A 117 29.36 -12.32 -11.30
N LYS A 118 28.94 -11.60 -12.34
CA LYS A 118 29.54 -10.34 -12.75
C LYS A 118 28.42 -9.36 -13.11
N ILE A 119 28.79 -8.10 -13.28
CA ILE A 119 27.83 -7.05 -13.64
C ILE A 119 28.22 -6.48 -14.99
N LEU A 120 27.23 -6.35 -15.88
CA LEU A 120 27.47 -5.82 -17.21
C LEU A 120 27.50 -4.31 -17.17
N SER A 121 28.57 -3.72 -17.71
CA SER A 121 28.67 -2.28 -17.81
C SER A 121 27.75 -1.78 -18.91
N GLY A 122 27.26 -0.56 -18.75
CA GLY A 122 26.40 0.04 -19.77
C GLY A 122 26.61 1.53 -19.82
N MET A 123 26.14 2.14 -20.88
CA MET A 123 26.15 3.56 -21.02
C MET A 123 25.01 4.04 -21.89
N MET A 124 24.46 5.18 -21.53
CA MET A 124 23.37 5.75 -22.32
C MET A 124 23.93 6.45 -23.57
N ALA A 125 23.15 6.39 -24.64
CA ALA A 125 23.44 7.21 -25.82
C ALA A 125 23.51 8.68 -25.43
N HIS A 126 24.26 9.46 -26.21
CA HIS A 126 24.16 10.91 -26.07
C HIS A 126 22.78 11.35 -26.54
N VAL A 127 21.83 11.38 -25.59
CA VAL A 127 20.43 11.77 -25.80
C VAL A 127 19.60 10.65 -26.44
N ALA A 128 19.94 10.23 -27.67
CA ALA A 128 18.99 9.41 -28.40
C ALA A 128 19.59 8.23 -29.17
N TRP A 129 20.21 8.49 -30.32
CA TRP A 129 20.42 7.46 -31.35
C TRP A 129 21.89 7.40 -31.75
N ASN A 130 22.74 7.02 -30.80
CA ASN A 130 24.18 6.97 -31.05
C ASN A 130 24.83 6.19 -29.91
N HIS A 131 26.14 6.01 -30.00
CA HIS A 131 26.94 5.49 -28.89
C HIS A 131 28.11 6.43 -28.62
N ASP A 132 27.85 7.74 -28.64
CA ASP A 132 28.92 8.72 -28.48
C ASP A 132 29.50 8.69 -27.08
N GLU A 133 28.68 8.43 -26.06
CA GLU A 133 29.19 8.41 -24.69
C GLU A 133 30.03 7.15 -24.44
N ALA A 134 29.60 6.00 -24.99
CA ALA A 134 30.44 4.81 -24.91
C ALA A 134 31.77 5.02 -25.60
N ASP A 135 31.78 5.77 -26.72
CA ASP A 135 33.02 6.02 -27.42
C ASP A 135 33.97 6.84 -26.56
N LYS A 136 33.45 7.82 -25.83
CA LYS A 136 34.30 8.61 -24.94
C LYS A 136 34.85 7.74 -23.80
N ILE A 137 34.07 6.77 -23.34
CA ILE A 137 34.57 5.83 -22.33
C ILE A 137 35.75 5.05 -22.89
N HIS A 138 35.65 4.63 -24.15
CA HIS A 138 36.74 3.87 -24.77
C HIS A 138 37.97 4.74 -24.99
N VAL A 139 37.76 6.04 -25.24
CA VAL A 139 38.90 6.95 -25.35
C VAL A 139 39.60 7.08 -24.00
N LEU A 140 38.83 7.17 -22.92
CA LEU A 140 39.41 7.41 -21.60
C LEU A 140 40.03 6.15 -21.01
N THR A 141 39.43 4.98 -21.23
CA THR A 141 39.84 3.77 -20.54
C THR A 141 40.43 2.70 -21.45
N GLY A 142 40.29 2.84 -22.77
CA GLY A 142 40.62 1.75 -23.67
C GLY A 142 39.61 0.63 -23.74
N LYS A 143 38.48 0.76 -23.03
CA LYS A 143 37.45 -0.27 -22.97
C LYS A 143 36.08 0.36 -23.19
N TYR A 144 35.17 -0.39 -23.88
CA TYR A 144 33.78 -0.05 -24.13
C TYR A 144 32.89 -0.63 -23.04
N PRO A 145 31.83 0.08 -22.66
CA PRO A 145 30.78 -0.57 -21.86
C PRO A 145 30.15 -1.69 -22.67
N ALA A 146 29.67 -2.73 -21.96
CA ALA A 146 29.08 -3.88 -22.64
C ALA A 146 27.81 -3.50 -23.39
N ILE A 147 27.00 -2.62 -22.80
CA ILE A 147 25.68 -2.27 -23.33
C ILE A 147 25.65 -0.80 -23.70
N ASN A 148 25.03 -0.49 -24.83
CA ASN A 148 24.68 0.89 -25.16
C ASN A 148 23.17 0.97 -25.27
N CYS A 149 22.56 1.95 -24.62
CA CYS A 149 21.12 2.13 -24.64
C CYS A 149 20.72 3.26 -25.57
N TYR A 150 19.73 3.02 -26.41
CA TYR A 150 19.22 4.01 -27.35
C TYR A 150 17.80 4.39 -26.95
N ASP A 151 17.40 5.63 -27.30
CA ASP A 151 16.12 6.20 -26.89
C ASP A 151 15.31 6.59 -28.12
N PHE A 152 14.06 6.14 -28.17
CA PHE A 152 13.14 6.51 -29.24
C PHE A 152 12.47 7.87 -29.01
N ILE A 153 13.03 8.68 -28.11
CA ILE A 153 12.44 9.94 -27.66
C ILE A 153 12.00 10.83 -28.83
N HIS A 154 12.71 10.80 -29.95
CA HIS A 154 12.44 11.70 -31.07
C HIS A 154 11.73 11.04 -32.24
N ILE A 155 11.12 9.87 -32.03
CA ILE A 155 10.58 9.09 -33.15
C ILE A 155 9.51 9.87 -33.92
N ALA A 156 8.78 10.77 -33.26
CA ALA A 156 7.71 11.51 -33.92
C ALA A 156 8.19 12.75 -34.65
N VAL A 157 9.49 13.06 -34.61
CA VAL A 157 9.99 14.24 -35.32
C VAL A 157 9.82 14.03 -36.82
N PRO A 158 9.25 14.99 -37.56
CA PRO A 158 9.04 14.80 -38.99
C PRO A 158 10.33 14.95 -39.78
N ASN A 159 10.27 14.48 -41.03
CA ASN A 159 11.34 14.68 -42.02
C ASN A 159 12.64 14.00 -41.60
N GLN A 160 12.52 12.74 -41.20
CA GLN A 160 13.68 11.96 -40.80
C GLN A 160 14.41 11.47 -42.03
N GLY A 161 15.70 11.80 -42.12
CA GLY A 161 16.48 11.65 -43.32
C GLY A 161 16.83 12.97 -43.97
N SER A 162 16.10 14.04 -43.64
CA SER A 162 16.34 15.35 -44.23
C SER A 162 16.25 16.49 -43.22
N ASN A 163 16.05 16.21 -41.92
CA ASN A 163 16.06 17.25 -40.91
C ASN A 163 17.46 17.53 -40.37
N GLY A 164 18.43 16.69 -40.69
CA GLY A 164 19.83 16.96 -40.39
C GLY A 164 20.28 16.65 -38.98
N TRP A 165 19.43 16.06 -38.14
CA TRP A 165 19.87 15.77 -36.79
C TRP A 165 19.34 14.48 -36.19
N ILE A 166 18.33 13.84 -36.76
CA ILE A 166 17.85 12.56 -36.24
C ILE A 166 17.11 11.79 -37.32
N ASN A 167 17.40 10.50 -37.44
CA ASN A 167 16.77 9.66 -38.47
C ASN A 167 16.78 8.22 -37.98
N TYR A 168 15.64 7.76 -37.45
CA TYR A 168 15.54 6.40 -36.96
C TYR A 168 15.42 5.36 -38.08
N ASN A 169 15.17 5.79 -39.31
CA ASN A 169 15.20 4.87 -40.44
C ASN A 169 16.61 4.38 -40.74
N ASP A 170 17.63 5.10 -40.29
CA ASP A 170 19.03 4.68 -40.39
C ASP A 170 19.38 3.93 -39.11
N ILE A 171 19.46 2.60 -39.19
CA ILE A 171 19.70 1.78 -38.00
C ILE A 171 21.18 1.50 -37.79
N THR A 172 22.05 2.05 -38.64
CA THR A 172 23.50 1.94 -38.49
C THR A 172 24.01 2.19 -37.08
N PRO A 173 23.58 3.23 -36.35
CA PRO A 173 24.09 3.40 -34.97
C PRO A 173 23.86 2.18 -34.09
N VAL A 174 22.81 1.41 -34.35
CA VAL A 174 22.57 0.19 -33.57
C VAL A 174 23.34 -0.99 -34.13
N THR A 175 23.33 -1.16 -35.45
CA THR A 175 24.00 -2.33 -36.01
C THR A 175 25.52 -2.25 -35.88
N GLU A 176 26.08 -1.05 -35.97
CA GLU A 176 27.51 -0.87 -35.72
C GLU A 176 27.90 -1.48 -34.38
N TRP A 177 27.09 -1.21 -33.35
CA TRP A 177 27.42 -1.62 -31.99
C TRP A 177 27.29 -3.12 -31.83
N ALA A 178 26.15 -3.68 -32.26
CA ALA A 178 25.94 -5.12 -32.15
C ALA A 178 26.95 -5.90 -32.98
N ASP A 179 27.29 -5.42 -34.18
CA ASP A 179 28.29 -6.09 -34.99
C ASP A 179 29.64 -6.16 -34.28
N ALA A 180 29.97 -5.15 -33.50
CA ALA A 180 31.21 -5.13 -32.73
C ALA A 180 31.12 -5.96 -31.45
N GLY A 181 30.00 -6.64 -31.21
CA GLY A 181 29.86 -7.48 -30.04
C GLY A 181 29.14 -6.86 -28.87
N GLY A 182 28.67 -5.62 -29.00
CA GLY A 182 27.98 -4.98 -27.91
C GLY A 182 26.53 -5.41 -27.82
N ILE A 183 26.01 -5.31 -26.62
CA ILE A 183 24.62 -5.66 -26.33
C ILE A 183 23.77 -4.40 -26.47
N VAL A 184 22.61 -4.55 -27.10
CA VAL A 184 21.71 -3.43 -27.41
C VAL A 184 20.65 -3.32 -26.33
N SER A 185 20.42 -2.10 -25.85
CA SER A 185 19.31 -1.78 -24.99
C SER A 185 18.52 -0.63 -25.61
N LEU A 186 17.20 -0.65 -25.43
CA LEU A 186 16.32 0.32 -26.05
C LEU A 186 15.32 0.84 -25.04
N MET A 187 15.09 2.15 -25.05
CA MET A 187 14.08 2.77 -24.20
C MET A 187 13.33 3.82 -25.02
N TRP A 188 12.31 4.42 -24.40
CA TRP A 188 11.43 5.34 -25.14
C TRP A 188 10.87 6.37 -24.17
N HIS A 189 11.47 7.56 -24.13
CA HIS A 189 10.78 8.73 -23.56
C HIS A 189 9.65 9.09 -24.51
N PHE A 190 8.44 8.65 -24.19
CA PHE A 190 7.30 8.75 -25.10
C PHE A 190 6.78 10.19 -25.11
N ASN A 191 7.45 11.04 -25.88
CA ASN A 191 7.02 12.41 -26.11
C ASN A 191 5.71 12.42 -26.90
N VAL A 192 4.87 13.41 -26.59
CA VAL A 192 3.56 13.55 -27.23
C VAL A 192 3.37 15.02 -27.61
N PRO A 193 2.41 15.36 -28.46
CA PRO A 193 2.18 16.79 -28.76
C PRO A 193 1.71 17.53 -27.53
N GLN A 194 2.01 18.84 -27.49
CA GLN A 194 1.66 19.65 -26.34
C GLN A 194 0.14 19.81 -26.21
N ASN A 195 -0.59 19.75 -27.30
CA ASN A 195 -2.04 19.77 -27.28
C ASN A 195 -2.55 19.24 -28.62
N GLU A 196 -3.88 19.25 -28.78
CA GLU A 196 -4.51 18.62 -29.93
C GLU A 196 -4.20 19.38 -31.22
N ASN A 197 -3.95 20.68 -31.13
CA ASN A 197 -3.72 21.51 -32.32
C ASN A 197 -2.25 21.70 -32.65
N THR A 198 -1.36 21.03 -31.92
CA THR A 198 0.07 21.23 -32.06
C THR A 198 0.67 20.20 -33.00
N THR A 199 1.48 20.66 -33.95
CA THR A 199 2.23 19.77 -34.85
C THR A 199 3.70 19.78 -34.42
N ILE A 200 4.25 18.60 -34.14
CA ILE A 200 5.64 18.52 -33.76
C ILE A 200 6.52 18.98 -34.91
N GLY A 201 7.43 19.90 -34.62
CA GLY A 201 8.26 20.46 -35.67
C GLY A 201 9.48 19.61 -35.96
N ALA A 202 10.08 19.89 -37.13
CA ALA A 202 11.29 19.18 -37.52
C ALA A 202 12.44 19.45 -36.57
N ASP A 203 12.39 20.54 -35.81
CA ASP A 203 13.42 20.89 -34.84
C ASP A 203 13.15 20.30 -33.45
N GLY A 204 12.10 19.49 -33.31
CA GLY A 204 11.74 18.92 -32.03
C GLY A 204 10.78 19.76 -31.21
N SER A 205 10.33 20.90 -31.73
CA SER A 205 9.43 21.75 -30.97
C SER A 205 8.02 21.13 -30.93
N GLY A 206 7.27 21.52 -29.90
CA GLY A 206 5.89 21.12 -29.76
C GLY A 206 5.64 19.83 -29.01
N GLN A 207 6.63 19.32 -28.27
CA GLN A 207 6.48 18.07 -27.53
C GLN A 207 6.46 18.32 -26.02
N GLY A 208 5.82 17.39 -25.29
CA GLY A 208 5.84 17.40 -23.84
C GLY A 208 5.71 15.99 -23.33
N ILE A 209 5.94 15.81 -22.03
CA ILE A 209 6.03 14.46 -21.49
C ILE A 209 5.14 14.26 -20.27
N ASN A 210 4.54 15.32 -19.74
CA ASN A 210 3.60 15.18 -18.63
C ASN A 210 2.60 16.33 -18.63
N SER A 211 1.71 16.33 -17.64
CA SER A 211 0.58 17.24 -17.64
C SER A 211 1.00 18.69 -17.47
N SER A 212 2.21 18.95 -16.97
CA SER A 212 2.70 20.32 -16.94
C SER A 212 3.13 20.81 -18.32
N GLN A 213 3.30 19.91 -19.28
CA GLN A 213 3.74 20.29 -20.61
C GLN A 213 2.75 19.92 -21.72
N THR A 214 1.77 19.05 -21.45
CA THR A 214 0.85 18.62 -22.50
C THR A 214 -0.51 18.29 -21.92
N THR A 215 -1.54 18.41 -22.75
CA THR A 215 -2.91 18.02 -22.42
C THR A 215 -3.19 16.55 -22.69
N PHE A 216 -2.23 15.84 -23.28
CA PHE A 216 -2.34 14.41 -23.56
C PHE A 216 -2.65 13.63 -22.29
N LYS A 217 -3.76 12.89 -22.30
CA LYS A 217 -4.18 12.09 -21.16
C LYS A 217 -3.97 10.61 -21.43
N ALA A 218 -3.40 9.91 -20.45
CA ALA A 218 -3.10 8.48 -20.61
C ALA A 218 -4.35 7.67 -20.88
N SER A 219 -5.45 7.96 -20.18
CA SER A 219 -6.66 7.17 -20.35
C SER A 219 -7.22 7.32 -21.76
N HIS A 220 -7.10 8.52 -22.34
CA HIS A 220 -7.59 8.72 -23.69
C HIS A 220 -6.76 7.97 -24.72
N ALA A 221 -5.50 7.68 -24.42
CA ALA A 221 -4.63 7.00 -25.37
C ALA A 221 -5.15 5.61 -25.71
N LEU A 222 -5.89 4.99 -24.77
CA LEU A 222 -6.48 3.68 -24.97
C LEU A 222 -7.83 3.71 -25.69
N VAL A 223 -8.49 4.87 -25.74
CA VAL A 223 -9.86 4.96 -26.25
C VAL A 223 -9.79 5.28 -27.74
N SER A 224 -10.23 4.33 -28.57
CA SER A 224 -10.29 4.57 -30.00
C SER A 224 -11.22 5.73 -30.31
N GLY A 225 -10.75 6.68 -31.13
CA GLY A 225 -11.53 7.85 -31.46
C GLY A 225 -11.01 9.15 -30.85
N THR A 226 -10.06 9.09 -29.93
CA THR A 226 -9.49 10.29 -29.35
C THR A 226 -8.25 10.73 -30.14
N TRP A 227 -7.89 12.00 -29.98
CA TRP A 227 -6.68 12.47 -30.63
C TRP A 227 -5.44 11.85 -29.99
N GLU A 228 -5.49 11.57 -28.69
CA GLU A 228 -4.38 10.88 -28.04
C GLU A 228 -4.19 9.48 -28.62
N ASN A 229 -5.28 8.73 -28.81
CA ASN A 229 -5.15 7.36 -29.28
C ASN A 229 -4.59 7.31 -30.69
N LYS A 230 -5.00 8.23 -31.56
CA LYS A 230 -4.43 8.27 -32.91
C LYS A 230 -2.92 8.49 -32.86
N PHE A 231 -2.46 9.45 -32.06
CA PHE A 231 -1.03 9.68 -31.95
C PHE A 231 -0.32 8.47 -31.34
N PHE A 232 -0.93 7.90 -30.30
CA PHE A 232 -0.33 6.78 -29.58
C PHE A 232 -0.09 5.58 -30.50
N MET A 233 -1.11 5.19 -31.25
CA MET A 233 -0.97 4.03 -32.14
C MET A 233 -0.03 4.33 -33.30
N GLU A 234 0.02 5.57 -33.76
CA GLU A 234 0.88 5.90 -34.89
C GLU A 234 2.35 5.89 -34.48
N GLN A 235 2.66 6.40 -33.30
CA GLN A 235 4.04 6.33 -32.84
C GLN A 235 4.43 4.90 -32.45
N MET A 236 3.49 4.13 -31.92
CA MET A 236 3.78 2.73 -31.62
C MET A 236 4.07 1.95 -32.89
N GLU A 237 3.33 2.21 -33.97
CA GLU A 237 3.64 1.58 -35.25
C GLU A 237 5.01 2.02 -35.75
N ASN A 238 5.36 3.31 -35.56
CA ASN A 238 6.66 3.79 -36.00
C ASN A 238 7.79 3.06 -35.29
N VAL A 239 7.70 2.97 -33.96
CA VAL A 239 8.73 2.28 -33.20
C VAL A 239 8.77 0.80 -33.56
N ALA A 240 7.61 0.18 -33.73
CA ALA A 240 7.61 -1.24 -34.06
C ALA A 240 8.27 -1.51 -35.41
N ASN A 241 8.14 -0.56 -36.34
CA ASN A 241 8.76 -0.73 -37.66
C ASN A 241 10.28 -0.64 -37.57
N VAL A 242 10.81 0.22 -36.71
CA VAL A 242 12.26 0.25 -36.49
C VAL A 242 12.74 -1.05 -35.87
N ILE A 243 12.06 -1.51 -34.82
CA ILE A 243 12.47 -2.73 -34.15
C ILE A 243 12.39 -3.93 -35.10
N LEU A 244 11.40 -3.95 -35.99
CA LEU A 244 11.33 -5.00 -37.01
C LEU A 244 12.51 -4.95 -37.96
N LYS A 245 12.99 -3.75 -38.28
CA LYS A 245 14.19 -3.66 -39.11
C LYS A 245 15.41 -4.15 -38.35
N LEU A 246 15.50 -3.83 -37.05
CA LEU A 246 16.58 -4.36 -36.23
C LEU A 246 16.53 -5.88 -36.18
N GLN A 247 15.33 -6.45 -35.99
CA GLN A 247 15.16 -7.89 -35.96
C GLN A 247 15.60 -8.54 -37.27
N ASP A 248 15.31 -7.89 -38.39
CA ASP A 248 15.76 -8.40 -39.69
C ASP A 248 17.28 -8.36 -39.81
N ALA A 249 17.92 -7.40 -39.17
CA ALA A 249 19.38 -7.35 -39.12
C ALA A 249 19.96 -8.26 -38.05
N GLY A 250 19.13 -9.10 -37.42
CA GLY A 250 19.64 -10.01 -36.41
C GLY A 250 19.91 -9.37 -35.07
N ILE A 251 19.37 -8.19 -34.80
CA ILE A 251 19.55 -7.53 -33.52
C ILE A 251 18.53 -8.07 -32.52
N VAL A 252 18.95 -8.21 -31.27
CA VAL A 252 18.06 -8.44 -30.14
C VAL A 252 18.39 -7.37 -29.11
N ALA A 253 17.42 -7.09 -28.24
CA ALA A 253 17.61 -5.97 -27.34
C ALA A 253 16.84 -6.16 -26.04
N LEU A 254 17.39 -5.58 -24.97
CA LEU A 254 16.58 -5.23 -23.82
C LEU A 254 15.67 -4.07 -24.20
N TRP A 255 14.41 -4.15 -23.79
CA TRP A 255 13.38 -3.17 -24.11
C TRP A 255 12.83 -2.65 -22.80
N ARG A 256 13.00 -1.36 -22.53
CA ARG A 256 12.58 -0.75 -21.28
C ARG A 256 11.64 0.41 -21.56
N PRO A 257 10.38 0.13 -21.91
CA PRO A 257 9.42 1.21 -22.19
C PRO A 257 8.72 1.66 -20.92
N PHE A 258 8.07 2.83 -21.03
CA PHE A 258 7.14 3.28 -20.00
C PHE A 258 7.78 3.27 -18.61
N HIS A 259 8.98 3.83 -18.50
CA HIS A 259 9.76 3.66 -17.27
C HIS A 259 9.35 4.66 -16.18
N GLU A 260 9.69 4.32 -14.94
CA GLU A 260 9.43 5.17 -13.75
C GLU A 260 7.96 5.58 -13.66
N ALA A 261 7.07 4.64 -14.01
CA ALA A 261 5.66 4.99 -14.19
C ALA A 261 5.06 5.63 -12.95
N ALA A 262 5.25 4.98 -11.79
CA ALA A 262 4.59 5.45 -10.57
C ALA A 262 5.06 6.83 -10.15
N GLY A 263 6.28 7.21 -10.51
CA GLY A 263 6.81 8.49 -10.06
C GLY A 263 6.78 8.57 -8.55
N ASN A 264 6.12 9.61 -8.04
CA ASN A 264 5.87 9.77 -6.61
C ASN A 264 4.42 9.51 -6.24
N ALA A 265 3.65 8.87 -7.13
CA ALA A 265 2.23 8.67 -6.89
C ALA A 265 1.93 7.64 -5.80
N THR A 266 2.94 6.93 -5.30
CA THR A 266 2.72 5.94 -4.25
C THR A 266 2.86 6.54 -2.85
N LEU A 267 2.86 7.86 -2.76
CA LEU A 267 2.97 8.53 -1.47
C LEU A 267 1.82 8.11 -0.57
N LYS A 268 2.16 7.76 0.68
CA LYS A 268 1.15 7.20 1.58
C LYS A 268 0.04 8.19 1.88
N SER A 269 0.38 9.47 1.98
CA SER A 269 -0.59 10.45 2.46
C SER A 269 -1.66 10.74 1.42
N GLY A 270 -1.25 10.96 0.17
CA GLY A 270 -2.15 11.35 -0.89
C GLY A 270 -2.01 12.79 -1.35
N ALA A 271 -1.08 13.55 -0.77
CA ALA A 271 -0.84 14.91 -1.23
C ALA A 271 -0.32 14.89 -2.66
N ASN A 272 -0.84 15.79 -3.49
CA ASN A 272 -0.58 15.74 -4.92
C ASN A 272 0.72 16.41 -5.35
N TRP A 273 1.66 16.64 -4.41
CA TRP A 273 3.05 16.80 -4.82
C TRP A 273 3.67 15.46 -5.12
N GLY A 274 3.14 14.38 -4.54
CA GLY A 274 3.52 13.03 -4.90
C GLY A 274 2.69 12.52 -6.04
N LYS A 275 3.16 12.72 -7.26
CA LYS A 275 2.45 12.27 -8.45
C LYS A 275 3.46 11.75 -9.46
N ALA A 276 2.93 11.12 -10.50
CA ALA A 276 3.77 10.65 -11.60
C ALA A 276 4.35 11.85 -12.34
N TRP A 277 5.59 11.71 -12.79
CA TRP A 277 6.22 12.78 -13.55
C TRP A 277 6.23 12.50 -15.05
N PHE A 278 5.70 11.34 -15.48
CA PHE A 278 5.48 11.03 -16.90
C PHE A 278 3.98 10.81 -17.12
N TRP A 279 3.50 11.13 -18.33
CA TRP A 279 2.07 11.05 -18.58
C TRP A 279 1.53 9.63 -18.45
N TRP A 280 2.36 8.61 -18.67
CA TRP A 280 1.81 7.26 -18.66
C TRP A 280 1.53 6.73 -17.26
N GLY A 281 1.91 7.45 -16.21
CA GLY A 281 1.53 7.03 -14.89
C GLY A 281 0.52 7.97 -14.26
N GLU A 282 0.15 9.05 -14.97
CA GLU A 282 -0.65 10.09 -14.34
C GLU A 282 -2.12 9.72 -14.23
N ASP A 283 -2.56 8.62 -14.85
CA ASP A 283 -3.93 8.14 -14.66
C ASP A 283 -3.99 6.93 -13.76
N GLY A 284 -2.89 6.56 -13.10
CA GLY A 284 -2.90 5.53 -12.09
C GLY A 284 -2.47 4.17 -12.60
N PRO A 285 -2.36 3.19 -11.70
CA PRO A 285 -1.73 1.92 -12.07
C PRO A 285 -2.56 1.05 -13.01
N ASP A 286 -3.90 1.17 -12.99
CA ASP A 286 -4.71 0.31 -13.86
C ASP A 286 -4.58 0.73 -15.32
N VAL A 287 -4.68 2.03 -15.59
CA VAL A 287 -4.44 2.52 -16.94
C VAL A 287 -3.03 2.16 -17.39
N TYR A 288 -2.05 2.27 -16.50
CA TYR A 288 -0.66 2.02 -16.85
C TYR A 288 -0.46 0.57 -17.31
N LYS A 289 -1.01 -0.37 -16.56
CA LYS A 289 -0.87 -1.78 -16.95
C LYS A 289 -1.57 -2.06 -18.27
N GLN A 290 -2.71 -1.40 -18.52
CA GLN A 290 -3.36 -1.50 -19.82
C GLN A 290 -2.45 -1.01 -20.93
N LEU A 291 -1.77 0.13 -20.71
CA LEU A 291 -0.82 0.63 -21.70
C LEU A 291 0.29 -0.37 -21.96
N TRP A 292 0.82 -0.97 -20.90
CA TRP A 292 1.89 -1.96 -21.06
C TRP A 292 1.42 -3.15 -21.88
N HIS A 293 0.27 -3.72 -21.49
CA HIS A 293 -0.25 -4.90 -22.17
C HIS A 293 -0.55 -4.60 -23.62
N THR A 294 -1.10 -3.41 -23.91
CA THR A 294 -1.40 -3.03 -25.29
C THR A 294 -0.15 -3.04 -26.14
N MET A 295 0.93 -2.42 -25.62
CA MET A 295 2.18 -2.40 -26.38
C MET A 295 2.75 -3.81 -26.55
N PHE A 296 2.74 -4.61 -25.49
CA PHE A 296 3.29 -5.96 -25.56
C PHE A 296 2.56 -6.79 -26.61
N ASN A 297 1.22 -6.75 -26.60
CA ASN A 297 0.45 -7.56 -27.52
C ASN A 297 0.50 -6.96 -28.93
N TYR A 298 0.52 -5.64 -29.03
CA TYR A 298 0.69 -4.99 -30.33
C TYR A 298 2.01 -5.42 -30.97
N PHE A 299 3.11 -5.37 -30.22
CA PHE A 299 4.41 -5.78 -30.75
C PHE A 299 4.41 -7.25 -31.14
N SER A 300 3.85 -8.09 -30.28
CA SER A 300 3.85 -9.54 -30.55
C SER A 300 3.02 -9.86 -31.79
N ASN A 301 1.85 -9.23 -31.93
CA ASN A 301 1.03 -9.45 -33.12
C ASN A 301 1.75 -8.99 -34.38
N LYS A 302 2.59 -7.98 -34.28
CA LYS A 302 3.32 -7.50 -35.44
C LYS A 302 4.52 -8.38 -35.80
N GLY A 303 4.83 -9.39 -34.98
CA GLY A 303 5.95 -10.27 -35.28
C GLY A 303 7.26 -9.85 -34.65
N ILE A 304 7.24 -8.97 -33.66
CA ILE A 304 8.45 -8.58 -32.95
C ILE A 304 8.74 -9.65 -31.90
N HIS A 305 9.84 -10.36 -32.06
CA HIS A 305 10.19 -11.42 -31.13
C HIS A 305 11.66 -11.37 -30.76
N ASN A 306 12.26 -10.17 -30.78
CA ASN A 306 13.68 -10.01 -30.48
C ASN A 306 13.89 -9.17 -29.22
N LEU A 307 12.89 -9.10 -28.34
CA LEU A 307 12.93 -8.21 -27.19
C LEU A 307 12.93 -8.99 -25.89
N ILE A 308 13.72 -8.50 -24.93
CA ILE A 308 13.67 -8.95 -23.55
C ILE A 308 13.13 -7.77 -22.75
N TRP A 309 11.94 -7.94 -22.16
CA TRP A 309 11.17 -6.82 -21.63
C TRP A 309 11.61 -6.48 -20.20
N GLU A 310 11.86 -5.20 -19.96
CA GLU A 310 12.36 -4.73 -18.67
C GLU A 310 11.39 -3.71 -18.10
N TRP A 311 10.89 -3.95 -16.89
CA TRP A 311 9.97 -3.05 -16.22
C TRP A 311 10.68 -2.30 -15.09
N THR A 312 10.57 -0.97 -15.09
CA THR A 312 11.25 -0.12 -14.12
C THR A 312 10.37 0.14 -12.92
N SER A 313 10.79 -0.34 -11.75
CA SER A 313 10.09 -0.14 -10.50
C SER A 313 10.66 1.07 -9.77
N GLN A 314 9.77 1.79 -9.08
CA GLN A 314 10.18 2.83 -8.15
C GLN A 314 10.50 2.28 -6.76
N ASN A 315 10.24 0.99 -6.53
CA ASN A 315 10.35 0.40 -5.19
C ASN A 315 9.63 1.28 -4.17
N TYR A 316 10.34 1.79 -3.16
CA TYR A 316 9.76 2.66 -2.15
C TYR A 316 10.21 4.11 -2.31
N ASN A 317 10.73 4.48 -3.48
CA ASN A 317 11.29 5.81 -3.72
C ASN A 317 12.31 6.20 -2.64
N GLY A 318 13.01 5.21 -2.11
CA GLY A 318 14.04 5.44 -1.12
C GLY A 318 13.55 5.66 0.30
N ASP A 319 12.24 5.60 0.56
CA ASP A 319 11.73 5.88 1.91
C ASP A 319 10.39 5.17 2.11
N SER A 320 10.46 3.94 2.63
CA SER A 320 9.24 3.15 2.86
C SER A 320 8.38 3.71 3.97
N ASP A 321 8.90 4.62 4.80
CA ASP A 321 8.08 5.21 5.85
C ASP A 321 7.00 6.12 5.27
N ILE A 322 7.24 6.71 4.11
CA ILE A 322 6.28 7.64 3.52
C ILE A 322 5.74 7.17 2.18
N TYR A 323 6.26 6.11 1.59
CA TYR A 323 5.80 5.61 0.30
C TYR A 323 5.34 4.17 0.43
N ASN A 324 4.24 3.85 -0.26
CA ASN A 324 3.96 2.46 -0.59
C ASN A 324 4.90 2.01 -1.70
N ASN A 325 5.08 0.70 -1.83
CA ASN A 325 5.78 0.24 -3.01
C ASN A 325 4.83 0.28 -4.20
N ASP A 326 5.34 0.02 -5.40
CA ASP A 326 4.55 0.14 -6.62
C ASP A 326 4.16 -1.22 -7.19
N ASP A 327 3.85 -2.19 -6.30
CA ASP A 327 3.47 -3.52 -6.75
C ASP A 327 2.22 -3.51 -7.61
N ASP A 328 1.30 -2.58 -7.36
CA ASP A 328 0.06 -2.49 -8.15
C ASP A 328 0.32 -2.03 -9.57
N TRP A 329 1.50 -1.47 -9.83
CA TRP A 329 1.91 -1.03 -11.15
C TRP A 329 2.58 -2.12 -11.97
N TYR A 330 2.98 -3.24 -11.35
CA TYR A 330 3.69 -4.32 -12.04
C TYR A 330 2.84 -4.91 -13.16
N PRO A 331 3.35 -4.97 -14.39
CA PRO A 331 2.52 -5.53 -15.48
C PRO A 331 2.28 -7.02 -15.39
N GLY A 332 3.03 -7.75 -14.59
CA GLY A 332 2.79 -9.17 -14.41
C GLY A 332 3.93 -10.03 -14.98
N ASP A 333 4.02 -11.25 -14.46
CA ASP A 333 5.12 -12.16 -14.81
C ASP A 333 5.10 -12.50 -16.30
N ALA A 334 3.92 -12.57 -16.92
CA ALA A 334 3.84 -12.93 -18.34
C ALA A 334 4.23 -11.79 -19.26
N TYR A 335 4.47 -10.59 -18.73
CA TYR A 335 4.74 -9.41 -19.54
C TYR A 335 6.09 -8.76 -19.25
N VAL A 336 6.90 -9.36 -18.37
CA VAL A 336 8.13 -8.75 -17.86
C VAL A 336 9.20 -9.83 -17.71
N ASP A 337 10.43 -9.51 -18.11
CA ASP A 337 11.59 -10.38 -17.94
C ASP A 337 12.57 -9.87 -16.89
N ILE A 338 12.76 -8.56 -16.79
CA ILE A 338 13.76 -7.95 -15.92
C ILE A 338 13.10 -6.81 -15.15
N ILE A 339 13.48 -6.66 -13.88
CA ILE A 339 13.06 -5.52 -13.07
C ILE A 339 14.21 -4.53 -12.99
N GLY A 340 13.95 -3.28 -13.42
CA GLY A 340 14.93 -2.22 -13.36
C GLY A 340 14.63 -1.23 -12.24
N ARG A 341 15.68 -0.57 -11.76
CA ARG A 341 15.56 0.53 -10.80
C ARG A 341 16.52 1.64 -11.20
N ASP A 342 16.06 2.88 -11.06
CA ASP A 342 16.81 4.09 -11.44
C ASP A 342 17.22 4.82 -10.16
N LEU A 343 18.52 4.89 -9.90
CA LEU A 343 19.04 5.45 -8.65
C LEU A 343 20.10 6.49 -8.96
N TYR A 344 19.93 7.70 -8.42
CA TYR A 344 20.90 8.77 -8.60
C TYR A 344 21.44 9.21 -7.25
N GLY A 345 22.76 9.31 -7.17
CA GLY A 345 23.42 9.75 -5.95
C GLY A 345 23.27 8.82 -4.76
N THR A 346 23.24 7.51 -5.00
CA THR A 346 23.03 6.56 -3.91
C THR A 346 24.35 5.92 -3.49
N THR A 347 24.40 5.51 -2.22
CA THR A 347 25.55 4.83 -1.66
C THR A 347 25.49 3.33 -1.92
N ALA A 348 26.53 2.63 -1.48
CA ALA A 348 26.56 1.18 -1.62
C ALA A 348 25.49 0.51 -0.76
N VAL A 349 25.29 0.99 0.47
CA VAL A 349 24.31 0.36 1.35
C VAL A 349 22.89 0.64 0.87
N GLN A 350 22.63 1.83 0.32
CA GLN A 350 21.32 2.11 -0.26
C GLN A 350 21.04 1.18 -1.44
N GLN A 351 22.03 1.02 -2.33
CA GLN A 351 21.82 0.16 -3.49
C GLN A 351 21.56 -1.28 -3.06
N TYR A 352 22.28 -1.75 -2.04
CA TYR A 352 22.01 -3.08 -1.52
C TYR A 352 20.58 -3.20 -1.03
N SER A 353 20.10 -2.20 -0.29
CA SER A 353 18.73 -2.23 0.20
C SER A 353 17.74 -2.29 -0.95
N GLU A 354 17.96 -1.48 -1.98
CA GLU A 354 17.05 -1.46 -3.11
C GLU A 354 17.08 -2.79 -3.86
N TYR A 355 18.29 -3.30 -4.15
CA TYR A 355 18.42 -4.57 -4.85
C TYR A 355 17.73 -5.69 -4.08
N SER A 356 18.00 -5.80 -2.78
CA SER A 356 17.49 -6.95 -2.05
C SER A 356 15.97 -6.89 -1.88
N GLN A 357 15.41 -5.69 -1.76
CA GLN A 357 13.96 -5.56 -1.63
C GLN A 357 13.26 -5.99 -2.90
N LEU A 358 13.74 -5.52 -4.07
CA LEU A 358 13.14 -5.91 -5.33
C LEU A 358 13.33 -7.40 -5.60
N LYS A 359 14.49 -7.94 -5.26
CA LYS A 359 14.73 -9.36 -5.49
C LYS A 359 13.76 -10.21 -4.69
N GLY A 360 13.47 -9.82 -3.45
CA GLY A 360 12.53 -10.55 -2.64
C GLY A 360 11.10 -10.53 -3.16
N ARG A 361 10.69 -9.42 -3.76
CA ARG A 361 9.33 -9.32 -4.30
C ARG A 361 9.20 -9.85 -5.72
N TYR A 362 10.29 -9.93 -6.48
CA TYR A 362 10.26 -10.45 -7.84
C TYR A 362 11.27 -11.58 -8.00
N PRO A 363 11.07 -12.69 -7.27
CA PRO A 363 12.14 -13.71 -7.19
C PRO A 363 12.48 -14.37 -8.50
N SER A 364 11.51 -14.55 -9.41
CA SER A 364 11.81 -15.23 -10.66
C SER A 364 12.43 -14.31 -11.72
N LYS A 365 12.55 -13.02 -11.45
CA LYS A 365 13.10 -12.07 -12.42
C LYS A 365 14.49 -11.62 -11.97
N MET A 366 15.30 -11.19 -12.94
CA MET A 366 16.58 -10.58 -12.64
C MET A 366 16.41 -9.09 -12.37
N ILE A 367 17.21 -8.56 -11.45
CA ILE A 367 17.11 -7.17 -11.01
C ILE A 367 18.29 -6.40 -11.61
N ALA A 368 18.00 -5.22 -12.16
CA ALA A 368 18.99 -4.44 -12.89
C ALA A 368 18.98 -2.99 -12.43
N LEU A 369 20.15 -2.36 -12.50
CA LEU A 369 20.26 -0.93 -12.23
C LEU A 369 20.13 -0.21 -13.57
N ALA A 370 18.88 0.07 -13.94
CA ALA A 370 18.59 0.53 -15.29
C ALA A 370 19.11 1.93 -15.55
N GLU A 371 19.19 2.76 -14.52
CA GLU A 371 19.72 4.11 -14.64
C GLU A 371 20.45 4.45 -13.35
N CYS A 372 21.59 5.12 -13.48
CA CYS A 372 22.29 5.63 -12.33
C CYS A 372 23.07 6.86 -12.72
N GLY A 373 23.66 7.51 -11.73
CA GLY A 373 24.49 8.67 -11.99
C GLY A 373 24.58 9.53 -10.75
N VAL A 374 25.17 10.70 -10.93
CA VAL A 374 25.37 11.64 -9.85
C VAL A 374 24.22 12.64 -9.84
N ASN A 375 24.09 13.37 -8.74
CA ASN A 375 23.23 14.55 -8.67
C ASN A 375 24.08 15.67 -8.09
N ASN A 376 23.41 16.74 -7.62
CA ASN A 376 24.13 17.87 -7.03
C ASN A 376 25.00 17.41 -5.86
N SER A 377 24.38 16.80 -4.85
CA SER A 377 25.03 16.61 -3.56
C SER A 377 25.91 15.37 -3.48
N THR A 378 25.62 14.33 -4.26
CA THR A 378 26.24 13.03 -4.06
C THR A 378 26.72 12.42 -5.37
N ILE A 379 27.94 11.87 -5.34
CA ILE A 379 28.38 10.93 -6.34
C ILE A 379 27.54 9.65 -6.25
N THR A 380 27.51 8.88 -7.34
CA THR A 380 26.97 7.54 -7.26
C THR A 380 28.07 6.56 -6.85
N ALA A 381 27.67 5.51 -6.15
CA ALA A 381 28.63 4.62 -5.50
C ALA A 381 29.47 3.87 -6.52
N ASP A 382 30.71 3.57 -6.14
CA ASP A 382 31.56 2.71 -6.96
C ASP A 382 30.87 1.35 -7.15
N VAL A 383 30.96 0.83 -8.38
CA VAL A 383 30.21 -0.38 -8.73
C VAL A 383 30.65 -1.56 -7.87
N GLU A 384 31.96 -1.74 -7.72
CA GLU A 384 32.49 -2.86 -6.94
C GLU A 384 32.12 -2.72 -5.47
N GLN A 385 32.15 -1.50 -4.92
CA GLN A 385 31.76 -1.35 -3.53
C GLN A 385 30.27 -1.63 -3.33
N ALA A 386 29.44 -1.20 -4.28
CA ALA A 386 28.02 -1.57 -4.22
C ALA A 386 27.85 -3.08 -4.39
N TRP A 387 28.60 -3.68 -5.31
CA TRP A 387 28.49 -5.12 -5.55
C TRP A 387 28.83 -5.89 -4.29
N ASN A 388 29.93 -5.54 -3.63
CA ASN A 388 30.36 -6.28 -2.46
C ASN A 388 29.51 -5.97 -1.23
N ALA A 389 28.76 -4.87 -1.23
CA ALA A 389 27.75 -4.68 -0.19
C ALA A 389 26.54 -5.57 -0.39
N GLY A 390 26.40 -6.18 -1.57
CA GLY A 390 25.29 -7.08 -1.86
C GLY A 390 24.41 -6.64 -3.03
N ALA A 391 24.66 -5.47 -3.62
CA ALA A 391 23.84 -4.98 -4.73
C ALA A 391 24.40 -5.60 -6.00
N LYS A 392 23.98 -6.84 -6.26
CA LYS A 392 24.53 -7.60 -7.39
C LYS A 392 23.64 -7.45 -8.63
N TRP A 393 23.47 -6.21 -9.07
CA TRP A 393 22.61 -5.96 -10.24
C TRP A 393 23.09 -6.73 -11.46
N LEU A 394 22.14 -7.06 -12.35
CA LEU A 394 22.50 -7.65 -13.63
C LEU A 394 23.39 -6.71 -14.44
N ASN A 395 23.06 -5.43 -14.45
CA ASN A 395 23.84 -4.45 -15.17
C ASN A 395 23.68 -3.10 -14.49
N PHE A 396 24.52 -2.15 -14.90
CA PHE A 396 24.37 -0.76 -14.51
C PHE A 396 24.47 0.10 -15.76
N MET A 397 23.86 1.28 -15.73
CA MET A 397 23.92 2.17 -16.88
C MET A 397 23.79 3.62 -16.45
N PRO A 398 24.88 4.39 -16.45
CA PRO A 398 24.77 5.81 -16.10
C PRO A 398 24.11 6.63 -17.20
N TRP A 399 23.44 7.70 -16.79
CA TRP A 399 22.88 8.67 -17.70
C TRP A 399 23.96 9.66 -18.16
N TYR A 400 23.63 10.44 -19.19
CA TYR A 400 24.60 11.37 -19.77
C TYR A 400 24.50 12.75 -19.15
N GLY A 401 25.35 13.67 -19.59
CA GLY A 401 25.20 15.07 -19.21
C GLY A 401 25.68 15.33 -17.79
N GLU A 402 24.86 16.06 -17.03
CA GLU A 402 25.24 16.39 -15.66
C GLU A 402 25.18 15.18 -14.74
N SER A 403 24.44 14.14 -15.11
CA SER A 403 24.39 12.91 -14.32
C SER A 403 25.57 11.99 -14.57
N MET A 404 26.42 12.32 -15.54
CA MET A 404 27.51 11.43 -15.93
C MET A 404 28.57 11.39 -14.83
N PRO A 405 28.96 10.22 -14.35
CA PRO A 405 30.06 10.14 -13.38
C PRO A 405 31.37 10.64 -13.98
N SER A 406 32.31 10.94 -13.09
CA SER A 406 33.56 11.55 -13.49
C SER A 406 34.50 10.53 -14.15
N ASP A 407 35.56 11.06 -14.78
CA ASP A 407 36.53 10.21 -15.46
C ASP A 407 37.25 9.29 -14.49
N GLU A 408 37.52 9.77 -13.27
CA GLU A 408 38.14 8.90 -12.27
C GLU A 408 37.22 7.74 -11.91
N TRP A 409 35.92 8.01 -11.80
CA TRP A 409 34.95 6.95 -11.53
C TRP A 409 34.97 5.90 -12.63
N TRP A 410 34.94 6.33 -13.88
CA TRP A 410 34.96 5.39 -15.00
C TRP A 410 36.26 4.61 -15.06
N THR A 411 37.38 5.28 -14.78
CA THR A 411 38.67 4.60 -14.84
C THR A 411 38.76 3.49 -13.81
N LYS A 412 38.23 3.73 -12.61
CA LYS A 412 38.15 2.67 -11.61
C LYS A 412 37.22 1.56 -12.09
N VAL A 413 35.99 1.93 -12.45
CA VAL A 413 34.95 0.94 -12.72
C VAL A 413 35.35 0.04 -13.88
N MET A 414 35.78 0.63 -14.99
CA MET A 414 36.11 -0.17 -16.17
C MET A 414 37.29 -1.11 -15.94
N ASN A 415 38.05 -0.93 -14.87
CA ASN A 415 39.15 -1.82 -14.54
C ASN A 415 38.83 -2.78 -13.41
N GLU A 416 37.58 -2.83 -12.94
CA GLU A 416 37.20 -3.76 -11.89
C GLU A 416 36.88 -5.13 -12.49
N ASN A 417 37.39 -6.19 -11.84
CA ASN A 417 37.23 -7.54 -12.39
C ASN A 417 35.77 -7.98 -12.40
N VAL A 418 34.96 -7.47 -11.46
CA VAL A 418 33.56 -7.83 -11.41
C VAL A 418 32.73 -7.21 -12.53
N VAL A 419 33.30 -6.27 -13.30
CA VAL A 419 32.56 -5.54 -14.33
C VAL A 419 32.90 -6.15 -15.69
N ILE A 420 31.86 -6.54 -16.43
CA ILE A 420 32.05 -7.03 -17.79
C ILE A 420 32.07 -5.85 -18.75
N THR A 421 33.13 -5.77 -19.55
CA THR A 421 33.22 -4.80 -20.64
C THR A 421 32.98 -5.50 -21.96
N ARG A 422 32.84 -4.71 -23.03
CA ARG A 422 32.35 -5.24 -24.30
C ARG A 422 33.24 -6.36 -24.82
N ASP A 423 34.56 -6.18 -24.76
CA ASP A 423 35.50 -7.17 -25.28
C ASP A 423 35.43 -8.49 -24.52
N GLU A 424 34.88 -8.51 -23.31
CA GLU A 424 34.77 -9.74 -22.52
C GLU A 424 33.45 -10.47 -22.73
N ILE A 425 32.53 -9.93 -23.54
CA ILE A 425 31.26 -10.60 -23.77
C ILE A 425 31.49 -11.84 -24.61
N ASN A 426 30.90 -12.97 -24.17
CA ASN A 426 30.92 -14.20 -24.96
C ASN A 426 29.57 -14.90 -24.75
N GLN A 427 28.61 -14.57 -25.61
CA GLN A 427 27.29 -15.18 -25.51
C GLN A 427 27.28 -16.64 -25.92
N ASN A 428 28.41 -17.16 -26.40
CA ASN A 428 28.53 -18.59 -26.65
C ASN A 428 29.06 -19.37 -25.45
N ALA A 429 29.43 -18.68 -24.37
CA ALA A 429 29.92 -19.37 -23.20
C ALA A 429 28.84 -20.25 -22.58
N THR A 430 29.26 -21.38 -22.04
CA THR A 430 28.41 -22.34 -21.39
C THR A 430 28.72 -22.46 -19.90
N TYR A 431 29.66 -21.69 -19.41
CA TYR A 431 30.17 -21.78 -18.04
C TYR A 431 30.88 -20.48 -17.74
N MET A 432 30.78 -20.04 -16.50
CA MET A 432 31.52 -18.85 -16.04
C MET A 432 31.95 -19.11 -14.60
N GLU A 433 33.27 -19.18 -14.40
CA GLU A 433 33.83 -19.44 -13.08
C GLU A 433 33.26 -18.48 -12.04
N GLU A 434 32.92 -19.03 -10.87
CA GLU A 434 32.37 -18.25 -9.77
C GLU A 434 33.04 -18.66 -8.47
N SER A 435 33.37 -17.68 -7.64
CA SER A 435 34.00 -17.99 -6.36
C SER A 435 33.00 -18.66 -5.43
N ALA A 436 33.53 -19.45 -4.49
CA ALA A 436 32.67 -20.14 -3.53
C ALA A 436 31.83 -19.14 -2.72
N GLN A 437 32.42 -18.02 -2.30
CA GLN A 437 31.65 -17.07 -1.48
C GLN A 437 30.51 -16.45 -2.28
N SER A 438 30.78 -16.09 -3.54
CA SER A 438 29.73 -15.51 -4.39
C SER A 438 28.55 -16.47 -4.54
N ALA A 439 28.85 -17.76 -4.75
CA ALA A 439 27.78 -18.73 -4.94
C ALA A 439 26.94 -18.86 -3.66
N VAL A 440 27.61 -18.97 -2.51
CA VAL A 440 26.92 -19.11 -1.24
C VAL A 440 26.04 -17.89 -0.98
N ASP A 441 26.53 -16.70 -1.30
CA ASP A 441 25.71 -15.51 -1.21
C ASP A 441 24.50 -15.58 -2.13
N ASN A 442 24.63 -16.23 -3.30
CA ASN A 442 23.53 -16.35 -4.25
C ASN A 442 22.57 -17.49 -3.92
N PHE A 443 22.93 -18.42 -3.01
CA PHE A 443 22.05 -19.55 -2.72
C PHE A 443 20.70 -19.10 -2.17
N GLY A 444 20.70 -18.01 -1.38
CA GLY A 444 19.47 -17.53 -0.79
C GLY A 444 18.84 -18.60 0.10
N LEU A 445 17.53 -18.78 -0.03
CA LEU A 445 16.84 -19.86 0.65
C LEU A 445 17.04 -21.16 -0.12
N GLY A 446 17.44 -22.21 0.60
CA GLY A 446 17.68 -23.51 -0.01
C GLY A 446 16.74 -24.59 0.48
N PHE A 447 16.56 -25.63 -0.34
CA PHE A 447 15.67 -26.75 -0.03
C PHE A 447 16.37 -28.05 -0.37
N ASN A 448 16.14 -29.07 0.48
CA ASN A 448 16.63 -30.43 0.24
C ASN A 448 15.53 -31.27 -0.41
N LEU A 449 15.78 -31.79 -1.61
CA LEU A 449 14.84 -32.72 -2.23
C LEU A 449 15.08 -34.12 -1.67
N GLY A 450 14.75 -34.28 -0.39
CA GLY A 450 15.10 -35.49 0.35
C GLY A 450 14.18 -36.68 0.09
N ASN A 451 14.65 -37.85 0.54
CA ASN A 451 13.90 -39.11 0.46
C ASN A 451 13.46 -39.39 -0.98
N THR A 452 14.27 -38.96 -1.94
CA THR A 452 13.94 -39.10 -3.36
C THR A 452 15.04 -39.89 -4.05
N LEU A 453 16.04 -39.23 -4.64
CA LEU A 453 17.13 -40.00 -5.21
C LEU A 453 18.02 -40.62 -4.14
N ASP A 454 17.90 -40.18 -2.89
CA ASP A 454 18.63 -40.81 -1.80
C ASP A 454 17.91 -42.05 -1.24
N ALA A 455 16.67 -42.30 -1.65
CA ALA A 455 15.96 -43.49 -1.20
C ALA A 455 16.65 -44.75 -1.72
N ASN A 456 16.61 -45.80 -0.91
CA ASN A 456 17.35 -47.02 -1.22
C ASN A 456 16.79 -48.16 -0.39
N GLY A 457 17.18 -49.38 -0.75
CA GLY A 457 16.79 -50.57 -0.01
C GLY A 457 15.95 -51.57 -0.78
N CYS A 458 15.54 -51.30 -2.02
CA CYS A 458 14.76 -52.26 -2.79
C CYS A 458 15.62 -53.23 -3.58
N GLY A 459 16.95 -53.17 -3.43
CA GLY A 459 17.83 -54.07 -4.15
C GLY A 459 18.33 -53.48 -5.45
N THR A 460 19.18 -54.24 -6.12
CA THR A 460 19.71 -53.85 -7.41
C THR A 460 18.77 -54.27 -8.53
N GLY A 461 18.93 -53.64 -9.69
CA GLY A 461 18.21 -54.06 -10.89
C GLY A 461 16.74 -53.74 -10.94
N LYS A 462 16.26 -52.76 -10.16
CA LYS A 462 14.87 -52.32 -10.24
C LYS A 462 14.76 -51.15 -11.20
N PRO A 463 13.55 -50.88 -11.72
CA PRO A 463 13.38 -49.67 -12.53
C PRO A 463 13.74 -48.43 -11.75
N VAL A 464 14.15 -47.39 -12.47
CA VAL A 464 14.58 -46.15 -11.82
C VAL A 464 13.48 -45.61 -10.92
N ALA A 465 12.24 -45.59 -11.41
CA ALA A 465 11.13 -45.03 -10.63
C ALA A 465 10.91 -45.79 -9.34
N THR A 466 11.28 -47.07 -9.29
CA THR A 466 11.13 -47.85 -8.07
C THR A 466 11.98 -47.28 -6.95
N TYR A 467 13.21 -46.87 -7.26
CA TYR A 467 14.05 -46.23 -6.25
C TYR A 467 13.47 -44.87 -5.85
N GLU A 468 13.12 -44.05 -6.83
CA GLU A 468 12.77 -42.65 -6.56
C GLU A 468 11.49 -42.53 -5.73
N THR A 469 10.56 -43.47 -5.86
CA THR A 469 9.33 -43.47 -5.09
C THR A 469 9.34 -44.44 -3.92
N PHE A 470 10.49 -45.03 -3.59
CA PHE A 470 10.52 -46.09 -2.59
C PHE A 470 10.21 -45.58 -1.18
N TRP A 471 10.50 -44.31 -0.88
CA TRP A 471 10.23 -43.76 0.45
C TRP A 471 9.06 -42.79 0.45
N GLY A 472 8.13 -42.95 -0.49
CA GLY A 472 6.90 -42.19 -0.47
C GLY A 472 6.92 -40.89 -1.24
N GLN A 473 8.04 -40.52 -1.86
CA GLN A 473 7.96 -39.25 -2.57
C GLN A 473 7.54 -39.49 -4.03
N PRO A 474 6.86 -38.52 -4.64
CA PRO A 474 6.53 -38.63 -6.06
C PRO A 474 7.77 -38.40 -6.92
N GLU A 475 7.72 -38.92 -8.15
CA GLU A 475 8.79 -38.68 -9.11
C GLU A 475 8.95 -37.18 -9.36
N THR A 476 10.19 -36.71 -9.33
CA THR A 476 10.48 -35.30 -9.50
C THR A 476 10.15 -34.86 -10.93
N THR A 477 9.65 -33.63 -11.05
CA THR A 477 9.28 -33.04 -12.34
C THR A 477 9.87 -31.66 -12.48
N GLN A 478 9.80 -31.13 -13.70
CA GLN A 478 10.26 -29.78 -13.98
C GLN A 478 9.50 -28.75 -13.16
N ASP A 479 8.19 -28.94 -13.02
CA ASP A 479 7.35 -27.97 -12.32
C ASP A 479 7.75 -27.80 -10.87
N MET A 480 8.33 -28.84 -10.25
CA MET A 480 8.76 -28.72 -8.86
C MET A 480 9.89 -27.71 -8.73
N MET A 481 10.88 -27.79 -9.62
CA MET A 481 11.99 -26.84 -9.55
C MET A 481 11.55 -25.43 -9.95
N THR A 482 10.66 -25.32 -10.93
CA THR A 482 10.15 -24.00 -11.29
C THR A 482 9.41 -23.37 -10.11
N PHE A 483 8.67 -24.19 -9.36
CA PHE A 483 7.94 -23.69 -8.20
C PHE A 483 8.88 -23.10 -7.16
N LEU A 484 10.06 -23.72 -6.94
CA LEU A 484 11.00 -23.19 -5.98
C LEU A 484 11.50 -21.81 -6.39
N MET A 485 11.92 -21.66 -7.65
CA MET A 485 12.43 -20.38 -8.12
C MET A 485 11.34 -19.32 -8.07
N GLN A 486 10.11 -19.69 -8.45
CA GLN A 486 8.98 -18.78 -8.44
C GLN A 486 8.61 -18.33 -7.04
N ASN A 487 9.03 -19.06 -6.01
CA ASN A 487 8.58 -18.77 -4.66
C ASN A 487 9.75 -18.40 -3.74
N GLY A 488 10.83 -17.88 -4.30
CA GLY A 488 11.83 -17.21 -3.51
C GLY A 488 12.98 -18.07 -3.02
N PHE A 489 13.10 -19.29 -3.53
CA PHE A 489 14.26 -20.13 -3.24
C PHE A 489 15.22 -20.09 -4.42
N ASN A 490 16.52 -20.20 -4.13
CA ASN A 490 17.51 -20.09 -5.20
C ASN A 490 18.46 -21.27 -5.26
N ALA A 491 18.33 -22.24 -4.37
CA ALA A 491 19.23 -23.38 -4.36
C ALA A 491 18.48 -24.62 -3.91
N VAL A 492 18.80 -25.75 -4.52
CA VAL A 492 18.24 -27.03 -4.11
C VAL A 492 19.37 -28.03 -3.94
N ARG A 493 19.30 -28.81 -2.87
CA ARG A 493 20.25 -29.88 -2.64
C ARG A 493 19.59 -31.18 -3.09
N ILE A 494 20.29 -31.93 -3.94
CA ILE A 494 19.76 -33.17 -4.51
C ILE A 494 20.56 -34.35 -3.94
N PRO A 495 20.15 -34.91 -2.80
CA PRO A 495 20.84 -36.10 -2.28
C PRO A 495 20.66 -37.29 -3.21
N VAL A 496 21.76 -38.02 -3.43
CA VAL A 496 21.75 -39.24 -4.25
C VAL A 496 22.47 -40.35 -3.50
N THR A 497 21.84 -41.53 -3.46
CA THR A 497 22.47 -42.74 -2.93
C THR A 497 22.80 -43.64 -4.12
N TRP A 498 24.04 -44.13 -4.18
CA TRP A 498 24.54 -44.76 -5.39
C TRP A 498 24.75 -46.26 -5.30
N TYR A 499 24.92 -46.84 -4.11
CA TYR A 499 25.46 -48.20 -4.04
C TYR A 499 24.57 -49.22 -4.73
N GLU A 500 23.26 -48.99 -4.80
CA GLU A 500 22.42 -49.98 -5.47
C GLU A 500 22.48 -49.90 -6.99
N HIS A 501 23.10 -48.85 -7.55
CA HIS A 501 23.20 -48.68 -8.99
C HIS A 501 24.61 -48.89 -9.50
N MET A 502 25.47 -49.50 -8.68
CA MET A 502 26.86 -49.77 -9.02
C MET A 502 27.04 -51.28 -9.19
N ASP A 503 27.66 -51.69 -10.29
CA ASP A 503 27.93 -53.11 -10.48
C ASP A 503 29.15 -53.51 -9.66
N ALA A 504 29.60 -54.75 -9.82
CA ALA A 504 30.68 -55.26 -8.99
C ALA A 504 31.97 -54.48 -9.23
N GLU A 505 32.20 -54.00 -10.45
CA GLU A 505 33.39 -53.22 -10.78
C GLU A 505 33.21 -51.74 -10.50
N GLY A 506 32.10 -51.34 -9.89
CA GLY A 506 31.89 -49.95 -9.53
C GLY A 506 31.29 -49.06 -10.61
N ASN A 507 30.84 -49.63 -11.72
CA ASN A 507 30.25 -48.83 -12.78
CA ASN A 507 30.25 -48.84 -12.79
C ASN A 507 28.80 -48.49 -12.44
N VAL A 508 28.45 -47.21 -12.59
CA VAL A 508 27.11 -46.75 -12.27
C VAL A 508 26.17 -47.07 -13.43
N ASP A 509 24.99 -47.62 -13.11
CA ASP A 509 24.02 -47.96 -14.13
C ASP A 509 23.62 -46.71 -14.93
N GLU A 510 23.59 -46.87 -16.25
CA GLU A 510 23.39 -45.71 -17.14
C GLU A 510 22.01 -45.10 -16.96
N ALA A 511 20.97 -45.92 -16.81
CA ALA A 511 19.62 -45.38 -16.62
C ALA A 511 19.55 -44.52 -15.37
N TRP A 512 20.23 -44.95 -14.29
CA TRP A 512 20.23 -44.15 -13.07
C TRP A 512 20.97 -42.84 -13.27
N MET A 513 22.17 -42.90 -13.87
CA MET A 513 22.92 -41.68 -14.09
C MET A 513 22.15 -40.71 -14.97
N MET A 514 21.43 -41.24 -15.98
CA MET A 514 20.60 -40.38 -16.82
C MET A 514 19.50 -39.71 -16.01
N ARG A 515 18.92 -40.41 -15.03
CA ARG A 515 17.86 -39.81 -14.23
C ARG A 515 18.41 -38.70 -13.34
N VAL A 516 19.59 -38.93 -12.74
CA VAL A 516 20.25 -37.87 -11.99
C VAL A 516 20.48 -36.65 -12.87
N LYS A 517 20.96 -36.88 -14.11
CA LYS A 517 21.17 -35.80 -15.05
C LYS A 517 19.86 -35.06 -15.35
N ALA A 518 18.77 -35.81 -15.52
CA ALA A 518 17.49 -35.19 -15.86
C ALA A 518 17.03 -34.26 -14.75
N ILE A 519 17.22 -34.66 -13.49
CA ILE A 519 16.75 -33.82 -12.37
C ILE A 519 17.66 -32.62 -12.18
N VAL A 520 18.97 -32.79 -12.39
CA VAL A 520 19.88 -31.65 -12.43
C VAL A 520 19.43 -30.65 -13.49
N GLU A 521 18.99 -31.15 -14.65
CA GLU A 521 18.53 -30.27 -15.72
C GLU A 521 17.24 -29.54 -15.34
N TYR A 522 16.32 -30.20 -14.61
CA TYR A 522 15.17 -29.47 -14.09
C TYR A 522 15.62 -28.23 -13.33
N ALA A 523 16.56 -28.41 -12.40
CA ALA A 523 17.07 -27.32 -11.57
C ALA A 523 17.81 -26.27 -12.40
N MET A 524 18.63 -26.71 -13.37
CA MET A 524 19.37 -25.74 -14.20
C MET A 524 18.41 -24.88 -15.02
N ASN A 525 17.42 -25.51 -15.67
CA ASN A 525 16.43 -24.74 -16.43
C ASN A 525 15.68 -23.77 -15.54
N ALA A 526 15.39 -24.17 -14.31
CA ALA A 526 14.67 -23.27 -13.43
C ALA A 526 15.52 -22.10 -12.96
N GLY A 527 16.83 -22.11 -13.22
CA GLY A 527 17.69 -21.03 -12.79
C GLY A 527 18.24 -21.17 -11.40
N LEU A 528 18.09 -22.34 -10.77
CA LEU A 528 18.56 -22.59 -9.43
C LEU A 528 20.01 -23.04 -9.40
N TYR A 529 20.63 -22.87 -8.23
CA TYR A 529 21.80 -23.63 -7.88
C TYR A 529 21.36 -25.04 -7.46
N ALA A 530 22.18 -26.03 -7.79
CA ALA A 530 21.90 -27.41 -7.42
C ALA A 530 23.15 -28.06 -6.83
N ILE A 531 22.94 -28.87 -5.79
CA ILE A 531 24.00 -29.65 -5.17
C ILE A 531 23.68 -31.12 -5.37
N VAL A 532 24.64 -31.87 -5.90
CA VAL A 532 24.53 -33.32 -6.06
C VAL A 532 25.58 -33.97 -5.17
N ASN A 533 25.18 -34.95 -4.39
CA ASN A 533 26.11 -35.51 -3.43
C ASN A 533 26.17 -37.04 -3.46
N VAL A 534 26.85 -37.61 -2.47
CA VAL A 534 26.86 -39.04 -2.21
C VAL A 534 26.28 -39.18 -0.80
N HIS A 535 25.10 -39.82 -0.68
CA HIS A 535 24.28 -39.65 0.52
C HIS A 535 24.32 -40.90 1.37
N HIS A 536 23.36 -41.83 1.22
CA HIS A 536 23.29 -42.97 2.13
C HIS A 536 24.33 -44.04 1.84
N ASP A 537 25.33 -43.73 1.02
CA ASP A 537 26.56 -44.51 0.97
C ASP A 537 27.44 -44.25 2.18
N THR A 538 27.10 -43.24 2.98
CA THR A 538 27.71 -42.95 4.27
C THR A 538 26.68 -43.15 5.38
N ALA A 539 27.17 -43.07 6.63
CA ALA A 539 26.38 -43.04 7.85
C ALA A 539 25.93 -44.43 8.30
N ALA A 540 24.78 -44.51 8.97
CA ALA A 540 24.44 -45.68 9.78
C ALA A 540 23.64 -46.73 9.05
N GLY A 541 23.28 -46.51 7.80
CA GLY A 541 22.46 -47.48 7.09
C GLY A 541 23.19 -48.77 6.74
N SER A 542 22.41 -49.71 6.22
CA SER A 542 22.92 -51.06 5.94
C SER A 542 23.79 -51.12 4.68
N GLY A 543 23.53 -50.27 3.69
CA GLY A 543 24.33 -50.25 2.49
C GLY A 543 25.51 -49.31 2.52
N ALA A 544 25.70 -48.56 3.60
CA ALA A 544 26.79 -47.60 3.66
C ALA A 544 28.13 -48.31 3.57
N TRP A 545 29.05 -47.72 2.79
CA TRP A 545 30.36 -48.30 2.56
C TRP A 545 31.49 -47.29 2.65
N ILE A 546 31.20 -45.99 2.72
CA ILE A 546 32.20 -44.95 2.90
C ILE A 546 32.25 -44.63 4.38
N LYS A 547 33.38 -44.93 5.03
CA LYS A 547 33.45 -44.79 6.48
C LYS A 547 34.79 -44.19 6.91
N ALA A 548 34.73 -43.35 7.94
CA ALA A 548 35.91 -42.70 8.52
C ALA A 548 36.69 -43.73 9.35
N ASP A 549 37.49 -44.53 8.65
CA ASP A 549 38.16 -45.67 9.26
C ASP A 549 39.33 -46.06 8.36
N THR A 550 40.50 -46.27 8.96
CA THR A 550 41.72 -46.47 8.17
C THR A 550 41.58 -47.65 7.23
N ASP A 551 41.01 -48.76 7.70
CA ASP A 551 40.90 -49.95 6.86
C ASP A 551 39.81 -49.80 5.79
N VAL A 552 38.62 -49.34 6.19
CA VAL A 552 37.56 -49.10 5.21
C VAL A 552 38.04 -48.17 4.11
N TYR A 553 38.81 -47.14 4.48
CA TYR A 553 39.31 -46.21 3.48
C TYR A 553 40.26 -46.89 2.51
N ALA A 554 41.19 -47.71 3.03
CA ALA A 554 42.11 -48.42 2.15
C ALA A 554 41.36 -49.37 1.22
N ALA A 555 40.27 -49.98 1.68
CA ALA A 555 39.54 -50.93 0.87
C ALA A 555 38.62 -50.26 -0.16
N THR A 556 38.21 -49.02 0.06
CA THR A 556 37.19 -48.38 -0.77
C THR A 556 37.69 -47.14 -1.51
N LYS A 557 38.94 -46.73 -1.31
CA LYS A 557 39.41 -45.46 -1.88
C LYS A 557 39.30 -45.45 -3.40
N GLU A 558 39.57 -46.58 -4.05
CA GLU A 558 39.55 -46.61 -5.50
C GLU A 558 38.12 -46.64 -6.03
N LYS A 559 37.24 -47.40 -5.37
CA LYS A 559 35.82 -47.36 -5.73
C LYS A 559 35.24 -45.96 -5.55
N PHE A 560 35.62 -45.28 -4.46
CA PHE A 560 35.15 -43.92 -4.21
C PHE A 560 35.61 -42.96 -5.30
N LYS A 561 36.89 -43.05 -5.69
CA LYS A 561 37.40 -42.20 -6.76
C LYS A 561 36.78 -42.57 -8.09
N LYS A 562 36.57 -43.86 -8.34
CA LYS A 562 35.93 -44.27 -9.59
C LYS A 562 34.49 -43.76 -9.65
N LEU A 563 33.80 -43.75 -8.51
CA LEU A 563 32.44 -43.21 -8.48
C LEU A 563 32.44 -41.74 -8.86
N TRP A 564 33.34 -40.94 -8.27
CA TRP A 564 33.29 -39.50 -8.52
C TRP A 564 33.80 -39.16 -9.91
N THR A 565 34.72 -39.96 -10.46
CA THR A 565 35.10 -39.75 -11.85
C THR A 565 33.88 -39.90 -12.76
N GLN A 566 33.05 -40.92 -12.51
CA GLN A 566 31.85 -41.13 -13.33
C GLN A 566 30.87 -39.98 -13.16
N ILE A 567 30.61 -39.57 -11.91
CA ILE A 567 29.66 -38.49 -11.65
C ILE A 567 30.13 -37.22 -12.33
N ALA A 568 31.42 -36.90 -12.16
CA ALA A 568 31.95 -35.65 -12.69
C ALA A 568 31.96 -35.66 -14.21
N ASN A 569 32.31 -36.79 -14.82
CA ASN A 569 32.29 -36.87 -16.27
C ASN A 569 30.87 -36.76 -16.81
N ALA A 570 29.89 -37.34 -16.11
CA ALA A 570 28.52 -37.30 -16.61
C ALA A 570 27.89 -35.92 -16.47
N LEU A 571 28.30 -35.16 -15.46
CA LEU A 571 27.72 -33.84 -15.17
C LEU A 571 28.64 -32.69 -15.58
N ALA A 572 29.68 -32.97 -16.37
CA ALA A 572 30.73 -31.99 -16.63
C ALA A 572 30.23 -30.76 -17.36
N ASP A 573 29.18 -30.90 -18.17
CA ASP A 573 28.79 -29.84 -19.09
C ASP A 573 27.83 -28.82 -18.48
N TYR A 574 27.28 -29.09 -17.30
CA TYR A 574 26.42 -28.11 -16.64
C TYR A 574 27.27 -26.96 -16.09
N ASP A 575 26.66 -25.77 -16.03
CA ASP A 575 27.44 -24.58 -15.74
C ASP A 575 27.71 -24.46 -14.24
N GLN A 576 28.25 -23.31 -13.82
CA GLN A 576 28.69 -23.11 -12.44
C GLN A 576 27.56 -23.19 -11.41
N HIS A 577 26.29 -23.25 -11.84
CA HIS A 577 25.23 -23.37 -10.85
C HIS A 577 25.14 -24.76 -10.24
N LEU A 578 25.84 -25.74 -10.81
CA LEU A 578 25.85 -27.09 -10.29
C LEU A 578 27.10 -27.29 -9.43
N LEU A 579 26.89 -27.78 -8.21
CA LEU A 579 27.96 -28.04 -7.26
C LEU A 579 27.99 -29.53 -6.91
N PHE A 580 29.19 -30.03 -6.61
CA PHE A 580 29.37 -31.40 -6.14
C PHE A 580 29.66 -31.40 -4.64
N GLU A 581 29.05 -32.34 -3.92
CA GLU A 581 29.32 -32.54 -2.50
C GLU A 581 29.81 -33.98 -2.31
N GLY A 582 31.06 -34.12 -1.86
CA GLY A 582 31.73 -35.41 -1.91
C GLY A 582 31.08 -36.52 -1.11
N TYR A 583 30.49 -36.21 0.04
CA TYR A 583 29.90 -37.24 0.91
C TYR A 583 28.99 -36.54 1.91
N ASN A 584 28.05 -37.30 2.49
CA ASN A 584 27.03 -36.71 3.35
C ASN A 584 27.44 -36.67 4.83
N GLU A 585 27.19 -37.75 5.57
CA GLU A 585 27.46 -37.81 7.02
C GLU A 585 28.32 -39.03 7.27
N MET A 586 29.62 -38.87 7.16
CA MET A 586 30.53 -40.01 7.28
C MET A 586 30.83 -40.26 8.74
N LEU A 587 30.70 -41.53 9.16
CA LEU A 587 30.97 -41.98 10.51
C LEU A 587 32.06 -43.03 10.48
N ASP A 588 32.62 -43.33 11.66
CA ASP A 588 33.61 -44.40 11.75
C ASP A 588 32.92 -45.76 11.69
N GLY A 589 33.72 -46.82 11.82
CA GLY A 589 33.23 -48.18 11.69
C GLY A 589 32.19 -48.60 12.72
N ASN A 590 32.04 -47.84 13.80
CA ASN A 590 31.04 -48.12 14.82
C ASN A 590 29.87 -47.15 14.79
N ASN A 591 29.74 -46.37 13.71
CA ASN A 591 28.67 -45.38 13.55
C ASN A 591 28.63 -44.39 14.72
N SER A 592 29.80 -43.96 15.19
CA SER A 592 29.85 -43.01 16.30
C SER A 592 29.45 -41.62 15.81
N TRP A 593 28.43 -41.03 16.43
CA TRP A 593 27.81 -39.84 15.88
C TRP A 593 28.49 -38.54 16.29
N ASP A 594 28.94 -38.42 17.54
CA ASP A 594 29.50 -37.14 17.94
C ASP A 594 30.93 -36.98 17.46
N GLU A 595 31.77 -37.98 17.67
CA GLU A 595 33.17 -37.95 17.28
C GLU A 595 33.59 -39.37 16.90
N PRO A 596 34.62 -39.51 16.08
CA PRO A 596 35.20 -40.84 15.87
C PRO A 596 35.81 -41.35 17.16
N GLN A 597 35.79 -42.66 17.33
CA GLN A 597 36.40 -43.26 18.52
C GLN A 597 37.91 -43.00 18.54
N LYS A 598 38.54 -42.99 17.37
CA LYS A 598 39.98 -42.83 17.26
C LYS A 598 40.27 -41.69 16.30
N ALA A 599 41.33 -40.93 16.62
CA ALA A 599 41.69 -39.77 15.80
C ALA A 599 42.02 -40.15 14.37
N SER A 600 42.43 -41.40 14.12
CA SER A 600 42.66 -41.83 12.76
C SER A 600 41.41 -41.76 11.90
N GLY A 601 40.23 -41.67 12.54
CA GLY A 601 39.00 -41.45 11.78
C GLY A 601 38.96 -40.10 11.09
N TYR A 602 39.48 -39.06 11.76
CA TYR A 602 39.61 -37.76 11.11
C TYR A 602 40.59 -37.83 9.94
N GLU A 603 41.66 -38.61 10.10
CA GLU A 603 42.63 -38.76 9.03
C GLU A 603 42.01 -39.43 7.82
N ALA A 604 41.19 -40.45 8.04
CA ALA A 604 40.49 -41.10 6.93
C ALA A 604 39.52 -40.13 6.27
N LEU A 605 38.79 -39.38 7.05
CA LEU A 605 37.84 -38.41 6.53
C LEU A 605 38.53 -37.39 5.67
N ASN A 606 39.61 -36.83 6.16
CA ASN A 606 40.35 -35.83 5.39
C ASN A 606 40.92 -36.44 4.11
N ASN A 607 41.22 -37.74 4.10
CA ASN A 607 41.77 -38.36 2.90
C ASN A 607 40.71 -38.57 1.83
N TYR A 608 39.53 -39.07 2.24
CA TYR A 608 38.38 -39.12 1.32
C TYR A 608 38.11 -37.75 0.70
N ALA A 609 38.10 -36.72 1.54
CA ALA A 609 37.83 -35.36 1.07
C ALA A 609 38.87 -34.92 0.04
N GLN A 610 40.14 -35.27 0.24
CA GLN A 610 41.17 -34.94 -0.73
C GLN A 610 41.00 -35.76 -2.01
N ASP A 611 40.65 -37.04 -1.88
CA ASP A 611 40.43 -37.88 -3.06
C ASP A 611 39.24 -37.39 -3.88
N PHE A 612 38.22 -36.87 -3.21
CA PHE A 612 37.05 -36.36 -3.93
C PHE A 612 37.45 -35.15 -4.78
N VAL A 613 38.19 -34.21 -4.20
CA VAL A 613 38.63 -33.03 -4.95
C VAL A 613 39.56 -33.44 -6.08
N ASP A 614 40.54 -34.31 -5.78
CA ASP A 614 41.48 -34.75 -6.81
C ASP A 614 40.76 -35.46 -7.96
N ALA A 615 39.76 -36.29 -7.65
CA ALA A 615 39.03 -37.01 -8.69
C ALA A 615 38.27 -36.04 -9.59
N VAL A 616 37.61 -35.05 -8.99
CA VAL A 616 36.81 -34.12 -9.78
C VAL A 616 37.70 -33.21 -10.62
N ARG A 617 38.69 -32.57 -9.97
CA ARG A 617 39.60 -31.69 -10.71
C ARG A 617 40.24 -32.42 -11.89
N ALA A 618 40.59 -33.70 -11.70
CA ALA A 618 41.29 -34.45 -12.75
C ALA A 618 40.46 -34.62 -14.02
N THR A 619 39.13 -34.48 -13.95
CA THR A 619 38.35 -34.61 -15.17
C THR A 619 38.41 -33.37 -16.05
N GLY A 620 38.98 -32.26 -15.55
CA GLY A 620 39.19 -31.07 -16.35
C GLY A 620 37.90 -30.39 -16.80
N GLY A 621 38.05 -29.49 -17.77
CA GLY A 621 36.90 -28.77 -18.29
C GLY A 621 36.29 -27.86 -17.24
N ASN A 622 34.96 -27.84 -17.19
CA ASN A 622 34.26 -27.05 -16.17
C ASN A 622 34.65 -27.50 -14.77
N ASN A 623 34.92 -28.80 -14.61
CA ASN A 623 35.21 -29.35 -13.29
C ASN A 623 36.55 -28.89 -12.73
N ALA A 624 37.38 -28.24 -13.54
CA ALA A 624 38.62 -27.67 -13.03
C ALA A 624 38.35 -26.55 -12.03
N THR A 625 37.24 -25.83 -12.19
CA THR A 625 36.95 -24.69 -11.32
C THR A 625 35.59 -24.78 -10.65
N ARG A 626 34.84 -25.86 -10.83
CA ARG A 626 33.52 -25.97 -10.23
C ARG A 626 33.64 -25.93 -8.70
N ASN A 627 32.68 -25.25 -8.06
CA ASN A 627 32.67 -25.20 -6.60
C ASN A 627 32.28 -26.55 -6.02
N LEU A 628 33.09 -27.05 -5.09
CA LEU A 628 32.87 -28.33 -4.45
C LEU A 628 32.68 -28.16 -2.95
N ILE A 629 31.94 -29.11 -2.36
CA ILE A 629 31.52 -29.02 -0.97
C ILE A 629 32.05 -30.23 -0.21
N VAL A 630 32.73 -29.99 0.91
CA VAL A 630 33.28 -31.03 1.75
CA VAL A 630 33.30 -31.02 1.76
C VAL A 630 32.63 -30.94 3.12
N ASN A 631 32.29 -32.10 3.68
CA ASN A 631 31.56 -32.17 4.94
C ASN A 631 32.49 -32.55 6.09
N THR A 632 32.19 -32.01 7.28
CA THR A 632 32.90 -32.42 8.48
C THR A 632 32.46 -33.82 8.89
N TYR A 633 33.13 -34.38 9.90
CA TYR A 633 32.74 -35.67 10.46
C TYR A 633 31.31 -35.62 10.96
N ALA A 634 30.48 -36.56 10.51
CA ALA A 634 29.06 -36.63 10.85
C ALA A 634 28.31 -35.34 10.48
N ALA A 635 28.92 -34.49 9.65
CA ALA A 635 28.41 -33.13 9.42
C ALA A 635 28.21 -32.40 10.74
N ALA A 636 29.01 -32.75 11.74
CA ALA A 636 28.88 -32.20 13.08
C ALA A 636 29.70 -30.90 13.22
N LYS A 637 29.49 -30.22 14.34
CA LYS A 637 30.02 -28.87 14.56
C LYS A 637 30.75 -28.74 15.89
N GLY A 638 30.96 -29.84 16.62
CA GLY A 638 31.62 -29.77 17.90
C GLY A 638 33.07 -29.31 17.80
N GLU A 639 33.64 -29.03 18.97
CA GLU A 639 34.98 -28.46 19.05
C GLU A 639 36.03 -29.40 18.46
N ASN A 640 36.00 -30.68 18.83
CA ASN A 640 37.00 -31.62 18.33
C ASN A 640 36.86 -31.85 16.82
N VAL A 641 35.61 -31.97 16.34
CA VAL A 641 35.38 -32.22 14.92
C VAL A 641 35.91 -31.08 14.08
N LEU A 642 35.58 -29.84 14.47
CA LEU A 642 36.10 -28.67 13.76
C LEU A 642 37.61 -28.59 13.88
N ASN A 643 38.15 -28.91 15.05
CA ASN A 643 39.59 -28.81 15.27
CA ASN A 643 39.59 -28.83 15.28
C ASN A 643 40.35 -29.77 14.36
N ASN A 644 39.80 -30.95 14.11
CA ASN A 644 40.49 -31.99 13.36
C ASN A 644 40.07 -32.03 11.90
N PHE A 645 39.28 -31.06 11.46
CA PHE A 645 38.91 -30.98 10.06
C PHE A 645 40.00 -30.24 9.28
N MET A 646 40.51 -30.88 8.23
CA MET A 646 41.52 -30.28 7.37
C MET A 646 40.93 -30.13 5.97
N LEU A 647 40.80 -28.88 5.52
CA LEU A 647 40.28 -28.64 4.18
C LEU A 647 41.24 -29.25 3.16
N PRO A 648 40.72 -29.89 2.12
CA PRO A 648 41.61 -30.48 1.10
C PRO A 648 42.41 -29.41 0.38
N THR A 649 43.56 -29.82 -0.12
CA THR A 649 44.35 -28.93 -0.96
C THR A 649 43.76 -28.92 -2.36
N ASP A 650 43.41 -27.73 -2.84
CA ASP A 650 42.85 -27.56 -4.18
C ASP A 650 43.93 -27.04 -5.12
N ALA A 651 43.69 -27.22 -6.41
CA ALA A 651 44.55 -26.65 -7.44
C ALA A 651 44.16 -25.24 -7.83
N VAL A 652 43.00 -24.76 -7.37
CA VAL A 652 42.47 -23.45 -7.73
C VAL A 652 42.11 -22.71 -6.45
N ASN A 653 41.99 -21.40 -6.56
CA ASN A 653 41.67 -20.56 -5.41
C ASN A 653 40.16 -20.38 -5.28
N ASN A 654 39.67 -20.53 -4.05
CA ASN A 654 38.33 -20.06 -3.66
C ASN A 654 37.21 -20.82 -4.36
N HIS A 655 37.33 -22.15 -4.37
CA HIS A 655 36.29 -22.98 -4.94
C HIS A 655 35.93 -24.15 -4.03
N LEU A 656 36.04 -23.96 -2.72
CA LEU A 656 35.65 -24.97 -1.74
C LEU A 656 34.70 -24.37 -0.71
N ILE A 657 33.71 -25.16 -0.33
CA ILE A 657 32.72 -24.79 0.68
C ILE A 657 32.66 -25.91 1.71
N VAL A 658 32.55 -25.55 3.00
CA VAL A 658 32.37 -26.52 4.07
C VAL A 658 30.88 -26.63 4.38
N GLN A 659 30.42 -27.84 4.65
CA GLN A 659 29.02 -28.06 5.00
C GLN A 659 28.91 -28.80 6.33
N VAL A 660 27.96 -28.35 7.16
CA VAL A 660 27.56 -29.03 8.38
C VAL A 660 26.03 -29.09 8.40
N HIS A 661 25.50 -29.93 9.29
CA HIS A 661 24.06 -30.02 9.51
C HIS A 661 23.74 -29.56 10.92
N SER A 662 22.51 -29.06 11.10
CA SER A 662 22.08 -28.56 12.41
C SER A 662 20.62 -28.90 12.66
N TYR A 663 20.38 -29.81 13.59
CA TYR A 663 19.04 -30.01 14.12
C TYR A 663 18.96 -29.59 15.59
N ASP A 664 19.79 -28.61 15.97
CA ASP A 664 19.97 -28.17 17.35
C ASP A 664 18.87 -27.21 17.80
N PRO A 665 18.51 -27.22 19.10
CA PRO A 665 18.98 -28.18 20.11
C PRO A 665 18.35 -29.54 19.84
N TRP A 666 19.13 -30.61 19.94
CA TRP A 666 18.68 -31.92 19.51
C TRP A 666 17.37 -32.31 20.18
N ASN A 667 16.41 -32.75 19.37
CA ASN A 667 15.09 -33.19 19.81
C ASN A 667 14.25 -32.06 20.40
N PHE A 668 14.55 -30.80 20.08
CA PHE A 668 13.76 -29.68 20.61
C PHE A 668 12.29 -29.77 20.22
N PHE A 669 11.99 -30.32 19.04
CA PHE A 669 10.60 -30.36 18.59
C PHE A 669 9.75 -31.23 19.51
N ASN A 670 10.35 -32.24 20.14
CA ASN A 670 9.65 -33.07 21.11
C ASN A 670 9.64 -32.47 22.51
N THR A 671 10.72 -31.79 22.91
CA THR A 671 10.91 -31.37 24.30
C THR A 671 10.56 -29.90 24.57
N LYS A 672 10.41 -29.06 23.54
CA LYS A 672 10.18 -27.63 23.74
C LYS A 672 8.82 -27.21 23.20
N THR A 673 8.27 -26.15 23.81
CA THR A 673 6.99 -25.58 23.39
C THR A 673 7.14 -24.31 22.58
N THR A 674 8.19 -23.52 22.81
CA THR A 674 8.48 -22.33 22.05
C THR A 674 9.96 -22.31 21.69
N TRP A 675 10.29 -21.58 20.63
CA TRP A 675 11.69 -21.33 20.27
C TRP A 675 12.19 -20.19 21.15
N ASP A 676 12.86 -20.53 22.25
CA ASP A 676 13.14 -19.58 23.30
C ASP A 676 14.59 -19.09 23.24
N SER A 677 15.07 -18.49 24.34
CA SER A 677 16.43 -17.96 24.39
C SER A 677 17.46 -19.08 24.35
N GLU A 678 17.18 -20.20 25.03
CA GLU A 678 18.09 -21.35 24.96
C GLU A 678 18.24 -21.85 23.53
N CYS A 679 17.14 -21.93 22.79
CA CYS A 679 17.22 -22.33 21.38
C CYS A 679 18.02 -21.31 20.58
N HIS A 680 17.69 -20.03 20.76
CA HIS A 680 18.38 -18.98 20.01
C HIS A 680 19.86 -18.92 20.38
N ASN A 681 20.17 -18.97 21.67
CA ASN A 681 21.57 -18.95 22.10
C ASN A 681 22.34 -20.14 21.54
N THR A 682 21.70 -21.31 21.48
CA THR A 682 22.34 -22.48 20.89
C THR A 682 22.82 -22.19 19.48
N LEU A 683 21.96 -21.59 18.66
CA LEU A 683 22.32 -21.37 17.25
C LEU A 683 23.38 -20.29 17.11
N THR A 684 23.29 -19.21 17.91
CA THR A 684 24.28 -18.15 17.80
C THR A 684 25.68 -18.61 18.19
N GLU A 685 25.83 -19.50 19.19
CA GLU A 685 27.15 -20.05 19.47
C GLU A 685 27.63 -20.96 18.35
N ILE A 686 26.73 -21.71 17.72
CA ILE A 686 27.11 -22.54 16.58
C ILE A 686 27.70 -21.69 15.47
N PHE A 687 26.96 -20.65 15.06
CA PHE A 687 27.46 -19.81 13.99
C PHE A 687 28.74 -19.07 14.41
N SER A 688 28.86 -18.69 15.69
CA SER A 688 30.09 -18.09 16.15
C SER A 688 31.27 -19.06 16.03
N ALA A 689 31.04 -20.33 16.37
CA ALA A 689 32.10 -21.32 16.27
C ALA A 689 32.48 -21.58 14.82
N LEU A 690 31.49 -21.66 13.92
CA LEU A 690 31.80 -21.91 12.52
C LEU A 690 32.53 -20.72 11.89
N SER A 691 32.10 -19.50 12.23
CA SER A 691 32.72 -18.32 11.63
C SER A 691 34.13 -18.12 12.14
N LYS A 692 34.41 -18.55 13.39
CA LYS A 692 35.76 -18.47 13.90
C LYS A 692 36.68 -19.47 13.20
N LYS A 693 36.20 -20.70 12.99
CA LYS A 693 37.02 -21.72 12.34
C LYS A 693 37.21 -21.42 10.86
N PHE A 694 36.17 -20.96 10.17
CA PHE A 694 36.22 -20.72 8.73
C PHE A 694 36.01 -19.23 8.45
N THR A 695 36.95 -18.64 7.71
CA THR A 695 36.96 -17.20 7.50
C THR A 695 36.77 -16.84 6.03
N THR A 696 37.82 -16.97 5.22
CA THR A 696 37.63 -16.84 3.78
C THR A 696 36.87 -18.03 3.22
N ILE A 697 36.94 -19.18 3.88
CA ILE A 697 36.23 -20.38 3.46
C ILE A 697 34.77 -20.23 3.86
N PRO A 698 33.84 -20.13 2.92
CA PRO A 698 32.42 -20.09 3.28
C PRO A 698 31.94 -21.46 3.71
N TYR A 699 30.94 -21.46 4.58
CA TYR A 699 30.29 -22.68 5.03
C TYR A 699 28.79 -22.54 4.87
N ILE A 700 28.11 -23.68 4.79
CA ILE A 700 26.66 -23.71 4.66
C ILE A 700 26.08 -24.68 5.68
N ILE A 701 24.82 -24.45 6.05
CA ILE A 701 24.04 -25.41 6.80
C ILE A 701 23.31 -26.27 5.77
N GLY A 702 23.86 -27.43 5.45
CA GLY A 702 23.32 -28.25 4.38
C GLY A 702 21.98 -28.89 4.71
N GLU A 703 21.69 -29.06 6.00
CA GLU A 703 20.41 -29.62 6.44
C GLU A 703 20.02 -28.97 7.76
N TYR A 704 18.75 -28.61 7.89
CA TYR A 704 18.21 -28.23 9.18
C TYR A 704 16.70 -28.50 9.14
N GLY A 705 16.12 -28.64 10.33
CA GLY A 705 14.69 -28.88 10.46
C GLY A 705 14.36 -29.29 11.88
N THR A 706 13.11 -29.73 12.05
CA THR A 706 12.59 -30.12 13.35
C THR A 706 12.85 -31.60 13.68
N HIS A 707 13.51 -32.32 12.78
CA HIS A 707 13.66 -33.77 12.92
C HIS A 707 14.48 -34.10 14.17
N GLY A 708 13.90 -34.91 15.06
CA GLY A 708 14.53 -35.32 16.30
C GLY A 708 14.57 -36.83 16.40
N GLU A 709 14.38 -37.32 17.62
CA GLU A 709 14.39 -38.76 17.86
C GLU A 709 13.23 -39.42 17.14
N SER A 710 13.39 -40.72 16.87
CA SER A 710 12.36 -41.51 16.19
C SER A 710 12.04 -40.97 14.81
N ASP A 711 12.93 -40.10 14.30
CA ASP A 711 12.66 -39.08 13.28
C ASP A 711 11.23 -38.56 13.27
N ILE A 712 10.82 -38.00 14.41
CA ILE A 712 9.57 -37.29 14.56
C ILE A 712 9.81 -35.84 14.18
N SER A 713 8.87 -35.22 13.47
CA SER A 713 9.09 -33.89 12.93
C SER A 713 7.74 -33.22 12.68
N VAL A 714 7.79 -31.96 12.25
CA VAL A 714 6.58 -31.20 11.97
C VAL A 714 5.95 -31.68 10.68
N SER A 715 4.63 -31.62 10.62
CA SER A 715 3.89 -31.83 9.38
C SER A 715 2.70 -30.89 9.39
N LYS A 716 1.99 -30.85 8.25
CA LYS A 716 0.83 -29.96 8.15
C LYS A 716 -0.27 -30.34 9.14
N SER A 717 -0.23 -31.56 9.68
CA SER A 717 -1.20 -31.98 10.67
C SER A 717 -0.71 -31.75 12.09
N SER A 718 0.48 -31.18 12.27
CA SER A 718 0.94 -30.84 13.60
C SER A 718 0.08 -29.74 14.20
N PRO A 719 -0.02 -29.67 15.52
CA PRO A 719 -0.70 -28.53 16.16
C PRO A 719 -0.08 -27.21 15.73
N ALA A 720 -0.93 -26.17 15.65
CA ALA A 720 -0.48 -24.87 15.16
C ALA A 720 0.67 -24.31 15.99
N GLU A 721 0.71 -24.58 17.30
CA GLU A 721 1.80 -24.06 18.12
C GLU A 721 3.12 -24.77 17.81
N LYS A 722 3.06 -26.03 17.36
CA LYS A 722 4.26 -26.72 16.92
C LYS A 722 4.73 -26.22 15.57
N ILE A 723 3.78 -25.88 14.69
CA ILE A 723 4.15 -25.25 13.42
C ILE A 723 4.82 -23.91 13.70
N LYS A 724 4.30 -23.15 14.66
CA LYS A 724 4.96 -21.91 15.06
C LYS A 724 6.38 -22.18 15.55
N LEU A 725 6.57 -23.24 16.33
CA LEU A 725 7.91 -23.61 16.76
C LEU A 725 8.84 -23.82 15.57
N ALA A 726 8.35 -24.52 14.54
CA ALA A 726 9.16 -24.78 13.35
C ALA A 726 9.42 -23.50 12.57
N ALA A 727 8.42 -22.61 12.50
CA ALA A 727 8.59 -21.34 11.80
C ALA A 727 9.64 -20.49 12.50
N ASP A 728 9.63 -20.48 13.84
CA ASP A 728 10.58 -19.66 14.58
C ASP A 728 12.00 -20.19 14.47
N GLN A 729 12.18 -21.52 14.44
CA GLN A 729 13.50 -22.07 14.17
C GLN A 729 14.00 -21.67 12.79
N ALA A 730 13.16 -21.85 11.77
CA ALA A 730 13.60 -21.57 10.41
C ALA A 730 13.96 -20.10 10.23
N ALA A 731 13.14 -19.20 10.79
CA ALA A 731 13.41 -17.77 10.72
C ALA A 731 14.74 -17.42 11.39
N ASP A 732 15.02 -18.02 12.56
CA ASP A 732 16.29 -17.76 13.23
C ASP A 732 17.47 -18.28 12.40
N MET A 733 17.37 -19.52 11.93
CA MET A 733 18.42 -20.13 11.13
C MET A 733 18.77 -19.27 9.92
N VAL A 734 17.76 -18.82 9.18
CA VAL A 734 18.00 -18.10 7.94
C VAL A 734 18.64 -16.74 8.22
N LYS A 735 18.13 -16.02 9.22
CA LYS A 735 18.67 -14.70 9.53
C LYS A 735 20.11 -14.79 10.02
N LEU A 736 20.38 -15.72 10.94
CA LEU A 736 21.74 -15.90 11.45
C LEU A 736 22.70 -16.24 10.32
N ALA A 737 22.31 -17.19 9.46
CA ALA A 737 23.21 -17.58 8.37
C ALA A 737 23.48 -16.40 7.44
N LYS A 738 22.46 -15.59 7.15
CA LYS A 738 22.65 -14.44 6.27
C LYS A 738 23.67 -13.46 6.86
N ASP A 739 23.51 -13.14 8.14
CA ASP A 739 24.44 -12.21 8.80
C ASP A 739 25.85 -12.76 8.89
N HIS A 740 26.02 -14.09 8.85
CA HIS A 740 27.32 -14.73 8.89
C HIS A 740 27.85 -15.10 7.50
N HIS A 741 27.23 -14.57 6.44
CA HIS A 741 27.64 -14.85 5.05
C HIS A 741 27.63 -16.33 4.75
N SER A 742 26.58 -17.02 5.23
CA SER A 742 26.40 -18.44 4.99
C SER A 742 25.12 -18.66 4.18
N ALA A 743 24.56 -19.87 4.25
CA ALA A 743 23.32 -20.22 3.57
C ALA A 743 22.79 -21.51 4.18
N THR A 744 21.51 -21.80 3.92
CA THR A 744 20.80 -22.89 4.59
C THR A 744 19.92 -23.65 3.61
N PHE A 745 19.74 -24.95 3.88
CA PHE A 745 18.90 -25.82 3.07
C PHE A 745 17.94 -26.58 3.98
N TYR A 746 16.65 -26.30 3.85
CA TYR A 746 15.65 -26.93 4.70
C TYR A 746 15.50 -28.40 4.34
N TRP A 747 15.44 -29.27 5.36
CA TRP A 747 15.26 -30.70 5.12
C TRP A 747 13.77 -31.02 4.98
N MET A 748 13.29 -31.04 3.73
CA MET A 748 12.07 -31.71 3.32
C MET A 748 10.74 -31.08 3.75
N SER A 749 10.58 -30.73 5.03
CA SER A 749 9.23 -30.62 5.59
C SER A 749 8.37 -29.58 4.89
N ILE A 750 8.98 -28.52 4.37
CA ILE A 750 8.18 -27.44 3.79
C ILE A 750 7.61 -27.76 2.43
N PHE A 751 8.06 -28.84 1.76
CA PHE A 751 7.67 -29.09 0.37
C PHE A 751 7.68 -30.61 0.15
N ASP A 752 6.63 -31.27 0.60
CA ASP A 752 6.73 -32.69 0.91
C ASP A 752 5.59 -33.51 0.30
N GLY A 753 5.95 -34.68 -0.22
CA GLY A 753 4.95 -35.67 -0.62
C GLY A 753 4.06 -35.18 -1.75
N SER A 754 2.75 -35.38 -1.57
CA SER A 754 1.78 -34.99 -2.60
C SER A 754 1.73 -33.50 -2.83
N ASP A 755 2.21 -32.67 -1.89
CA ASP A 755 2.26 -31.24 -2.14
C ASP A 755 3.22 -30.90 -3.27
N ARG A 756 4.21 -31.76 -3.52
CA ARG A 756 5.16 -31.50 -4.58
C ARG A 756 4.50 -31.54 -5.96
N ILE A 757 3.48 -32.37 -6.15
CA ILE A 757 2.90 -32.52 -7.49
C ILE A 757 1.79 -31.51 -7.76
N GLN A 758 1.37 -30.71 -6.77
CA GLN A 758 0.36 -29.71 -7.05
C GLN A 758 0.88 -28.66 -8.02
N PRO A 759 2.00 -27.95 -7.74
CA PRO A 759 2.85 -27.88 -6.54
C PRO A 759 2.37 -26.81 -5.56
N GLN A 760 2.67 -26.98 -4.27
CA GLN A 760 2.31 -26.00 -3.27
C GLN A 760 3.12 -26.30 -2.01
N TRP A 761 3.29 -25.28 -1.18
CA TRP A 761 4.03 -25.50 0.07
C TRP A 761 3.24 -26.41 0.99
N SER A 762 3.96 -27.29 1.69
CA SER A 762 3.34 -28.07 2.76
C SER A 762 3.14 -27.24 4.01
N LEU A 763 4.00 -26.24 4.23
CA LEU A 763 4.01 -25.45 5.46
C LEU A 763 4.18 -23.99 5.09
N PRO A 764 3.10 -23.33 4.63
CA PRO A 764 3.25 -21.96 4.12
C PRO A 764 3.72 -20.97 5.17
N THR A 765 3.33 -21.12 6.44
CA THR A 765 3.74 -20.14 7.43
C THR A 765 5.22 -20.28 7.76
N VAL A 766 5.78 -21.48 7.64
CA VAL A 766 7.22 -21.65 7.85
C VAL A 766 8.00 -20.96 6.72
N VAL A 767 7.55 -21.16 5.48
CA VAL A 767 8.21 -20.54 4.33
C VAL A 767 8.11 -19.01 4.43
N GLU A 768 6.94 -18.52 4.82
CA GLU A 768 6.75 -17.07 4.97
C GLU A 768 7.70 -16.51 6.02
N ALA A 769 7.86 -17.22 7.14
CA ALA A 769 8.83 -16.81 8.15
C ALA A 769 10.23 -16.75 7.58
N MET A 770 10.61 -17.74 6.75
CA MET A 770 11.95 -17.75 6.16
C MET A 770 12.13 -16.61 5.17
N GLN A 771 11.11 -16.35 4.33
CA GLN A 771 11.22 -15.27 3.35
C GLN A 771 11.31 -13.92 4.03
N GLU A 772 10.50 -13.70 5.07
CA GLU A 772 10.57 -12.44 5.79
C GLU A 772 11.93 -12.29 6.49
N ALA A 773 12.48 -13.38 7.02
CA ALA A 773 13.80 -13.30 7.67
C ALA A 773 14.89 -12.98 6.66
N TYR A 774 14.84 -13.59 5.47
CA TYR A 774 15.92 -13.38 4.51
C TYR A 774 15.81 -12.02 3.84
N ASN A 775 14.60 -11.61 3.46
CA ASN A 775 14.40 -10.43 2.65
C ASN A 775 14.33 -9.15 3.47
N ASN A 776 14.39 -9.23 4.79
CA ASN A 776 14.34 -8.05 5.63
C ASN A 776 15.73 -7.46 5.84
N GLY B 92 -24.05 6.52 -5.04
CA GLY B 92 -24.33 6.91 -3.68
C GLY B 92 -24.36 8.41 -3.46
N VAL B 93 -23.97 9.15 -4.49
CA VAL B 93 -23.95 10.61 -4.45
C VAL B 93 -25.30 11.13 -4.91
N PHE B 94 -25.96 11.91 -4.05
CA PHE B 94 -27.25 12.51 -4.37
C PHE B 94 -27.26 13.94 -3.83
N LEU B 95 -27.09 14.91 -4.74
CA LEU B 95 -27.14 16.32 -4.41
C LEU B 95 -28.59 16.80 -4.34
N ALA B 96 -28.77 18.07 -3.98
CA ALA B 96 -30.10 18.66 -4.00
C ALA B 96 -30.68 18.67 -5.41
N ASP B 97 -29.84 18.92 -6.41
CA ASP B 97 -30.23 18.81 -7.82
C ASP B 97 -30.09 17.34 -8.22
N ALA B 98 -31.23 16.65 -8.35
CA ALA B 98 -31.23 15.23 -8.68
C ALA B 98 -30.72 14.95 -10.08
N SER B 99 -30.60 15.98 -10.93
CA SER B 99 -30.10 15.83 -12.28
C SER B 99 -28.74 16.49 -12.46
N ALA B 100 -27.96 16.61 -11.38
CA ALA B 100 -26.64 17.20 -11.47
C ALA B 100 -25.75 16.41 -12.41
N ASN B 101 -24.95 17.12 -13.20
CA ASN B 101 -24.05 16.45 -14.14
C ASN B 101 -22.92 15.75 -13.38
N ASP B 102 -22.13 14.98 -14.13
CA ASP B 102 -21.09 14.16 -13.52
C ASP B 102 -20.00 15.02 -12.87
N ALA B 103 -19.75 16.23 -13.38
CA ALA B 103 -18.71 17.07 -12.80
C ALA B 103 -19.16 17.69 -11.48
N ALA B 104 -20.44 18.06 -11.36
CA ALA B 104 -20.95 18.57 -10.09
C ALA B 104 -20.94 17.48 -9.02
N LYS B 105 -21.38 16.28 -9.37
CA LYS B 105 -21.31 15.17 -8.42
C LYS B 105 -19.87 14.86 -8.05
N LYS B 106 -18.96 15.01 -9.00
CA LYS B 106 -17.55 14.77 -8.69
C LYS B 106 -17.02 15.80 -7.70
N LEU B 107 -17.39 17.08 -7.88
CA LEU B 107 -16.95 18.12 -6.97
C LEU B 107 -17.52 17.90 -5.58
N TYR B 108 -18.82 17.58 -5.50
CA TYR B 108 -19.43 17.34 -4.21
C TYR B 108 -18.80 16.14 -3.51
N LYS B 109 -18.53 15.07 -4.26
CA LYS B 109 -17.88 13.91 -3.69
C LYS B 109 -16.50 14.29 -3.14
N TYR B 110 -15.81 15.20 -3.83
CA TYR B 110 -14.52 15.67 -3.33
C TYR B 110 -14.68 16.46 -2.04
N LEU B 111 -15.69 17.34 -1.97
CA LEU B 111 -15.94 18.10 -0.75
C LEU B 111 -16.20 17.16 0.43
N ARG B 112 -17.03 16.14 0.21
CA ARG B 112 -17.27 15.15 1.26
C ARG B 112 -16.00 14.43 1.66
N LEU B 113 -15.04 14.30 0.73
CA LEU B 113 -13.79 13.64 1.06
C LEU B 113 -12.95 14.45 2.03
N VAL B 114 -12.87 15.77 1.83
CA VAL B 114 -12.01 16.60 2.66
C VAL B 114 -12.72 17.14 3.91
N TYR B 115 -14.04 17.03 3.97
CA TYR B 115 -14.79 17.64 5.08
C TYR B 115 -14.37 17.03 6.41
N GLY B 116 -13.99 17.89 7.36
CA GLY B 116 -13.48 17.43 8.62
C GLY B 116 -12.04 16.97 8.59
N ASN B 117 -11.41 16.94 7.42
CA ASN B 117 -10.02 16.53 7.25
C ASN B 117 -9.12 17.73 7.02
N LYS B 118 -9.44 18.55 6.01
CA LYS B 118 -8.74 19.79 5.73
C LYS B 118 -9.77 20.85 5.37
N ILE B 119 -9.32 22.09 5.28
CA ILE B 119 -10.21 23.21 4.97
C ILE B 119 -9.76 23.85 3.67
N LEU B 120 -10.72 24.16 2.79
CA LEU B 120 -10.41 24.76 1.51
C LEU B 120 -10.28 26.27 1.65
N SER B 121 -9.23 26.82 1.07
CA SER B 121 -9.04 28.27 1.13
C SER B 121 -9.86 28.94 0.02
N GLY B 122 -10.23 30.19 0.28
CA GLY B 122 -11.02 30.94 -0.68
C GLY B 122 -10.71 32.42 -0.56
N MET B 123 -11.05 33.15 -1.62
CA MET B 123 -10.91 34.59 -1.62
C MET B 123 -12.01 35.19 -2.47
N MET B 124 -12.55 36.32 -2.02
CA MET B 124 -13.56 37.01 -2.80
C MET B 124 -12.93 37.71 -3.99
N ALA B 125 -13.72 37.86 -5.05
CA ALA B 125 -13.35 38.77 -6.12
C ALA B 125 -13.28 40.18 -5.59
N HIS B 126 -12.42 41.00 -6.19
CA HIS B 126 -12.50 42.43 -5.93
C HIS B 126 -13.80 42.94 -6.54
N VAL B 127 -14.83 43.01 -5.69
CA VAL B 127 -16.19 43.43 -6.02
C VAL B 127 -16.95 42.32 -6.74
N ALA B 128 -16.65 42.05 -8.01
CA ALA B 128 -17.60 41.28 -8.81
C ALA B 128 -17.02 40.14 -9.66
N TRP B 129 -16.26 40.49 -10.70
CA TRP B 129 -16.05 39.59 -11.84
C TRP B 129 -14.55 39.48 -12.15
N ASN B 130 -13.78 38.94 -11.22
CA ASN B 130 -12.33 38.83 -11.40
C ASN B 130 -11.78 37.95 -10.30
N HIS B 131 -10.48 37.71 -10.35
CA HIS B 131 -9.75 37.07 -9.25
C HIS B 131 -8.53 37.90 -8.89
N ASP B 132 -8.73 39.21 -8.82
CA ASP B 132 -7.61 40.10 -8.54
C ASP B 132 -7.09 39.94 -7.12
N GLU B 133 -7.97 39.62 -6.17
CA GLU B 133 -7.50 39.44 -4.80
C GLU B 133 -6.73 38.13 -4.65
N ALA B 134 -7.18 37.07 -5.34
CA ALA B 134 -6.41 35.84 -5.35
C ALA B 134 -5.02 36.05 -5.95
N ASP B 135 -4.93 36.90 -6.98
CA ASP B 135 -3.64 37.19 -7.58
C ASP B 135 -2.70 37.85 -6.59
N LYS B 136 -3.23 38.77 -5.76
CA LYS B 136 -2.40 39.41 -4.74
C LYS B 136 -1.89 38.39 -3.73
N ILE B 137 -2.74 37.42 -3.35
CA ILE B 137 -2.31 36.39 -2.42
C ILE B 137 -1.18 35.56 -3.02
N HIS B 138 -1.30 35.26 -4.32
CA HIS B 138 -0.27 34.47 -5.00
C HIS B 138 1.07 35.20 -5.03
N VAL B 139 1.06 36.51 -5.24
CA VAL B 139 2.32 37.27 -5.27
C VAL B 139 2.96 37.29 -3.88
N LEU B 140 2.14 37.41 -2.83
CA LEU B 140 2.68 37.46 -1.47
C LEU B 140 3.19 36.10 -1.02
N THR B 141 2.42 35.03 -1.26
CA THR B 141 2.74 33.74 -0.69
C THR B 141 3.26 32.72 -1.69
N GLY B 142 3.14 32.98 -2.99
CA GLY B 142 3.45 31.97 -3.98
C GLY B 142 2.37 30.92 -4.18
N LYS B 143 1.21 31.08 -3.53
CA LYS B 143 0.13 30.11 -3.61
C LYS B 143 -1.19 30.83 -3.86
N TYR B 144 -2.08 30.17 -4.65
CA TYR B 144 -3.44 30.66 -4.89
C TYR B 144 -4.40 30.05 -3.87
N PRO B 145 -5.47 30.77 -3.51
CA PRO B 145 -6.57 30.13 -2.78
C PRO B 145 -7.22 29.07 -3.64
N ALA B 146 -7.82 28.06 -2.98
CA ALA B 146 -8.46 26.99 -3.73
C ALA B 146 -9.71 27.50 -4.45
N ILE B 147 -10.47 28.37 -3.81
CA ILE B 147 -11.74 28.85 -4.32
C ILE B 147 -11.63 30.34 -4.58
N ASN B 148 -12.23 30.79 -5.69
CA ASN B 148 -12.43 32.20 -5.96
C ASN B 148 -13.91 32.43 -6.17
N CYS B 149 -14.47 33.41 -5.46
CA CYS B 149 -15.89 33.70 -5.51
C CYS B 149 -16.16 34.91 -6.40
N TYR B 150 -17.22 34.84 -7.20
CA TYR B 150 -17.65 35.93 -8.06
C TYR B 150 -19.06 36.34 -7.69
N ASP B 151 -19.41 37.59 -7.97
CA ASP B 151 -20.69 38.18 -7.55
C ASP B 151 -21.44 38.71 -8.76
N PHE B 152 -22.70 38.31 -8.89
CA PHE B 152 -23.58 38.82 -9.95
C PHE B 152 -24.23 40.14 -9.59
N ILE B 153 -23.64 40.85 -8.62
CA ILE B 153 -24.26 42.05 -8.04
C ILE B 153 -24.68 43.05 -9.11
N HIS B 154 -23.86 43.22 -10.16
CA HIS B 154 -24.10 44.26 -11.15
C HIS B 154 -24.59 43.70 -12.48
N ILE B 155 -25.29 42.57 -12.44
CA ILE B 155 -25.80 41.95 -13.67
C ILE B 155 -26.81 42.85 -14.39
N ALA B 156 -27.46 43.75 -13.66
CA ALA B 156 -28.50 44.61 -14.25
C ALA B 156 -27.96 45.90 -14.85
N VAL B 157 -26.65 46.10 -14.85
CA VAL B 157 -26.06 47.33 -15.40
C VAL B 157 -26.06 47.23 -16.93
N PRO B 158 -26.51 48.25 -17.65
CA PRO B 158 -26.56 48.18 -19.12
C PRO B 158 -25.20 48.43 -19.75
N ASN B 159 -25.17 48.27 -21.08
CA ASN B 159 -23.99 48.55 -21.90
C ASN B 159 -22.78 47.74 -21.46
N GLN B 160 -23.02 46.49 -21.05
CA GLN B 160 -21.94 45.61 -20.65
C GLN B 160 -21.11 45.23 -21.86
N GLY B 161 -19.81 45.49 -21.77
CA GLY B 161 -18.93 45.44 -22.92
C GLY B 161 -18.52 46.79 -23.47
N SER B 162 -19.06 47.88 -22.91
CA SER B 162 -18.73 49.22 -23.38
C SER B 162 -18.84 50.24 -22.25
N ASN B 163 -19.35 49.83 -21.10
CA ASN B 163 -19.46 50.74 -19.97
C ASN B 163 -18.14 50.93 -19.24
N GLY B 164 -17.14 50.10 -19.52
CA GLY B 164 -15.81 50.31 -19.00
C GLY B 164 -15.50 49.67 -17.67
N TRP B 165 -16.49 49.15 -16.95
CA TRP B 165 -16.17 48.62 -15.62
C TRP B 165 -16.84 47.31 -15.26
N ILE B 166 -17.78 46.78 -16.05
CA ILE B 166 -18.37 45.47 -15.79
C ILE B 166 -18.96 44.89 -17.06
N ASN B 167 -18.65 43.61 -17.33
CA ASN B 167 -19.18 42.91 -18.51
C ASN B 167 -19.24 41.43 -18.15
N TYR B 168 -20.46 40.95 -17.81
CA TYR B 168 -20.64 39.54 -17.47
C TYR B 168 -20.69 38.65 -18.71
N ASN B 169 -20.88 39.22 -19.91
CA ASN B 169 -20.88 38.42 -21.12
C ASN B 169 -19.53 37.77 -21.40
N ASP B 170 -18.46 38.34 -20.86
CA ASP B 170 -17.12 37.77 -20.98
C ASP B 170 -16.87 36.88 -19.76
N ILE B 171 -16.89 35.56 -19.97
CA ILE B 171 -16.77 34.61 -18.86
C ILE B 171 -15.31 34.22 -18.65
N THR B 172 -14.42 34.86 -19.41
CA THR B 172 -12.99 34.62 -19.23
C THR B 172 -12.50 34.76 -17.79
N PRO B 173 -12.92 35.76 -17.00
CA PRO B 173 -12.45 35.82 -15.61
C PRO B 173 -12.73 34.56 -14.79
N VAL B 174 -13.77 33.82 -15.13
CA VAL B 174 -14.09 32.57 -14.43
C VAL B 174 -13.44 31.39 -15.10
N THR B 175 -13.54 31.33 -16.42
CA THR B 175 -12.95 30.25 -17.21
C THR B 175 -11.45 30.10 -16.93
N GLU B 176 -10.72 31.22 -16.86
CA GLU B 176 -9.28 31.18 -16.55
C GLU B 176 -9.01 30.49 -15.22
N TRP B 177 -9.86 30.75 -14.22
CA TRP B 177 -9.65 30.21 -12.89
C TRP B 177 -9.85 28.69 -12.88
N ALA B 178 -10.97 28.24 -13.45
CA ALA B 178 -11.25 26.81 -13.53
C ALA B 178 -10.20 26.08 -14.35
N ASP B 179 -9.83 26.63 -15.52
CA ASP B 179 -8.85 25.95 -16.37
C ASP B 179 -7.52 25.76 -15.64
N ALA B 180 -7.21 26.63 -14.69
CA ALA B 180 -6.00 26.50 -13.89
C ALA B 180 -6.17 25.52 -12.74
N GLY B 181 -7.34 24.89 -12.60
CA GLY B 181 -7.60 23.95 -11.53
C GLY B 181 -8.34 24.51 -10.33
N GLY B 182 -8.67 25.80 -10.34
CA GLY B 182 -9.33 26.39 -9.18
C GLY B 182 -10.81 26.07 -9.11
N ILE B 183 -11.36 26.10 -7.90
CA ILE B 183 -12.77 25.86 -7.67
C ILE B 183 -13.52 27.17 -7.78
N VAL B 184 -14.68 27.14 -8.45
CA VAL B 184 -15.47 28.35 -8.69
C VAL B 184 -16.58 28.44 -7.66
N SER B 185 -16.77 29.62 -7.08
CA SER B 185 -17.90 29.92 -6.22
C SER B 185 -18.61 31.14 -6.76
N LEU B 186 -19.93 31.15 -6.64
CA LEU B 186 -20.76 32.23 -7.17
C LEU B 186 -21.73 32.72 -6.13
N MET B 187 -21.94 34.04 -6.07
CA MET B 187 -22.94 34.63 -5.20
C MET B 187 -23.61 35.79 -5.92
N TRP B 188 -24.66 36.33 -5.30
CA TRP B 188 -25.47 37.35 -5.97
C TRP B 188 -26.00 38.35 -4.94
N HIS B 189 -25.35 39.51 -4.84
CA HIS B 189 -25.94 40.66 -4.18
C HIS B 189 -27.03 41.22 -5.08
N PHE B 190 -28.26 40.75 -4.89
CA PHE B 190 -29.35 41.00 -5.82
C PHE B 190 -29.78 42.48 -5.79
N ASN B 191 -29.11 43.31 -6.59
CA ASN B 191 -29.50 44.71 -6.66
C ASN B 191 -30.81 44.87 -7.44
N VAL B 192 -31.58 45.88 -7.06
CA VAL B 192 -32.87 46.18 -7.69
C VAL B 192 -32.96 47.67 -7.94
N PRO B 193 -33.80 48.10 -8.89
CA PRO B 193 -34.00 49.54 -9.09
C PRO B 193 -34.58 50.17 -7.83
N GLN B 194 -34.27 51.45 -7.64
CA GLN B 194 -34.72 52.13 -6.43
C GLN B 194 -36.23 52.37 -6.42
N ASN B 195 -36.88 52.42 -7.57
CA ASN B 195 -38.34 52.52 -7.65
C ASN B 195 -38.78 52.11 -9.05
N GLU B 196 -40.06 52.32 -9.35
CA GLU B 196 -40.63 51.82 -10.60
C GLU B 196 -40.18 52.63 -11.81
N ASN B 197 -39.88 53.91 -11.64
CA ASN B 197 -39.44 54.72 -12.77
C ASN B 197 -37.93 54.74 -12.93
N THR B 198 -37.18 54.35 -11.91
CA THR B 198 -35.73 54.41 -11.99
C THR B 198 -35.19 53.36 -12.96
N THR B 199 -34.33 53.80 -13.87
CA THR B 199 -33.61 52.91 -14.78
C THR B 199 -32.14 52.88 -14.38
N ILE B 200 -31.59 51.67 -14.25
CA ILE B 200 -30.19 51.53 -13.85
C ILE B 200 -29.29 52.08 -14.94
N GLY B 201 -28.34 52.91 -14.55
CA GLY B 201 -27.42 53.51 -15.49
C GLY B 201 -26.20 52.66 -15.76
N ALA B 202 -25.50 53.00 -16.85
CA ALA B 202 -24.24 52.33 -17.18
C ALA B 202 -23.21 52.51 -16.10
N ASP B 203 -23.32 53.56 -15.29
CA ASP B 203 -22.44 53.79 -14.15
C ASP B 203 -22.86 53.02 -12.90
N GLY B 204 -23.93 52.25 -12.95
CA GLY B 204 -24.40 51.55 -11.77
C GLY B 204 -25.32 52.35 -10.87
N SER B 205 -25.83 53.49 -11.35
CA SER B 205 -26.69 54.33 -10.55
C SER B 205 -28.08 53.73 -10.45
N GLY B 206 -28.83 54.17 -9.44
CA GLY B 206 -30.23 53.83 -9.32
C GLY B 206 -30.53 52.46 -8.73
N GLN B 207 -29.57 51.84 -8.05
CA GLN B 207 -29.77 50.53 -7.45
C GLN B 207 -29.86 50.62 -5.93
N GLY B 208 -30.64 49.69 -5.35
CA GLY B 208 -30.72 49.55 -3.90
C GLY B 208 -30.80 48.09 -3.52
N ILE B 209 -30.74 47.82 -2.21
CA ILE B 209 -30.66 46.45 -1.72
C ILE B 209 -31.57 46.21 -0.52
N ASN B 210 -32.15 47.28 0.03
CA ASN B 210 -33.12 47.11 1.10
C ASN B 210 -34.10 48.28 1.08
N SER B 211 -35.08 48.21 1.99
CA SER B 211 -36.16 49.20 1.99
C SER B 211 -35.66 50.61 2.26
N SER B 212 -34.49 50.76 2.88
CA SER B 212 -33.93 52.10 3.08
C SER B 212 -33.43 52.70 1.77
N GLN B 213 -33.30 51.90 0.72
CA GLN B 213 -32.75 52.36 -0.55
C GLN B 213 -33.69 52.17 -1.73
N THR B 214 -34.64 51.23 -1.64
CA THR B 214 -35.56 50.96 -2.73
C THR B 214 -36.95 50.71 -2.17
N THR B 215 -37.95 50.86 -3.04
CA THR B 215 -39.31 50.44 -2.70
C THR B 215 -39.60 49.01 -3.14
N PHE B 216 -38.59 48.31 -3.68
CA PHE B 216 -38.75 46.92 -4.07
C PHE B 216 -39.25 46.09 -2.89
N LYS B 217 -40.37 45.38 -3.10
CA LYS B 217 -40.99 44.54 -2.08
C LYS B 217 -40.81 43.07 -2.45
N ALA B 218 -40.27 42.29 -1.52
CA ALA B 218 -40.11 40.86 -1.75
C ALA B 218 -41.42 40.18 -2.10
N SER B 219 -42.52 40.61 -1.47
CA SER B 219 -43.84 40.03 -1.74
C SER B 219 -44.17 40.10 -3.22
N HIS B 220 -44.18 41.32 -3.77
CA HIS B 220 -44.58 41.57 -5.15
C HIS B 220 -43.69 40.85 -6.17
N ALA B 221 -42.44 40.55 -5.81
CA ALA B 221 -41.54 39.88 -6.75
C ALA B 221 -42.05 38.51 -7.16
N LEU B 222 -42.99 37.93 -6.41
CA LEU B 222 -43.46 36.58 -6.67
C LEU B 222 -44.77 36.51 -7.44
N VAL B 223 -45.53 37.61 -7.53
CA VAL B 223 -46.81 37.59 -8.23
C VAL B 223 -46.57 37.93 -9.70
N SER B 224 -47.13 37.11 -10.59
CA SER B 224 -46.94 37.28 -12.03
C SER B 224 -47.37 38.68 -12.46
N GLY B 225 -46.58 39.29 -13.36
CA GLY B 225 -46.96 40.55 -13.96
C GLY B 225 -46.81 41.77 -13.08
N THR B 226 -45.69 41.89 -12.37
CA THR B 226 -45.41 43.06 -11.55
C THR B 226 -44.03 43.59 -11.93
N TRP B 227 -43.84 44.91 -11.76
CA TRP B 227 -42.54 45.49 -12.06
C TRP B 227 -41.43 44.86 -11.22
N GLU B 228 -41.74 44.49 -9.97
CA GLU B 228 -40.80 43.70 -9.20
C GLU B 228 -40.57 42.34 -9.85
N ASN B 229 -41.65 41.72 -10.33
CA ASN B 229 -41.57 40.38 -10.90
C ASN B 229 -40.81 40.38 -12.23
N LYS B 230 -41.10 41.33 -13.11
CA LYS B 230 -40.43 41.33 -14.41
C LYS B 230 -38.95 41.66 -14.28
N PHE B 231 -38.58 42.53 -13.32
CA PHE B 231 -37.15 42.73 -13.06
C PHE B 231 -36.53 41.51 -12.42
N PHE B 232 -37.23 40.89 -11.46
CA PHE B 232 -36.74 39.69 -10.80
C PHE B 232 -36.51 38.57 -11.82
N MET B 233 -37.49 38.32 -12.68
CA MET B 233 -37.45 37.14 -13.52
C MET B 233 -36.43 37.27 -14.66
N GLU B 234 -36.21 38.47 -15.15
CA GLU B 234 -35.28 38.60 -16.27
C GLU B 234 -33.85 38.87 -15.85
N GLN B 235 -33.60 39.29 -14.61
CA GLN B 235 -32.24 39.20 -14.08
C GLN B 235 -31.91 37.75 -13.71
N MET B 236 -32.88 37.03 -13.16
CA MET B 236 -32.72 35.58 -13.04
C MET B 236 -32.41 34.95 -14.39
N GLU B 237 -33.09 35.43 -15.44
CA GLU B 237 -32.79 34.97 -16.78
C GLU B 237 -31.35 35.31 -17.17
N ASN B 238 -30.91 36.54 -16.89
CA ASN B 238 -29.57 36.96 -17.29
C ASN B 238 -28.49 36.16 -16.58
N VAL B 239 -28.67 35.90 -15.28
CA VAL B 239 -27.68 35.13 -14.55
C VAL B 239 -27.71 33.67 -14.98
N ALA B 240 -28.90 33.14 -15.22
CA ALA B 240 -29.01 31.77 -15.73
C ALA B 240 -28.27 31.62 -17.06
N ASN B 241 -28.37 32.62 -17.94
CA ASN B 241 -27.68 32.58 -19.21
C ASN B 241 -26.16 32.58 -19.02
N VAL B 242 -25.66 33.32 -18.04
CA VAL B 242 -24.23 33.30 -17.76
C VAL B 242 -23.82 31.94 -17.22
N ILE B 243 -24.63 31.37 -16.32
CA ILE B 243 -24.32 30.07 -15.75
C ILE B 243 -24.41 28.98 -16.81
N LEU B 244 -25.36 29.12 -17.75
CA LEU B 244 -25.43 28.17 -18.84
C LEU B 244 -24.15 28.20 -19.69
N LYS B 245 -23.62 29.40 -19.93
CA LYS B 245 -22.35 29.50 -20.65
C LYS B 245 -21.19 28.92 -19.84
N LEU B 246 -21.23 29.05 -18.51
CA LEU B 246 -20.21 28.43 -17.68
C LEU B 246 -20.29 26.91 -17.78
N GLN B 247 -21.50 26.37 -17.64
CA GLN B 247 -21.72 24.94 -17.83
C GLN B 247 -21.26 24.48 -19.21
N ASP B 248 -21.48 25.31 -20.24
CA ASP B 248 -21.04 24.99 -21.58
C ASP B 248 -19.54 24.72 -21.64
N ALA B 249 -18.76 25.48 -20.86
CA ALA B 249 -17.31 25.33 -20.81
C ALA B 249 -16.85 24.34 -19.75
N GLY B 250 -17.76 23.51 -19.22
CA GLY B 250 -17.39 22.49 -18.25
C GLY B 250 -17.21 22.98 -16.83
N ILE B 251 -17.72 24.16 -16.50
CA ILE B 251 -17.54 24.75 -15.18
C ILE B 251 -18.66 24.29 -14.26
N VAL B 252 -18.30 23.86 -13.05
CA VAL B 252 -19.23 23.66 -11.96
C VAL B 252 -18.90 24.69 -10.88
N ALA B 253 -19.84 24.91 -9.96
CA ALA B 253 -19.65 25.99 -9.00
C ALA B 253 -20.51 25.77 -7.76
N LEU B 254 -20.02 26.29 -6.63
CA LEU B 254 -20.87 26.56 -5.49
C LEU B 254 -21.69 27.81 -5.74
N TRP B 255 -22.94 27.80 -5.30
CA TRP B 255 -23.86 28.90 -5.57
C TRP B 255 -24.50 29.31 -4.27
N ARG B 256 -24.29 30.57 -3.87
CA ARG B 256 -24.76 31.08 -2.58
C ARG B 256 -25.63 32.31 -2.80
N PRO B 257 -26.84 32.13 -3.31
CA PRO B 257 -27.74 33.26 -3.50
C PRO B 257 -28.44 33.62 -2.19
N PHE B 258 -29.01 34.81 -2.17
CA PHE B 258 -29.96 35.20 -1.12
C PHE B 258 -29.37 35.02 0.27
N HIS B 259 -28.12 35.46 0.44
CA HIS B 259 -27.42 35.20 1.69
C HIS B 259 -27.91 36.14 2.80
N GLU B 260 -27.65 35.73 4.04
CA GLU B 260 -27.93 36.53 5.24
C GLU B 260 -29.39 36.99 5.28
N ALA B 261 -30.31 36.11 4.89
CA ALA B 261 -31.70 36.53 4.71
C ALA B 261 -32.28 37.13 5.99
N ALA B 262 -32.10 36.44 7.13
CA ALA B 262 -32.79 36.88 8.35
C ALA B 262 -32.29 38.23 8.84
N GLY B 263 -31.02 38.53 8.64
CA GLY B 263 -30.49 39.79 9.16
C GLY B 263 -30.62 39.84 10.67
N ASN B 264 -31.21 40.92 11.17
CA ASN B 264 -31.53 41.05 12.60
C ASN B 264 -32.99 40.80 12.91
N ALA B 265 -33.76 40.29 11.94
CA ALA B 265 -35.18 40.07 12.16
C ALA B 265 -35.47 39.07 13.28
N THR B 266 -34.49 38.24 13.63
CA THR B 266 -34.68 37.25 14.70
C THR B 266 -34.48 37.83 16.10
N LEU B 267 -34.38 39.15 16.22
CA LEU B 267 -34.23 39.78 17.53
C LEU B 267 -35.44 39.47 18.41
N LYS B 268 -35.17 39.06 19.65
CA LYS B 268 -36.25 38.63 20.53
C LYS B 268 -37.15 39.79 20.93
N SER B 269 -36.55 40.92 21.30
CA SER B 269 -37.33 42.04 21.82
C SER B 269 -38.34 42.56 20.81
N GLY B 270 -38.01 42.50 19.53
CA GLY B 270 -38.87 43.10 18.52
C GLY B 270 -38.66 44.58 18.31
N ALA B 271 -37.68 45.19 18.99
CA ALA B 271 -37.32 46.57 18.72
C ALA B 271 -37.02 46.74 17.24
N ASN B 272 -37.39 47.91 16.70
CA ASN B 272 -37.44 48.05 15.24
C ASN B 272 -36.07 48.09 14.58
N TRP B 273 -34.97 48.04 15.32
CA TRP B 273 -33.70 47.79 14.67
C TRP B 273 -33.48 46.30 14.41
N GLY B 274 -34.35 45.44 14.93
CA GLY B 274 -34.30 44.02 14.64
C GLY B 274 -34.97 43.71 13.32
N LYS B 275 -34.23 43.89 12.23
CA LYS B 275 -34.78 43.84 10.88
C LYS B 275 -33.77 43.18 9.96
N ALA B 276 -34.28 42.65 8.84
CA ALA B 276 -33.41 42.22 7.76
C ALA B 276 -32.77 43.43 7.10
N TRP B 277 -31.55 43.25 6.60
CA TRP B 277 -30.84 44.32 5.90
C TRP B 277 -30.78 44.09 4.39
N PHE B 278 -31.42 43.04 3.88
CA PHE B 278 -31.55 42.77 2.45
C PHE B 278 -33.02 42.60 2.11
N TRP B 279 -33.41 43.08 0.92
CA TRP B 279 -34.84 43.08 0.56
C TRP B 279 -35.44 41.67 0.57
N TRP B 280 -34.64 40.65 0.26
CA TRP B 280 -35.24 39.31 0.19
C TRP B 280 -35.57 38.72 1.55
N GLY B 281 -35.21 39.39 2.65
CA GLY B 281 -35.56 38.91 3.97
C GLY B 281 -36.53 39.81 4.73
N GLU B 282 -36.94 40.93 4.13
CA GLU B 282 -37.71 41.92 4.87
C GLU B 282 -39.21 41.67 4.86
N ASP B 283 -39.69 40.71 4.06
CA ASP B 283 -41.08 40.31 4.11
C ASP B 283 -41.30 39.00 4.85
N GLY B 284 -40.25 38.43 5.45
CA GLY B 284 -40.42 37.29 6.34
C GLY B 284 -39.83 36.01 5.79
N PRO B 285 -39.85 34.96 6.62
CA PRO B 285 -39.20 33.70 6.21
C PRO B 285 -39.96 32.95 5.12
N ASP B 286 -41.29 32.95 5.15
CA ASP B 286 -42.05 32.12 4.21
C ASP B 286 -41.90 32.63 2.78
N VAL B 287 -41.97 33.95 2.57
CA VAL B 287 -41.71 34.49 1.24
C VAL B 287 -40.26 34.23 0.84
N TYR B 288 -39.33 34.29 1.79
CA TYR B 288 -37.93 34.03 1.49
C TYR B 288 -37.75 32.63 0.93
N LYS B 289 -38.30 31.63 1.63
CA LYS B 289 -38.23 30.26 1.15
C LYS B 289 -38.81 30.12 -0.25
N GLN B 290 -39.87 30.86 -0.56
CA GLN B 290 -40.46 30.73 -1.89
C GLN B 290 -39.61 31.39 -2.96
N LEU B 291 -38.90 32.47 -2.62
CA LEU B 291 -37.89 33.00 -3.53
C LEU B 291 -36.84 31.95 -3.85
N TRP B 292 -36.36 31.26 -2.82
CA TRP B 292 -35.37 30.21 -3.01
C TRP B 292 -35.92 29.10 -3.92
N HIS B 293 -37.15 28.67 -3.65
CA HIS B 293 -37.75 27.62 -4.46
C HIS B 293 -37.92 28.05 -5.91
N THR B 294 -38.32 29.31 -6.12
CA THR B 294 -38.52 29.79 -7.48
C THR B 294 -37.21 29.82 -8.26
N MET B 295 -36.13 30.27 -7.61
CA MET B 295 -34.84 30.28 -8.29
C MET B 295 -34.34 28.87 -8.56
N PHE B 296 -34.50 27.98 -7.59
CA PHE B 296 -34.11 26.59 -7.78
C PHE B 296 -34.87 25.97 -8.95
N ASN B 297 -36.19 26.13 -8.97
CA ASN B 297 -37.00 25.55 -10.04
C ASN B 297 -36.69 26.20 -11.38
N TYR B 298 -36.58 27.53 -11.40
CA TYR B 298 -36.29 28.22 -12.66
C TYR B 298 -34.93 27.80 -13.22
N PHE B 299 -33.92 27.63 -12.35
CA PHE B 299 -32.59 27.25 -12.81
C PHE B 299 -32.58 25.85 -13.41
N SER B 300 -33.24 24.89 -12.77
CA SER B 300 -33.22 23.52 -13.27
C SER B 300 -34.03 23.38 -14.56
N ASN B 301 -35.12 24.13 -14.70
CA ASN B 301 -35.89 24.07 -15.93
C ASN B 301 -35.20 24.79 -17.08
N LYS B 302 -34.22 25.63 -16.79
CA LYS B 302 -33.36 26.19 -17.83
C LYS B 302 -32.23 25.24 -18.22
N GLY B 303 -32.04 24.14 -17.49
CA GLY B 303 -30.97 23.22 -17.78
C GLY B 303 -29.70 23.42 -16.99
N ILE B 304 -29.73 24.20 -15.91
CA ILE B 304 -28.56 24.38 -15.07
C ILE B 304 -28.46 23.19 -14.13
N HIS B 305 -27.38 22.42 -14.27
CA HIS B 305 -27.14 21.26 -13.43
C HIS B 305 -25.70 21.18 -12.99
N ASN B 306 -25.03 22.32 -12.87
CA ASN B 306 -23.62 22.38 -12.50
C ASN B 306 -23.41 23.10 -11.16
N LEU B 307 -24.45 23.25 -10.35
CA LEU B 307 -24.36 24.06 -9.14
C LEU B 307 -24.58 23.23 -7.88
N ILE B 308 -23.82 23.54 -6.85
CA ILE B 308 -24.00 22.99 -5.50
C ILE B 308 -24.56 24.12 -4.64
N TRP B 309 -25.73 23.91 -4.06
CA TRP B 309 -26.50 25.00 -3.46
C TRP B 309 -26.14 25.20 -2.00
N GLU B 310 -25.80 26.45 -1.66
CA GLU B 310 -25.30 26.80 -0.33
C GLU B 310 -26.18 27.90 0.25
N TRP B 311 -26.76 27.64 1.42
CA TRP B 311 -27.61 28.63 2.10
C TRP B 311 -26.89 29.18 3.32
N THR B 312 -26.94 30.49 3.48
CA THR B 312 -26.20 31.21 4.52
C THR B 312 -27.10 31.42 5.73
N SER B 313 -26.79 30.74 6.83
CA SER B 313 -27.51 30.93 8.08
C SER B 313 -26.93 32.08 8.87
N GLN B 314 -27.80 32.74 9.64
CA GLN B 314 -27.38 33.75 10.60
C GLN B 314 -27.12 33.16 11.98
N ASN B 315 -27.38 31.88 12.16
CA ASN B 315 -27.41 31.21 13.47
C ASN B 315 -28.09 32.09 14.51
N TYR B 316 -27.38 32.48 15.58
CA TYR B 316 -27.93 33.38 16.61
C TYR B 316 -27.32 34.77 16.55
N ASN B 317 -26.73 35.17 15.43
CA ASN B 317 -26.09 36.49 15.30
C ASN B 317 -25.07 36.73 16.41
N GLY B 318 -24.49 35.64 16.92
CA GLY B 318 -23.49 35.71 17.95
C GLY B 318 -23.99 35.76 19.39
N ASP B 319 -25.31 35.84 19.60
CA ASP B 319 -25.84 35.98 20.97
C ASP B 319 -27.21 35.29 21.05
N SER B 320 -27.23 34.05 21.54
CA SER B 320 -28.51 33.35 21.71
C SER B 320 -29.34 33.92 22.83
N ASP B 321 -28.76 34.70 23.74
CA ASP B 321 -29.53 35.40 24.76
C ASP B 321 -30.41 36.49 24.19
N ILE B 322 -30.18 36.89 22.93
CA ILE B 322 -30.77 38.10 22.39
C ILE B 322 -31.55 37.76 21.12
N TYR B 323 -31.10 36.75 20.39
CA TYR B 323 -31.73 36.34 19.14
C TYR B 323 -32.19 34.90 19.21
N ASN B 324 -33.30 34.61 18.51
CA ASN B 324 -33.62 33.25 18.12
C ASN B 324 -32.73 32.85 16.94
N ASN B 325 -32.71 31.55 16.64
CA ASN B 325 -32.01 31.12 15.44
C ASN B 325 -32.93 31.34 14.23
N ASP B 326 -32.41 31.07 13.02
CA ASP B 326 -33.18 31.30 11.80
C ASP B 326 -33.59 29.98 11.14
N ASP B 327 -33.95 28.97 11.95
CA ASP B 327 -34.41 27.71 11.39
C ASP B 327 -35.63 27.88 10.49
N ASP B 328 -36.50 28.86 10.81
CA ASP B 328 -37.68 29.09 9.99
C ASP B 328 -37.34 29.56 8.58
N TRP B 329 -36.11 30.00 8.36
CA TRP B 329 -35.67 30.51 7.07
C TRP B 329 -35.01 29.45 6.21
N TYR B 330 -34.81 28.25 6.75
CA TYR B 330 -34.15 27.18 6.02
C TYR B 330 -34.99 26.75 4.83
N PRO B 331 -34.48 26.85 3.60
CA PRO B 331 -35.28 26.43 2.43
C PRO B 331 -35.56 24.93 2.38
N GLY B 332 -34.82 24.10 3.11
CA GLY B 332 -35.11 22.68 3.13
C GLY B 332 -34.00 21.78 2.60
N ASP B 333 -33.99 20.52 3.05
CA ASP B 333 -32.92 19.60 2.67
C ASP B 333 -32.93 19.31 1.18
N ALA B 334 -34.08 19.40 0.52
CA ALA B 334 -34.14 19.13 -0.91
C ALA B 334 -33.62 20.28 -1.76
N TYR B 335 -33.32 21.44 -1.17
CA TYR B 335 -32.92 22.63 -1.92
C TYR B 335 -31.58 23.19 -1.45
N VAL B 336 -30.89 22.51 -0.54
CA VAL B 336 -29.65 23.01 0.04
C VAL B 336 -28.66 21.85 0.10
N ASP B 337 -27.40 22.15 -0.23
CA ASP B 337 -26.31 21.20 -0.04
C ASP B 337 -25.38 21.59 1.09
N ILE B 338 -25.12 22.88 1.28
CA ILE B 338 -24.15 23.37 2.25
C ILE B 338 -24.77 24.50 3.06
N ILE B 339 -24.54 24.49 4.37
CA ILE B 339 -24.94 25.59 5.26
C ILE B 339 -23.75 26.51 5.45
N GLY B 340 -23.93 27.80 5.15
CA GLY B 340 -22.84 28.75 5.34
C GLY B 340 -23.06 29.72 6.49
N ARG B 341 -21.98 30.29 7.01
CA ARG B 341 -22.04 31.31 8.05
C ARG B 341 -21.06 32.44 7.72
N ASP B 342 -21.48 33.69 7.99
CA ASP B 342 -20.65 34.87 7.74
C ASP B 342 -20.22 35.49 9.08
N LEU B 343 -18.92 35.47 9.35
CA LEU B 343 -18.36 35.94 10.63
C LEU B 343 -17.24 36.93 10.40
N TYR B 344 -17.28 38.06 11.09
CA TYR B 344 -16.22 39.07 11.01
C TYR B 344 -15.64 39.35 12.38
N GLY B 345 -14.32 39.39 12.46
CA GLY B 345 -13.65 39.72 13.71
C GLY B 345 -13.81 38.71 14.80
N THR B 346 -14.01 37.43 14.46
CA THR B 346 -14.30 36.40 15.45
C THR B 346 -13.04 35.64 15.84
N THR B 347 -13.01 35.22 17.11
CA THR B 347 -11.92 34.43 17.65
C THR B 347 -12.10 32.94 17.34
N ALA B 348 -11.05 32.17 17.64
CA ALA B 348 -11.09 30.73 17.42
C ALA B 348 -12.24 30.08 18.18
N VAL B 349 -12.45 30.48 19.44
CA VAL B 349 -13.47 29.86 20.27
C VAL B 349 -14.86 30.27 19.83
N GLN B 350 -15.04 31.50 19.35
CA GLN B 350 -16.34 31.88 18.80
C GLN B 350 -16.65 31.09 17.53
N GLN B 351 -15.65 30.90 16.67
CA GLN B 351 -15.84 30.07 15.48
C GLN B 351 -16.28 28.66 15.85
N TYR B 352 -15.65 28.09 16.88
CA TYR B 352 -16.03 26.75 17.32
C TYR B 352 -17.49 26.70 17.73
N SER B 353 -17.95 27.71 18.45
CA SER B 353 -19.34 27.73 18.92
C SER B 353 -20.31 27.79 17.73
N GLU B 354 -20.04 28.67 16.77
CA GLU B 354 -20.91 28.80 15.60
C GLU B 354 -20.96 27.50 14.82
N TYR B 355 -19.79 26.93 14.52
CA TYR B 355 -19.69 25.71 13.72
C TYR B 355 -20.46 24.57 14.37
N SER B 356 -20.24 24.34 15.66
CA SER B 356 -20.83 23.15 16.28
C SER B 356 -22.34 23.31 16.42
N GLN B 357 -22.82 24.52 16.72
CA GLN B 357 -24.26 24.74 16.79
C GLN B 357 -24.92 24.51 15.44
N LEU B 358 -24.31 25.00 14.36
CA LEU B 358 -24.85 24.80 13.04
C LEU B 358 -24.81 23.31 12.66
N LYS B 359 -23.69 22.65 12.94
CA LYS B 359 -23.56 21.24 12.62
C LYS B 359 -24.62 20.41 13.33
N GLY B 360 -24.94 20.77 14.58
CA GLY B 360 -25.93 20.03 15.32
C GLY B 360 -27.34 20.16 14.78
N ARG B 361 -27.69 21.32 14.22
CA ARG B 361 -29.04 21.50 13.70
C ARG B 361 -29.19 21.07 12.25
N TYR B 362 -28.09 20.91 11.51
CA TYR B 362 -28.13 20.47 10.11
C TYR B 362 -27.20 19.28 9.93
N PRO B 363 -27.56 18.13 10.52
CA PRO B 363 -26.59 17.02 10.59
C PRO B 363 -26.16 16.47 9.25
N SER B 364 -27.05 16.39 8.27
CA SER B 364 -26.69 15.81 6.97
C SER B 364 -26.02 16.81 6.04
N LYS B 365 -25.76 18.03 6.48
CA LYS B 365 -25.21 19.08 5.64
C LYS B 365 -23.79 19.40 6.10
N MET B 366 -22.94 19.81 5.15
CA MET B 366 -21.64 20.35 5.50
C MET B 366 -21.78 21.83 5.85
N ILE B 367 -20.94 22.29 6.79
CA ILE B 367 -20.96 23.66 7.30
C ILE B 367 -19.72 24.39 6.80
N ALA B 368 -19.90 25.60 6.27
CA ALA B 368 -18.82 26.38 5.68
C ALA B 368 -18.77 27.80 6.27
N LEU B 369 -17.56 28.36 6.30
CA LEU B 369 -17.38 29.77 6.71
C LEU B 369 -17.42 30.59 5.43
N ALA B 370 -18.64 30.93 5.00
CA ALA B 370 -18.86 31.47 3.66
C ALA B 370 -18.25 32.86 3.50
N GLU B 371 -18.19 33.66 4.57
CA GLU B 371 -17.51 34.95 4.55
C GLU B 371 -16.79 35.16 5.87
N CYS B 372 -15.60 35.75 5.81
CA CYS B 372 -14.92 36.15 7.03
C CYS B 372 -14.06 37.37 6.75
N GLY B 373 -13.41 37.87 7.79
CA GLY B 373 -12.51 38.98 7.65
C GLY B 373 -12.47 39.79 8.92
N VAL B 374 -11.72 40.89 8.87
CA VAL B 374 -11.56 41.75 10.03
C VAL B 374 -12.68 42.78 10.05
N ASN B 375 -12.82 43.46 11.17
CA ASN B 375 -13.58 44.71 11.21
C ASN B 375 -12.77 45.77 11.95
N ASN B 376 -13.40 46.89 12.29
CA ASN B 376 -12.66 47.98 12.93
C ASN B 376 -12.19 47.62 14.34
N SER B 377 -12.84 46.65 15.00
CA SER B 377 -12.49 46.29 16.36
C SER B 377 -11.39 45.23 16.43
N THR B 378 -11.54 44.13 15.70
CA THR B 378 -10.66 42.98 15.87
C THR B 378 -10.36 42.35 14.52
N ILE B 379 -9.27 41.57 14.49
CA ILE B 379 -8.93 40.76 13.33
C ILE B 379 -9.70 39.45 13.43
N THR B 380 -9.65 38.63 12.39
CA THR B 380 -10.28 37.32 12.41
C THR B 380 -9.24 36.25 12.75
N ALA B 381 -9.70 35.17 13.37
CA ALA B 381 -8.77 34.21 13.96
C ALA B 381 -7.94 33.51 12.89
N ASP B 382 -6.76 33.06 13.29
CA ASP B 382 -5.95 32.22 12.42
C ASP B 382 -6.71 30.95 12.06
N VAL B 383 -6.64 30.56 10.78
CA VAL B 383 -7.46 29.44 10.31
C VAL B 383 -7.10 28.15 11.05
N GLU B 384 -5.81 27.86 11.16
CA GLU B 384 -5.38 26.64 11.83
C GLU B 384 -5.75 26.66 13.31
N GLN B 385 -5.59 27.81 13.97
CA GLN B 385 -5.98 27.88 15.38
C GLN B 385 -7.48 27.63 15.55
N ALA B 386 -8.31 28.21 14.70
CA ALA B 386 -9.75 27.99 14.80
C ALA B 386 -10.10 26.54 14.50
N TRP B 387 -9.45 25.96 13.50
CA TRP B 387 -9.62 24.53 13.21
C TRP B 387 -9.28 23.69 14.42
N ASN B 388 -8.14 23.97 15.07
CA ASN B 388 -7.72 23.22 16.24
C ASN B 388 -8.72 23.36 17.39
N ALA B 389 -9.44 24.47 17.43
CA ALA B 389 -10.46 24.62 18.46
C ALA B 389 -11.71 23.84 18.15
N GLY B 390 -11.83 23.28 16.95
CA GLY B 390 -13.01 22.53 16.55
C GLY B 390 -13.87 23.20 15.49
N ALA B 391 -13.48 24.38 15.00
CA ALA B 391 -14.17 25.04 13.88
C ALA B 391 -13.69 24.41 12.59
N LYS B 392 -14.22 23.24 12.28
CA LYS B 392 -13.74 22.47 11.13
C LYS B 392 -14.61 22.72 9.90
N TRP B 393 -14.66 24.00 9.50
CA TRP B 393 -15.42 24.41 8.33
C TRP B 393 -14.99 23.68 7.07
N LEU B 394 -15.91 23.55 6.12
CA LEU B 394 -15.55 23.04 4.82
C LEU B 394 -14.56 23.97 4.11
N ASN B 395 -14.81 25.28 4.18
CA ASN B 395 -13.94 26.26 3.54
C ASN B 395 -14.08 27.58 4.28
N PHE B 396 -13.20 28.52 3.94
CA PHE B 396 -13.28 29.88 4.44
C PHE B 396 -13.06 30.84 3.28
N MET B 397 -13.58 32.04 3.40
CA MET B 397 -13.42 33.01 2.32
C MET B 397 -13.49 34.44 2.85
N PRO B 398 -12.36 35.12 2.95
CA PRO B 398 -12.39 36.51 3.39
C PRO B 398 -12.96 37.45 2.34
N TRP B 399 -13.52 38.55 2.82
CA TRP B 399 -14.02 39.63 1.98
C TRP B 399 -12.86 40.54 1.59
N TYR B 400 -13.08 41.33 0.56
CA TYR B 400 -12.04 42.21 0.04
C TYR B 400 -12.07 43.54 0.78
N GLY B 401 -11.13 44.42 0.44
CA GLY B 401 -11.21 45.79 0.91
C GLY B 401 -10.82 45.92 2.37
N GLU B 402 -11.60 46.69 3.12
CA GLU B 402 -11.32 46.91 4.54
C GLU B 402 -11.52 45.67 5.39
N SER B 403 -12.12 44.61 4.84
CA SER B 403 -12.29 43.37 5.57
C SER B 403 -11.15 42.38 5.35
N MET B 404 -10.26 42.69 4.42
CA MET B 404 -9.19 41.76 4.05
C MET B 404 -8.20 41.58 5.19
N PRO B 405 -7.90 40.35 5.60
CA PRO B 405 -6.83 40.14 6.59
C PRO B 405 -5.49 40.66 6.09
N SER B 406 -4.59 40.91 7.05
CA SER B 406 -3.28 41.47 6.74
C SER B 406 -2.44 40.49 5.93
N ASP B 407 -1.30 40.99 5.43
CA ASP B 407 -0.36 40.13 4.74
C ASP B 407 0.24 39.08 5.66
N GLU B 408 0.47 39.45 6.93
CA GLU B 408 0.97 38.50 7.92
C GLU B 408 0.01 37.32 8.07
N TRP B 409 -1.29 37.59 8.10
CA TRP B 409 -2.30 36.55 8.28
C TRP B 409 -2.29 35.58 7.10
N TRP B 410 -2.24 36.12 5.87
CA TRP B 410 -2.26 35.27 4.68
C TRP B 410 -0.98 34.45 4.58
N THR B 411 0.16 35.03 4.94
CA THR B 411 1.42 34.30 4.94
C THR B 411 1.34 33.06 5.82
N LYS B 412 0.76 33.19 7.02
CA LYS B 412 0.57 32.02 7.87
C LYS B 412 -0.42 31.05 7.26
N VAL B 413 -1.60 31.53 6.88
CA VAL B 413 -2.70 30.64 6.51
C VAL B 413 -2.34 29.79 5.31
N MET B 414 -1.74 30.40 4.29
CA MET B 414 -1.43 29.68 3.06
C MET B 414 -0.34 28.63 3.25
N ASN B 415 0.40 28.70 4.35
CA ASN B 415 1.44 27.73 4.63
C ASN B 415 1.03 26.72 5.70
N GLU B 416 -0.24 26.71 6.10
CA GLU B 416 -0.69 25.79 7.12
C GLU B 416 -1.10 24.47 6.48
N ASN B 417 -0.70 23.36 7.12
CA ASN B 417 -0.91 22.04 6.53
C ASN B 417 -2.40 21.73 6.38
N VAL B 418 -3.22 22.17 7.34
CA VAL B 418 -4.65 21.89 7.25
C VAL B 418 -5.35 22.65 6.13
N VAL B 419 -4.71 23.66 5.54
CA VAL B 419 -5.33 24.53 4.55
C VAL B 419 -4.99 24.01 3.15
N ILE B 420 -6.02 23.75 2.34
CA ILE B 420 -5.84 23.33 0.95
C ILE B 420 -5.72 24.58 0.08
N THR B 421 -4.61 24.72 -0.62
CA THR B 421 -4.45 25.77 -1.62
C THR B 421 -4.73 25.18 -3.00
N ARG B 422 -4.71 26.04 -4.02
CA ARG B 422 -5.20 25.64 -5.34
C ARG B 422 -4.38 24.50 -5.93
N ASP B 423 -3.05 24.55 -5.74
CA ASP B 423 -2.16 23.51 -6.25
C ASP B 423 -2.43 22.14 -5.63
N GLU B 424 -3.07 22.08 -4.46
CA GLU B 424 -3.24 20.84 -3.72
C GLU B 424 -4.59 20.19 -3.96
N ILE B 425 -5.45 20.80 -4.76
CA ILE B 425 -6.74 20.22 -5.08
C ILE B 425 -6.53 18.98 -5.94
N ASN B 426 -7.13 17.86 -5.53
CA ASN B 426 -7.11 16.63 -6.32
C ASN B 426 -8.50 16.01 -6.21
N GLN B 427 -9.39 16.40 -7.12
CA GLN B 427 -10.75 15.87 -7.15
C GLN B 427 -10.81 14.42 -7.61
N ASN B 428 -9.68 13.83 -8.02
CA ASN B 428 -9.62 12.43 -8.41
C ASN B 428 -9.24 11.51 -7.25
N ALA B 429 -8.93 12.07 -6.09
CA ALA B 429 -8.58 11.26 -4.94
C ALA B 429 -9.80 10.50 -4.44
N THR B 430 -9.60 9.22 -4.11
CA THR B 430 -10.62 8.41 -3.45
C THR B 430 -10.32 8.19 -1.98
N TYR B 431 -9.18 8.69 -1.48
CA TYR B 431 -8.75 8.48 -0.11
C TYR B 431 -7.87 9.65 0.30
N MET B 432 -7.97 10.02 1.57
CA MET B 432 -7.21 11.15 2.11
C MET B 432 -6.86 10.84 3.55
N GLU B 433 -5.58 10.67 3.83
CA GLU B 433 -5.18 10.25 5.18
C GLU B 433 -5.68 11.23 6.22
N GLU B 434 -6.14 10.71 7.34
CA GLU B 434 -6.66 11.53 8.43
C GLU B 434 -6.02 11.07 9.74
N SER B 435 -5.57 12.01 10.55
CA SER B 435 -5.03 11.64 11.84
C SER B 435 -6.11 11.01 12.71
N ALA B 436 -5.68 10.17 13.64
CA ALA B 436 -6.62 9.51 14.54
C ALA B 436 -7.39 10.50 15.39
N GLN B 437 -6.71 11.54 15.92
CA GLN B 437 -7.42 12.53 16.73
C GLN B 437 -8.48 13.24 15.91
N SER B 438 -8.16 13.59 14.67
CA SER B 438 -9.13 14.23 13.79
C SER B 438 -10.36 13.35 13.59
N ALA B 439 -10.15 12.06 13.31
CA ALA B 439 -11.28 11.16 13.13
C ALA B 439 -12.15 11.12 14.39
N VAL B 440 -11.51 10.99 15.56
CA VAL B 440 -12.29 10.87 16.79
C VAL B 440 -13.12 12.12 17.02
N ASP B 441 -12.55 13.30 16.75
CA ASP B 441 -13.32 14.53 16.89
C ASP B 441 -14.49 14.63 15.91
N ASN B 442 -14.44 13.89 14.80
CA ASN B 442 -15.56 13.90 13.85
C ASN B 442 -16.53 12.73 14.03
N PHE B 443 -16.23 11.76 14.90
CA PHE B 443 -17.20 10.69 15.19
C PHE B 443 -18.52 11.26 15.68
N GLY B 444 -18.47 12.31 16.49
CA GLY B 444 -19.69 12.81 17.09
C GLY B 444 -20.35 11.75 17.94
N LEU B 445 -21.68 11.67 17.85
CA LEU B 445 -22.42 10.61 18.51
C LEU B 445 -22.30 9.31 17.73
N GLY B 446 -21.97 8.23 18.45
CA GLY B 446 -21.80 6.94 17.81
C GLY B 446 -22.76 5.89 18.31
N PHE B 447 -22.95 4.84 17.51
CA PHE B 447 -23.92 3.80 17.79
C PHE B 447 -23.34 2.45 17.41
N ASN B 448 -23.61 1.44 18.24
CA ASN B 448 -23.21 0.07 17.98
C ASN B 448 -24.35 -0.69 17.31
N LEU B 449 -24.08 -1.28 16.13
CA LEU B 449 -25.05 -2.15 15.46
C LEU B 449 -24.89 -3.57 16.01
N GLY B 450 -25.32 -3.73 17.27
CA GLY B 450 -25.03 -4.94 18.00
C GLY B 450 -26.04 -6.05 17.79
N ASN B 451 -25.63 -7.27 18.15
CA ASN B 451 -26.45 -8.47 18.04
C ASN B 451 -26.84 -8.74 16.60
N THR B 452 -26.00 -8.31 15.66
CA THR B 452 -26.31 -8.41 14.24
C THR B 452 -25.27 -9.28 13.59
N LEU B 453 -24.21 -8.72 13.01
CA LEU B 453 -23.17 -9.55 12.42
C LEU B 453 -22.30 -10.20 13.48
N ASP B 454 -22.40 -9.77 14.73
CA ASP B 454 -21.72 -10.45 15.83
C ASP B 454 -22.51 -11.65 16.34
N ALA B 455 -23.77 -11.79 15.95
CA ALA B 455 -24.56 -12.95 16.37
C ALA B 455 -23.93 -14.23 15.85
N ASN B 456 -24.06 -15.30 16.63
CA ASN B 456 -23.34 -16.53 16.35
C ASN B 456 -23.96 -17.65 17.17
N GLY B 457 -23.62 -18.89 16.80
CA GLY B 457 -24.08 -20.06 17.53
C GLY B 457 -25.00 -21.00 16.75
N CYS B 458 -25.40 -20.70 15.52
CA CYS B 458 -26.26 -21.60 14.77
C CYS B 458 -25.48 -22.67 14.02
N GLY B 459 -24.15 -22.67 14.11
CA GLY B 459 -23.30 -23.62 13.43
C GLY B 459 -22.69 -23.04 12.17
N THR B 460 -21.81 -23.84 11.57
CA THR B 460 -21.22 -23.45 10.30
C THR B 460 -22.13 -23.87 9.15
N GLY B 461 -21.97 -23.20 8.01
CA GLY B 461 -22.62 -23.64 6.78
C GLY B 461 -24.05 -23.18 6.57
N LYS B 462 -24.53 -22.23 7.34
CA LYS B 462 -25.88 -21.75 7.24
C LYS B 462 -25.95 -20.54 6.33
N PRO B 463 -27.15 -20.20 5.84
CA PRO B 463 -27.29 -18.95 5.06
C PRO B 463 -26.89 -17.74 5.87
N VAL B 464 -26.40 -16.73 5.15
CA VAL B 464 -25.94 -15.49 5.78
C VAL B 464 -27.03 -14.87 6.66
N ALA B 465 -28.26 -14.79 6.15
CA ALA B 465 -29.34 -14.17 6.92
C ALA B 465 -29.65 -14.93 8.20
N THR B 466 -29.35 -16.23 8.26
CA THR B 466 -29.58 -17.00 9.48
C THR B 466 -28.68 -16.52 10.62
N TYR B 467 -27.43 -16.17 10.32
CA TYR B 467 -26.57 -15.62 11.37
C TYR B 467 -27.05 -14.22 11.76
N GLU B 468 -27.34 -13.38 10.76
CA GLU B 468 -27.64 -11.98 11.03
C GLU B 468 -28.89 -11.80 11.88
N THR B 469 -29.86 -12.70 11.75
CA THR B 469 -31.11 -12.61 12.52
C THR B 469 -31.16 -13.61 13.68
N PHE B 470 -30.06 -14.29 13.99
CA PHE B 470 -30.09 -15.36 14.98
C PHE B 470 -30.41 -14.85 16.38
N TRP B 471 -30.08 -13.58 16.67
CA TRP B 471 -30.31 -13.00 17.98
C TRP B 471 -31.45 -11.98 17.97
N GLY B 472 -32.37 -12.09 17.02
CA GLY B 472 -33.56 -11.27 17.01
C GLY B 472 -33.47 -9.95 16.30
N GLN B 473 -32.32 -9.62 15.69
CA GLN B 473 -32.34 -8.36 14.97
C GLN B 473 -32.77 -8.55 13.53
N PRO B 474 -33.37 -7.54 12.90
CA PRO B 474 -33.69 -7.62 11.48
C PRO B 474 -32.44 -7.46 10.63
N GLU B 475 -32.53 -7.90 9.38
CA GLU B 475 -31.42 -7.68 8.45
C GLU B 475 -31.18 -6.20 8.27
N THR B 476 -29.90 -5.81 8.23
CA THR B 476 -29.53 -4.41 8.09
C THR B 476 -29.83 -3.90 6.68
N THR B 477 -30.23 -2.62 6.60
CA THR B 477 -30.54 -1.98 5.33
C THR B 477 -29.86 -0.62 5.25
N GLN B 478 -29.87 -0.08 4.03
CA GLN B 478 -29.32 1.25 3.81
C GLN B 478 -30.07 2.32 4.61
N ASP B 479 -31.40 2.17 4.74
CA ASP B 479 -32.17 3.20 5.43
C ASP B 479 -31.79 3.34 6.89
N MET B 480 -31.32 2.25 7.50
CA MET B 480 -30.85 2.31 8.88
C MET B 480 -29.66 3.24 9.02
N MET B 481 -28.68 3.10 8.12
CA MET B 481 -27.51 3.99 8.15
C MET B 481 -27.90 5.41 7.80
N THR B 482 -28.79 5.58 6.81
CA THR B 482 -29.28 6.91 6.48
C THR B 482 -29.97 7.56 7.68
N PHE B 483 -30.81 6.80 8.39
CA PHE B 483 -31.50 7.34 9.55
C PHE B 483 -30.50 7.86 10.59
N LEU B 484 -29.45 7.10 10.88
CA LEU B 484 -28.48 7.55 11.88
C LEU B 484 -27.86 8.88 11.49
N MET B 485 -27.45 9.02 10.22
CA MET B 485 -26.82 10.27 9.78
C MET B 485 -27.80 11.42 9.84
N GLN B 486 -29.00 11.23 9.31
CA GLN B 486 -30.01 12.29 9.32
CA GLN B 486 -30.04 12.26 9.33
C GLN B 486 -30.38 12.70 10.74
N ASN B 487 -30.11 11.88 11.75
CA ASN B 487 -30.54 12.17 13.11
C ASN B 487 -29.38 12.48 14.05
N GLY B 488 -28.28 12.99 13.51
CA GLY B 488 -27.22 13.57 14.33
C GLY B 488 -26.14 12.62 14.81
N PHE B 489 -26.07 11.41 14.27
CA PHE B 489 -24.99 10.48 14.57
C PHE B 489 -24.03 10.45 13.40
N ASN B 490 -22.73 10.40 13.67
CA ASN B 490 -21.72 10.44 12.63
C ASN B 490 -20.83 9.20 12.59
N ALA B 491 -21.06 8.21 13.44
CA ALA B 491 -20.19 7.04 13.47
C ALA B 491 -20.98 5.82 13.91
N VAL B 492 -20.74 4.69 13.25
CA VAL B 492 -21.36 3.42 13.61
C VAL B 492 -20.26 2.38 13.82
N ARG B 493 -20.37 1.62 14.89
CA ARG B 493 -19.49 0.48 15.12
C ARG B 493 -20.22 -0.79 14.72
N ILE B 494 -19.58 -1.59 13.87
CA ILE B 494 -20.18 -2.78 13.29
C ILE B 494 -19.47 -4.02 13.83
N PRO B 495 -19.94 -4.57 14.95
CA PRO B 495 -19.34 -5.80 15.47
C PRO B 495 -19.56 -6.97 14.52
N VAL B 496 -18.51 -7.76 14.30
CA VAL B 496 -18.58 -8.95 13.46
C VAL B 496 -17.90 -10.11 14.17
N THR B 497 -18.59 -11.26 14.22
CA THR B 497 -18.02 -12.49 14.74
C THR B 497 -17.69 -13.39 13.55
N TRP B 498 -16.49 -13.97 13.55
CA TRP B 498 -15.97 -14.59 12.33
C TRP B 498 -15.85 -16.11 12.37
N TYR B 499 -15.76 -16.74 13.55
CA TYR B 499 -15.28 -18.13 13.61
C TYR B 499 -16.21 -19.09 12.86
N GLU B 500 -17.52 -18.85 12.89
CA GLU B 500 -18.42 -19.75 12.18
C GLU B 500 -18.36 -19.58 10.67
N HIS B 501 -17.66 -18.58 10.16
CA HIS B 501 -17.54 -18.33 8.74
C HIS B 501 -16.16 -18.66 8.20
N MET B 502 -15.32 -19.31 9.00
CA MET B 502 -13.97 -19.68 8.60
C MET B 502 -13.92 -21.19 8.43
N ASP B 503 -13.33 -21.65 7.32
CA ASP B 503 -13.21 -23.08 7.07
C ASP B 503 -12.03 -23.62 7.88
N ALA B 504 -11.70 -24.90 7.66
CA ALA B 504 -10.65 -25.55 8.44
C ALA B 504 -9.30 -24.88 8.25
N GLU B 505 -9.06 -24.27 7.09
CA GLU B 505 -7.79 -23.62 6.79
C GLU B 505 -7.81 -22.12 7.08
N GLY B 506 -8.87 -21.61 7.71
CA GLY B 506 -8.93 -20.21 8.10
C GLY B 506 -9.43 -19.26 7.04
N ASN B 507 -9.96 -19.77 5.92
CA ASN B 507 -10.48 -18.88 4.88
C ASN B 507 -11.90 -18.48 5.22
N VAL B 508 -12.19 -17.19 5.02
CA VAL B 508 -13.51 -16.65 5.34
C VAL B 508 -14.47 -16.94 4.18
N ASP B 509 -15.64 -17.48 4.51
CA ASP B 509 -16.68 -17.71 3.51
C ASP B 509 -16.96 -16.43 2.73
N GLU B 510 -16.95 -16.54 1.40
CA GLU B 510 -17.03 -15.36 0.55
C GLU B 510 -18.37 -14.64 0.68
N ALA B 511 -19.47 -15.40 0.80
CA ALA B 511 -20.78 -14.77 0.96
C ALA B 511 -20.83 -13.95 2.24
N TRP B 512 -20.18 -14.41 3.31
CA TRP B 512 -20.16 -13.66 4.55
C TRP B 512 -19.36 -12.37 4.40
N MET B 513 -18.15 -12.47 3.85
CA MET B 513 -17.35 -11.27 3.65
C MET B 513 -18.05 -10.28 2.72
N MET B 514 -18.82 -10.78 1.74
CA MET B 514 -19.59 -9.90 0.87
C MET B 514 -20.67 -9.18 1.65
N ARG B 515 -21.28 -9.86 2.62
CA ARG B 515 -22.31 -9.22 3.44
C ARG B 515 -21.71 -8.15 4.34
N VAL B 516 -20.55 -8.42 4.94
CA VAL B 516 -19.87 -7.39 5.73
C VAL B 516 -19.61 -6.16 4.87
N LYS B 517 -19.17 -6.37 3.62
CA LYS B 517 -18.88 -5.26 2.72
C LYS B 517 -20.12 -4.44 2.42
N ALA B 518 -21.25 -5.11 2.18
CA ALA B 518 -22.47 -4.39 1.86
C ALA B 518 -22.90 -3.48 3.00
N ILE B 519 -22.73 -3.94 4.25
CA ILE B 519 -23.13 -3.11 5.38
C ILE B 519 -22.13 -1.97 5.58
N VAL B 520 -20.85 -2.23 5.34
CA VAL B 520 -19.86 -1.16 5.31
C VAL B 520 -20.26 -0.12 4.26
N GLU B 521 -20.68 -0.59 3.09
CA GLU B 521 -21.10 0.30 2.01
C GLU B 521 -22.33 1.12 2.41
N TYR B 522 -23.28 0.50 3.12
CA TYR B 522 -24.42 1.25 3.64
C TYR B 522 -23.94 2.46 4.42
N ALA B 523 -22.97 2.24 5.32
CA ALA B 523 -22.48 3.31 6.17
C ALA B 523 -21.67 4.33 5.38
N MET B 524 -20.79 3.87 4.48
CA MET B 524 -20.03 4.79 3.66
C MET B 524 -20.96 5.66 2.80
N ASN B 525 -22.00 5.06 2.23
CA ASN B 525 -22.95 5.82 1.42
C ASN B 525 -23.68 6.88 2.23
N ALA B 526 -23.94 6.59 3.50
CA ALA B 526 -24.61 7.56 4.35
C ALA B 526 -23.69 8.70 4.77
N GLY B 527 -22.39 8.59 4.54
CA GLY B 527 -21.46 9.60 5.02
C GLY B 527 -20.97 9.39 6.44
N LEU B 528 -21.19 8.21 7.02
CA LEU B 528 -20.77 7.93 8.38
C LEU B 528 -19.34 7.44 8.44
N TYR B 529 -18.73 7.58 9.61
CA TYR B 529 -17.58 6.78 9.96
C TYR B 529 -18.05 5.39 10.36
N ALA B 530 -17.28 4.35 10.01
CA ALA B 530 -17.62 2.99 10.36
C ALA B 530 -16.42 2.24 10.91
N ILE B 531 -16.68 1.39 11.91
CA ILE B 531 -15.67 0.54 12.53
C ILE B 531 -16.10 -0.91 12.32
N VAL B 532 -15.19 -1.72 11.78
CA VAL B 532 -15.39 -3.17 11.68
C VAL B 532 -14.39 -3.85 12.60
N ASN B 533 -14.85 -4.83 13.36
CA ASN B 533 -13.99 -5.43 14.36
C ASN B 533 -14.03 -6.95 14.33
N VAL B 534 -13.36 -7.56 15.29
CA VAL B 534 -13.42 -9.00 15.54
C VAL B 534 -13.97 -9.13 16.95
N HIS B 535 -15.17 -9.74 17.09
CA HIS B 535 -16.01 -9.52 18.26
C HIS B 535 -16.08 -10.81 19.08
N HIS B 536 -17.11 -11.65 18.90
CA HIS B 536 -17.25 -12.78 19.84
C HIS B 536 -16.29 -13.93 19.56
N ASP B 537 -15.30 -13.65 18.71
CA ASP B 537 -14.10 -14.47 18.68
C ASP B 537 -13.24 -14.30 19.93
N THR B 538 -13.51 -13.26 20.72
CA THR B 538 -12.90 -13.01 22.01
C THR B 538 -13.93 -13.15 23.12
N ALA B 539 -13.43 -13.17 24.35
CA ALA B 539 -14.19 -13.16 25.61
C ALA B 539 -14.71 -14.55 25.97
N ALA B 540 -15.89 -14.61 26.58
CA ALA B 540 -16.30 -15.78 27.36
C ALA B 540 -17.29 -16.69 26.62
N GLY B 541 -17.58 -16.42 25.35
CA GLY B 541 -18.44 -17.29 24.59
C GLY B 541 -17.83 -18.65 24.33
N SER B 542 -18.66 -19.57 23.83
CA SER B 542 -18.20 -20.92 23.53
C SER B 542 -17.25 -20.95 22.34
N GLY B 543 -17.55 -20.19 21.29
CA GLY B 543 -16.70 -20.19 20.12
C GLY B 543 -15.48 -19.29 20.19
N ALA B 544 -15.28 -18.57 21.30
CA ALA B 544 -14.12 -17.68 21.41
C ALA B 544 -12.82 -18.46 21.30
N TRP B 545 -11.89 -17.93 20.51
CA TRP B 545 -10.61 -18.58 20.29
C TRP B 545 -9.41 -17.64 20.41
N ILE B 546 -9.63 -16.33 20.53
CA ILE B 546 -8.56 -15.35 20.71
C ILE B 546 -8.52 -15.02 22.20
N LYS B 547 -7.42 -15.38 22.87
CA LYS B 547 -7.36 -15.26 24.31
C LYS B 547 -5.98 -14.78 24.75
N ALA B 548 -5.97 -13.93 25.78
CA ALA B 548 -4.73 -13.36 26.31
C ALA B 548 -4.04 -14.43 27.16
N ASP B 549 -3.37 -15.34 26.47
CA ASP B 549 -2.74 -16.49 27.09
C ASP B 549 -1.59 -16.94 26.21
N THR B 550 -0.45 -17.27 26.83
CA THR B 550 0.76 -17.59 26.08
C THR B 550 0.52 -18.75 25.10
N ASP B 551 -0.10 -19.83 25.58
CA ASP B 551 -0.29 -21.00 24.74
C ASP B 551 -1.37 -20.77 23.69
N VAL B 552 -2.45 -20.08 24.06
CA VAL B 552 -3.48 -19.76 23.07
C VAL B 552 -2.90 -18.88 21.97
N TYR B 553 -2.09 -17.88 22.34
CA TYR B 553 -1.49 -17.01 21.33
C TYR B 553 -0.66 -17.83 20.35
N ALA B 554 0.14 -18.77 20.86
CA ALA B 554 0.97 -19.58 19.98
C ALA B 554 0.14 -20.40 19.00
N ALA B 555 -1.00 -20.94 19.45
CA ALA B 555 -1.84 -21.75 18.59
C ALA B 555 -2.72 -20.94 17.65
N THR B 556 -2.84 -19.64 17.85
CA THR B 556 -3.78 -18.83 17.06
C THR B 556 -3.14 -17.67 16.33
N LYS B 557 -1.85 -17.40 16.55
CA LYS B 557 -1.20 -16.23 15.94
C LYS B 557 -1.42 -16.19 14.43
N GLU B 558 -1.17 -17.29 13.75
CA GLU B 558 -1.23 -17.29 12.29
C GLU B 558 -2.68 -17.21 11.81
N LYS B 559 -3.59 -17.94 12.48
CA LYS B 559 -5.01 -17.81 12.16
C LYS B 559 -5.49 -16.37 12.30
N PHE B 560 -5.06 -15.68 13.37
CA PHE B 560 -5.49 -14.30 13.59
C PHE B 560 -4.95 -13.37 12.51
N LYS B 561 -3.67 -13.50 12.17
CA LYS B 561 -3.10 -12.68 11.11
C LYS B 561 -3.73 -13.00 9.76
N LYS B 562 -4.02 -14.28 9.50
CA LYS B 562 -4.65 -14.66 8.24
C LYS B 562 -6.07 -14.11 8.15
N LEU B 563 -6.79 -14.10 9.27
CA LEU B 563 -8.10 -13.46 9.32
C LEU B 563 -7.99 -11.98 8.96
N TRP B 564 -7.06 -11.27 9.61
CA TRP B 564 -6.99 -9.83 9.37
C TRP B 564 -6.45 -9.51 7.99
N THR B 565 -5.57 -10.35 7.44
CA THR B 565 -5.15 -10.13 6.06
C THR B 565 -6.35 -10.20 5.11
N GLN B 566 -7.22 -11.19 5.30
CA GLN B 566 -8.41 -11.31 4.47
C GLN B 566 -9.34 -10.11 4.65
N ILE B 567 -9.58 -9.69 5.90
CA ILE B 567 -10.47 -8.55 6.11
C ILE B 567 -9.88 -7.31 5.47
N ALA B 568 -8.59 -7.04 5.73
CA ALA B 568 -7.95 -5.84 5.20
C ALA B 568 -7.99 -5.80 3.67
N ASN B 569 -7.71 -6.93 3.02
CA ASN B 569 -7.73 -6.94 1.56
C ASN B 569 -9.15 -6.75 1.04
N ALA B 570 -10.15 -7.31 1.73
CA ALA B 570 -11.52 -7.21 1.23
C ALA B 570 -12.09 -5.81 1.37
N LEU B 571 -11.69 -5.06 2.40
CA LEU B 571 -12.19 -3.71 2.62
C LEU B 571 -11.17 -2.64 2.24
N ALA B 572 -10.13 -3.01 1.48
CA ALA B 572 -9.00 -2.11 1.25
C ALA B 572 -9.39 -0.83 0.52
N ASP B 573 -10.42 -0.89 -0.33
CA ASP B 573 -10.72 0.24 -1.21
C ASP B 573 -11.58 1.32 -0.58
N TYR B 574 -12.14 1.10 0.61
CA TYR B 574 -12.96 2.13 1.24
C TYR B 574 -12.07 3.24 1.82
N ASP B 575 -12.59 4.46 1.81
CA ASP B 575 -11.76 5.60 2.15
C ASP B 575 -11.56 5.65 3.67
N GLN B 576 -10.96 6.75 4.15
CA GLN B 576 -10.56 6.88 5.54
C GLN B 576 -11.72 6.89 6.52
N HIS B 577 -12.97 6.89 6.06
CA HIS B 577 -14.09 6.84 6.98
C HIS B 577 -14.30 5.45 7.58
N LEU B 578 -13.62 4.44 7.05
CA LEU B 578 -13.70 3.09 7.58
C LEU B 578 -12.46 2.80 8.42
N LEU B 579 -12.67 2.31 9.65
CA LEU B 579 -11.59 1.98 10.57
C LEU B 579 -11.66 0.50 10.94
N PHE B 580 -10.51 -0.08 11.29
CA PHE B 580 -10.46 -1.47 11.75
C PHE B 580 -10.20 -1.51 13.24
N GLU B 581 -10.93 -2.38 13.95
CA GLU B 581 -10.71 -2.65 15.36
C GLU B 581 -10.26 -4.09 15.53
N GLY B 582 -9.04 -4.27 16.07
CA GLY B 582 -8.40 -5.57 15.99
C GLY B 582 -9.12 -6.69 16.72
N TYR B 583 -9.66 -6.40 17.91
CA TYR B 583 -10.32 -7.40 18.73
C TYR B 583 -11.18 -6.67 19.76
N ASN B 584 -12.17 -7.39 20.31
CA ASN B 584 -13.18 -6.76 21.15
C ASN B 584 -12.80 -6.77 22.64
N GLU B 585 -13.15 -7.82 23.38
CA GLU B 585 -12.84 -7.90 24.80
C GLU B 585 -12.05 -9.18 25.06
N MET B 586 -10.74 -9.10 24.88
CA MET B 586 -9.88 -10.27 25.06
C MET B 586 -9.67 -10.53 26.54
N LEU B 587 -9.91 -11.77 26.97
CA LEU B 587 -9.68 -12.25 28.32
C LEU B 587 -8.64 -13.36 28.29
N ASP B 588 -8.15 -13.73 29.47
CA ASP B 588 -7.22 -14.86 29.57
C ASP B 588 -8.00 -16.17 29.50
N GLY B 589 -7.28 -17.29 29.65
CA GLY B 589 -7.87 -18.60 29.48
C GLY B 589 -8.90 -18.97 30.53
N ASN B 590 -8.96 -18.23 31.63
CA ASN B 590 -9.98 -18.41 32.67
C ASN B 590 -11.10 -17.39 32.57
N ASN B 591 -11.12 -16.56 31.53
CA ASN B 591 -12.14 -15.53 31.36
C ASN B 591 -12.17 -14.56 32.54
N SER B 592 -10.99 -14.18 33.04
CA SER B 592 -10.91 -13.22 34.14
C SER B 592 -11.20 -11.82 33.62
N TRP B 593 -12.22 -11.18 34.18
CA TRP B 593 -12.76 -9.96 33.59
C TRP B 593 -12.02 -8.69 34.01
N ASP B 594 -11.51 -8.61 35.22
CA ASP B 594 -10.91 -7.35 35.62
C ASP B 594 -9.48 -7.23 35.11
N GLU B 595 -8.68 -8.27 35.32
CA GLU B 595 -7.30 -8.32 34.86
C GLU B 595 -6.93 -9.78 34.70
N PRO B 596 -5.89 -10.08 33.93
CA PRO B 596 -5.47 -11.48 33.77
C PRO B 596 -4.90 -12.02 35.06
N GLN B 597 -5.04 -13.34 35.25
CA GLN B 597 -4.50 -13.98 36.44
C GLN B 597 -2.97 -13.93 36.45
N LYS B 598 -2.35 -14.01 35.28
CA LYS B 598 -0.91 -13.98 35.13
C LYS B 598 -0.51 -12.78 34.28
N ALA B 599 0.63 -12.19 34.62
CA ALA B 599 1.12 -11.02 33.89
C ALA B 599 1.45 -11.35 32.44
N SER B 600 1.81 -12.60 32.15
CA SER B 600 2.07 -12.97 30.76
C SER B 600 0.83 -12.81 29.88
N GLY B 601 -0.34 -12.67 30.48
CA GLY B 601 -1.54 -12.39 29.70
C GLY B 601 -1.47 -11.04 28.99
N TYR B 602 -0.92 -10.03 29.67
CA TYR B 602 -0.70 -8.75 29.01
C TYR B 602 0.23 -8.90 27.81
N GLU B 603 1.24 -9.79 27.93
CA GLU B 603 2.20 -9.97 26.85
C GLU B 603 1.52 -10.55 25.61
N ALA B 604 0.63 -11.54 25.82
CA ALA B 604 -0.13 -12.11 24.71
C ALA B 604 -1.02 -11.05 24.06
N LEU B 605 -1.68 -10.22 24.88
CA LEU B 605 -2.54 -9.16 24.35
C LEU B 605 -1.74 -8.21 23.47
N ASN B 606 -0.62 -7.72 23.98
CA ASN B 606 0.21 -6.78 23.23
C ASN B 606 0.72 -7.40 21.93
N ASN B 607 0.97 -8.71 21.93
CA ASN B 607 1.46 -9.37 20.73
C ASN B 607 0.37 -9.43 19.65
N TYR B 608 -0.84 -9.85 20.04
CA TYR B 608 -2.00 -9.80 19.16
C TYR B 608 -2.17 -8.41 18.56
N ALA B 609 -2.09 -7.38 19.40
CA ALA B 609 -2.26 -6.01 18.92
C ALA B 609 -1.20 -5.65 17.90
N GLN B 610 0.07 -5.96 18.20
CA GLN B 610 1.13 -5.74 17.23
C GLN B 610 0.91 -6.54 15.96
N ASP B 611 0.46 -7.79 16.09
CA ASP B 611 0.22 -8.61 14.90
C ASP B 611 -0.92 -8.06 14.05
N PHE B 612 -1.94 -7.50 14.70
CA PHE B 612 -3.07 -6.92 13.97
C PHE B 612 -2.61 -5.72 13.15
N VAL B 613 -1.85 -4.81 13.78
CA VAL B 613 -1.33 -3.65 13.06
C VAL B 613 -0.42 -4.09 11.91
N ASP B 614 0.45 -5.07 12.17
CA ASP B 614 1.37 -5.54 11.14
C ASP B 614 0.63 -6.15 9.96
N ALA B 615 -0.34 -7.02 10.24
CA ALA B 615 -1.07 -7.69 9.15
C ALA B 615 -1.83 -6.68 8.30
N VAL B 616 -2.39 -5.64 8.91
CA VAL B 616 -3.14 -4.65 8.14
C VAL B 616 -2.19 -3.78 7.33
N ARG B 617 -1.11 -3.29 7.96
CA ARG B 617 -0.20 -2.41 7.23
C ARG B 617 0.50 -3.15 6.10
N ALA B 618 0.70 -4.46 6.25
CA ALA B 618 1.40 -5.24 5.23
C ALA B 618 0.64 -5.25 3.89
N THR B 619 -0.67 -5.02 3.90
CA THR B 619 -1.44 -5.03 2.67
C THR B 619 -1.32 -3.72 1.89
N GLY B 620 -0.74 -2.66 2.47
CA GLY B 620 -0.46 -1.44 1.72
C GLY B 620 -1.71 -0.69 1.30
N GLY B 621 -1.60 0.04 0.18
CA GLY B 621 -2.70 0.84 -0.32
C GLY B 621 -3.21 1.83 0.71
N ASN B 622 -4.53 1.97 0.78
CA ASN B 622 -5.16 2.79 1.82
C ASN B 622 -4.87 2.25 3.22
N ASN B 623 -4.64 0.95 3.35
CA ASN B 623 -4.41 0.37 4.66
C ASN B 623 -3.06 0.76 5.25
N ALA B 624 -2.17 1.38 4.47
CA ALA B 624 -0.93 1.89 5.04
C ALA B 624 -1.17 3.01 6.05
N THR B 625 -2.25 3.77 5.89
CA THR B 625 -2.52 4.88 6.80
C THR B 625 -3.91 4.86 7.41
N ARG B 626 -4.72 3.83 7.14
CA ARG B 626 -6.03 3.72 7.77
C ARG B 626 -5.89 3.74 9.29
N ASN B 627 -6.81 4.43 9.96
CA ASN B 627 -6.82 4.47 11.41
C ASN B 627 -7.26 3.12 11.97
N LEU B 628 -6.48 2.60 12.91
CA LEU B 628 -6.73 1.30 13.54
C LEU B 628 -7.00 1.47 15.02
N ILE B 629 -7.85 0.62 15.58
CA ILE B 629 -8.27 0.72 16.97
C ILE B 629 -7.78 -0.50 17.74
N VAL B 630 -7.16 -0.26 18.89
CA VAL B 630 -6.58 -1.30 19.73
C VAL B 630 -7.24 -1.24 21.10
N ASN B 631 -7.73 -2.37 21.58
CA ASN B 631 -8.47 -2.40 22.84
C ASN B 631 -7.58 -2.85 23.98
N THR B 632 -7.83 -2.31 25.18
CA THR B 632 -7.14 -2.78 26.37
C THR B 632 -7.59 -4.20 26.72
N TYR B 633 -6.93 -4.79 27.71
CA TYR B 633 -7.38 -6.08 28.23
C TYR B 633 -8.83 -5.93 28.69
N ALA B 634 -9.70 -6.83 28.22
CA ALA B 634 -11.11 -6.84 28.58
C ALA B 634 -11.82 -5.53 28.22
N ALA B 635 -11.22 -4.70 27.38
CA ALA B 635 -11.64 -3.31 27.19
C ALA B 635 -11.83 -2.61 28.53
N ALA B 636 -11.06 -3.02 29.54
CA ALA B 636 -11.16 -2.50 30.89
C ALA B 636 -10.24 -1.28 31.07
N LYS B 637 -10.42 -0.59 32.20
CA LYS B 637 -9.81 0.73 32.42
C LYS B 637 -9.15 0.85 33.79
N GLY B 638 -8.96 -0.25 34.51
CA GLY B 638 -8.28 -0.20 35.79
C GLY B 638 -6.81 0.19 35.64
N GLU B 639 -6.19 0.51 36.77
CA GLU B 639 -4.84 1.04 36.74
C GLU B 639 -3.84 -0.02 36.25
N ASN B 640 -4.02 -1.27 36.68
CA ASN B 640 -3.12 -2.32 36.22
C ASN B 640 -3.26 -2.58 34.72
N VAL B 641 -4.50 -2.63 34.23
CA VAL B 641 -4.74 -2.84 32.81
C VAL B 641 -4.11 -1.71 31.99
N LEU B 642 -4.28 -0.47 32.43
CA LEU B 642 -3.73 0.65 31.66
C LEU B 642 -2.20 0.69 31.75
N ASN B 643 -1.65 0.44 32.94
CA ASN B 643 -0.19 0.48 33.09
C ASN B 643 0.50 -0.63 32.30
N ASN B 644 -0.16 -1.77 32.10
CA ASN B 644 0.41 -2.88 31.37
C ASN B 644 -0.01 -2.90 29.90
N PHE B 645 -0.72 -1.88 29.44
CA PHE B 645 -1.10 -1.79 28.04
C PHE B 645 0.03 -1.14 27.26
N MET B 646 0.45 -1.79 26.17
CA MET B 646 1.53 -1.28 25.33
C MET B 646 0.97 -1.03 23.93
N LEU B 647 1.08 0.21 23.46
CA LEU B 647 0.60 0.54 22.14
C LEU B 647 1.49 -0.09 21.07
N PRO B 648 0.91 -0.70 20.04
CA PRO B 648 1.73 -1.29 18.97
C PRO B 648 2.58 -0.25 18.27
N THR B 649 3.73 -0.71 17.76
CA THR B 649 4.61 0.12 16.96
C THR B 649 4.08 0.20 15.53
N ASP B 650 3.99 1.43 15.00
CA ASP B 650 3.43 1.70 13.69
C ASP B 650 4.46 2.47 12.86
N ALA B 651 4.59 2.11 11.58
CA ALA B 651 5.52 2.83 10.72
C ALA B 651 5.02 4.22 10.36
N VAL B 652 3.71 4.45 10.39
CA VAL B 652 3.14 5.76 10.17
C VAL B 652 2.75 6.36 11.51
N ASN B 653 2.52 7.66 11.52
CA ASN B 653 2.32 8.41 12.74
C ASN B 653 0.86 8.81 12.91
N ASN B 654 0.38 8.73 14.16
CA ASN B 654 -0.93 9.22 14.57
C ASN B 654 -2.07 8.52 13.82
N HIS B 655 -2.00 7.20 13.76
CA HIS B 655 -3.09 6.44 13.14
C HIS B 655 -3.55 5.28 14.01
N LEU B 656 -3.42 5.43 15.33
CA LEU B 656 -3.90 4.45 16.29
C LEU B 656 -4.85 5.11 17.27
N ILE B 657 -5.89 4.37 17.65
CA ILE B 657 -6.87 4.79 18.65
C ILE B 657 -6.95 3.67 19.69
N VAL B 658 -7.11 4.04 20.96
CA VAL B 658 -7.36 3.07 22.01
C VAL B 658 -8.85 3.06 22.31
N GLN B 659 -9.38 1.87 22.58
CA GLN B 659 -10.80 1.71 22.91
C GLN B 659 -10.95 1.00 24.24
N VAL B 660 -11.83 1.53 25.09
CA VAL B 660 -12.30 0.86 26.29
C VAL B 660 -13.82 0.90 26.29
N HIS B 661 -14.42 0.10 27.16
CA HIS B 661 -15.87 0.04 27.33
C HIS B 661 -16.24 0.49 28.73
N SER B 662 -17.46 1.00 28.90
CA SER B 662 -17.87 1.52 30.20
C SER B 662 -19.35 1.27 30.43
N TYR B 663 -19.66 0.32 31.30
CA TYR B 663 -21.00 0.17 31.84
C TYR B 663 -21.04 0.60 33.30
N ASP B 664 -20.13 1.51 33.70
CA ASP B 664 -19.94 1.93 35.08
C ASP B 664 -20.99 2.96 35.50
N PRO B 665 -21.33 3.01 36.80
CA PRO B 665 -20.92 2.05 37.83
C PRO B 665 -21.64 0.72 37.59
N TRP B 666 -20.90 -0.37 37.69
CA TRP B 666 -21.40 -1.66 37.24
C TRP B 666 -22.74 -1.98 37.91
N ASN B 667 -23.69 -2.39 37.08
CA ASN B 667 -25.02 -2.81 37.52
C ASN B 667 -25.85 -1.67 38.11
N PHE B 668 -25.54 -0.42 37.75
CA PHE B 668 -26.29 0.71 38.30
C PHE B 668 -27.76 0.68 37.89
N PHE B 669 -28.07 0.13 36.71
CA PHE B 669 -29.46 0.10 36.27
C PHE B 669 -30.33 -0.74 37.19
N ASN B 670 -29.75 -1.75 37.85
CA ASN B 670 -30.49 -2.60 38.77
C ASN B 670 -30.49 -2.04 40.19
N THR B 671 -29.46 -1.29 40.57
CA THR B 671 -29.25 -0.91 41.96
C THR B 671 -29.50 0.56 42.25
N LYS B 672 -29.50 1.43 41.24
CA LYS B 672 -29.67 2.86 41.43
C LYS B 672 -31.06 3.32 41.01
N THR B 673 -31.58 4.31 41.72
CA THR B 673 -32.85 4.93 41.33
C THR B 673 -32.62 6.14 40.42
N THR B 674 -31.61 6.95 40.70
CA THR B 674 -31.27 8.10 39.86
C THR B 674 -29.77 8.10 39.58
N TRP B 675 -29.39 8.84 38.54
CA TRP B 675 -27.98 9.00 38.16
C TRP B 675 -27.40 10.07 39.06
N ASP B 676 -26.91 9.66 40.24
CA ASP B 676 -26.56 10.59 41.31
C ASP B 676 -25.10 11.04 41.17
N SER B 677 -24.61 11.76 42.19
CA SER B 677 -23.24 12.26 42.16
C SER B 677 -22.22 11.14 42.19
N GLU B 678 -22.52 10.02 42.86
CA GLU B 678 -21.62 8.88 42.83
C GLU B 678 -21.47 8.32 41.41
N CYS B 679 -22.58 8.23 40.67
CA CYS B 679 -22.49 7.85 39.27
C CYS B 679 -21.65 8.85 38.48
N HIS B 680 -21.96 10.14 38.63
CA HIS B 680 -21.26 11.16 37.86
C HIS B 680 -19.77 11.17 38.19
N ASN B 681 -19.42 11.04 39.47
CA ASN B 681 -18.01 11.06 39.86
C ASN B 681 -17.26 9.84 39.37
N THR B 682 -17.91 8.68 39.32
CA THR B 682 -17.29 7.50 38.75
C THR B 682 -16.84 7.76 37.31
N LEU B 683 -17.73 8.34 36.49
CA LEU B 683 -17.37 8.64 35.11
C LEU B 683 -16.27 9.67 35.04
N THR B 684 -16.33 10.69 35.90
CA THR B 684 -15.31 11.74 35.92
C THR B 684 -13.92 11.15 36.16
N GLU B 685 -13.82 10.20 37.09
CA GLU B 685 -12.52 9.59 37.36
C GLU B 685 -12.08 8.69 36.22
N ILE B 686 -13.02 8.06 35.52
CA ILE B 686 -12.64 7.23 34.37
C ILE B 686 -11.98 8.09 33.30
N PHE B 687 -12.62 9.21 32.95
CA PHE B 687 -12.07 10.04 31.90
C PHE B 687 -10.80 10.73 32.36
N SER B 688 -10.74 11.12 33.64
CA SER B 688 -9.51 11.64 34.21
C SER B 688 -8.37 10.64 34.06
N ALA B 689 -8.59 9.40 34.47
CA ALA B 689 -7.56 8.37 34.36
C ALA B 689 -7.14 8.14 32.92
N LEU B 690 -8.10 8.12 32.00
CA LEU B 690 -7.76 7.87 30.60
C LEU B 690 -6.97 9.03 30.01
N SER B 691 -7.39 10.26 30.28
CA SER B 691 -6.69 11.42 29.74
C SER B 691 -5.30 11.58 30.36
N LYS B 692 -5.06 10.99 31.49
CA LYS B 692 -3.77 11.08 32.09
C LYS B 692 -2.85 10.06 31.45
N LYS B 693 -3.41 8.91 31.14
CA LYS B 693 -2.61 7.84 30.54
C LYS B 693 -2.28 8.13 29.08
N PHE B 694 -3.27 8.56 28.30
CA PHE B 694 -3.12 8.76 26.86
C PHE B 694 -3.13 10.25 26.55
N THR B 695 -1.94 10.82 26.36
CA THR B 695 -1.83 12.25 26.11
C THR B 695 -1.87 12.59 24.62
N THR B 696 -1.11 11.85 23.81
CA THR B 696 -1.08 12.09 22.37
C THR B 696 -1.91 11.07 21.57
N ILE B 697 -2.34 9.98 22.18
CA ILE B 697 -3.13 8.96 21.52
C ILE B 697 -4.60 9.16 21.88
N PRO B 698 -5.49 9.30 20.91
CA PRO B 698 -6.92 9.41 21.23
C PRO B 698 -7.45 8.09 21.75
N TYR B 699 -8.46 8.17 22.62
CA TYR B 699 -9.17 6.99 23.07
C TYR B 699 -10.66 7.21 22.89
N ILE B 700 -11.41 6.11 22.73
CA ILE B 700 -12.86 6.17 22.58
C ILE B 700 -13.54 5.24 23.57
N ILE B 701 -14.78 5.57 23.91
CA ILE B 701 -15.65 4.70 24.70
C ILE B 701 -16.44 3.89 23.68
N GLY B 702 -15.93 2.70 23.36
CA GLY B 702 -16.46 1.91 22.27
C GLY B 702 -17.81 1.27 22.55
N GLU B 703 -18.16 1.11 23.82
CA GLU B 703 -19.50 0.65 24.21
C GLU B 703 -19.85 1.27 25.54
N TYR B 704 -21.12 1.67 25.69
CA TYR B 704 -21.66 2.07 26.98
C TYR B 704 -23.16 1.90 26.94
N GLY B 705 -23.77 1.82 28.12
CA GLY B 705 -25.20 1.59 28.21
C GLY B 705 -25.58 1.18 29.62
N THR B 706 -26.84 0.77 29.77
CA THR B 706 -27.38 0.35 31.06
C THR B 706 -27.18 -1.14 31.34
N HIS B 707 -26.56 -1.88 30.42
CA HIS B 707 -26.47 -3.33 30.57
C HIS B 707 -25.65 -3.70 31.80
N GLY B 708 -26.24 -4.47 32.69
CA GLY B 708 -25.61 -4.91 33.91
C GLY B 708 -25.68 -6.42 34.04
N GLU B 709 -25.90 -6.88 35.27
CA GLU B 709 -25.94 -8.31 35.54
C GLU B 709 -27.08 -8.97 34.79
N SER B 710 -26.84 -10.21 34.35
CA SER B 710 -27.86 -11.04 33.70
C SER B 710 -28.40 -10.39 32.43
N ASP B 711 -27.58 -9.56 31.77
CA ASP B 711 -27.94 -8.90 30.52
C ASP B 711 -29.17 -8.02 30.64
N ILE B 712 -29.47 -7.55 31.85
CA ILE B 712 -30.63 -6.70 32.09
C ILE B 712 -30.31 -5.28 31.64
N SER B 713 -31.25 -4.64 30.95
CA SER B 713 -31.02 -3.30 30.42
C SER B 713 -32.35 -2.59 30.22
N VAL B 714 -32.24 -1.30 29.87
CA VAL B 714 -33.42 -0.44 29.65
C VAL B 714 -34.13 -0.86 28.35
N SER B 715 -35.44 -0.57 28.30
CA SER B 715 -36.20 -0.79 27.08
C SER B 715 -37.38 0.18 27.05
N LYS B 716 -38.14 0.12 25.95
CA LYS B 716 -39.36 0.90 25.81
C LYS B 716 -40.29 0.75 27.01
N SER B 717 -40.41 -0.48 27.52
CA SER B 717 -41.36 -0.79 28.57
C SER B 717 -40.85 -0.44 29.96
N SER B 718 -39.60 0.00 30.09
CA SER B 718 -39.06 0.27 31.41
C SER B 718 -39.87 1.37 32.10
N PRO B 719 -39.88 1.39 33.42
CA PRO B 719 -40.52 2.50 34.13
C PRO B 719 -39.89 3.83 33.74
N ALA B 720 -40.69 4.89 33.83
CA ALA B 720 -40.24 6.20 33.36
C ALA B 720 -38.97 6.64 34.07
N GLU B 721 -38.87 6.39 35.38
CA GLU B 721 -37.66 6.77 36.11
C GLU B 721 -36.46 5.97 35.65
N LYS B 722 -36.68 4.74 35.17
CA LYS B 722 -35.56 3.94 34.68
C LYS B 722 -35.10 4.43 33.31
N ILE B 723 -36.04 4.89 32.48
CA ILE B 723 -35.64 5.49 31.20
C ILE B 723 -34.90 6.80 31.46
N LYS B 724 -35.33 7.56 32.46
CA LYS B 724 -34.62 8.77 32.82
C LYS B 724 -33.23 8.44 33.34
N LEU B 725 -33.09 7.33 34.07
CA LEU B 725 -31.77 6.89 34.51
C LEU B 725 -30.86 6.61 33.32
N ALA B 726 -31.42 6.02 32.26
CA ALA B 726 -30.62 5.79 31.06
C ALA B 726 -30.29 7.10 30.35
N ALA B 727 -31.25 8.04 30.33
CA ALA B 727 -31.01 9.32 29.66
C ALA B 727 -29.93 10.11 30.37
N ASP B 728 -29.94 10.09 31.71
CA ASP B 728 -28.93 10.83 32.46
C ASP B 728 -27.54 10.25 32.26
N GLN B 729 -27.42 8.92 32.25
CA GLN B 729 -26.12 8.30 31.98
C GLN B 729 -25.58 8.72 30.63
N ALA B 730 -26.40 8.64 29.59
CA ALA B 730 -25.91 8.91 28.24
C ALA B 730 -25.56 10.40 28.06
N ALA B 731 -26.34 11.29 28.68
CA ALA B 731 -26.01 12.72 28.63
C ALA B 731 -24.67 13.01 29.29
N ASP B 732 -24.39 12.37 30.42
CA ASP B 732 -23.12 12.59 31.11
C ASP B 732 -21.96 12.00 30.31
N MET B 733 -22.14 10.77 29.82
CA MET B 733 -21.11 10.10 29.02
C MET B 733 -20.71 10.94 27.81
N VAL B 734 -21.70 11.41 27.06
CA VAL B 734 -21.44 12.16 25.82
C VAL B 734 -20.75 13.48 26.12
N LYS B 735 -21.16 14.15 27.20
CA LYS B 735 -20.58 15.44 27.53
C LYS B 735 -19.15 15.29 28.03
N LEU B 736 -18.91 14.36 28.94
CA LEU B 736 -17.56 14.15 29.44
C LEU B 736 -16.62 13.73 28.32
N ALA B 737 -17.10 12.90 27.39
CA ALA B 737 -16.24 12.47 26.28
C ALA B 737 -15.87 13.64 25.38
N LYS B 738 -16.84 14.50 25.07
CA LYS B 738 -16.55 15.69 24.27
C LYS B 738 -15.48 16.54 24.95
N ASP B 739 -15.61 16.77 26.26
CA ASP B 739 -14.69 17.64 26.98
C ASP B 739 -13.28 17.06 27.06
N HIS B 740 -13.14 15.75 26.92
CA HIS B 740 -11.84 15.11 26.92
C HIS B 740 -11.39 14.75 25.51
N HIS B 741 -12.09 15.24 24.48
CA HIS B 741 -11.73 15.01 23.09
C HIS B 741 -11.74 13.52 22.75
N SER B 742 -12.80 12.86 23.20
CA SER B 742 -13.02 11.44 22.94
C SER B 742 -14.30 11.28 22.13
N ALA B 743 -14.89 10.09 22.15
CA ALA B 743 -16.10 9.77 21.39
C ALA B 743 -16.69 8.51 22.01
N THR B 744 -17.99 8.33 21.82
CA THR B 744 -18.72 7.26 22.47
C THR B 744 -19.63 6.56 21.47
N PHE B 745 -19.90 5.28 21.72
CA PHE B 745 -20.76 4.46 20.87
C PHE B 745 -21.76 3.73 21.77
N TYR B 746 -23.04 4.10 21.66
CA TYR B 746 -24.08 3.51 22.49
C TYR B 746 -24.31 2.05 22.09
N TRP B 747 -24.44 1.17 23.08
CA TRP B 747 -24.69 -0.24 22.82
C TRP B 747 -26.19 -0.49 22.68
N MET B 748 -26.68 -0.45 21.43
CA MET B 748 -27.91 -1.10 21.00
C MET B 748 -29.22 -0.42 21.39
N SER B 749 -29.40 -0.05 22.67
CA SER B 749 -30.74 0.17 23.22
C SER B 749 -31.51 1.28 22.51
N ILE B 750 -30.83 2.31 22.02
CA ILE B 750 -31.56 3.43 21.45
C ILE B 750 -32.15 3.14 20.07
N PHE B 751 -31.72 2.05 19.39
CA PHE B 751 -32.10 1.79 17.99
C PHE B 751 -32.14 0.28 17.77
N ASP B 752 -33.25 -0.36 18.18
CA ASP B 752 -33.26 -1.78 18.48
C ASP B 752 -34.41 -2.53 17.81
N GLY B 753 -34.10 -3.71 17.28
CA GLY B 753 -35.12 -4.64 16.82
C GLY B 753 -36.00 -4.05 15.75
N SER B 754 -37.31 -4.17 15.94
CA SER B 754 -38.30 -3.70 14.98
C SER B 754 -38.21 -2.19 14.77
N ASP B 755 -37.70 -1.43 15.73
CA ASP B 755 -37.54 0.00 15.52
C ASP B 755 -36.60 0.28 14.36
N ARG B 756 -35.59 -0.57 14.15
CA ARG B 756 -34.66 -0.36 13.04
C ARG B 756 -35.37 -0.42 11.70
N ILE B 757 -36.40 -1.27 11.58
CA ILE B 757 -37.10 -1.45 10.32
C ILE B 757 -38.04 -0.28 10.03
N GLN B 758 -38.32 0.55 11.04
CA GLN B 758 -39.38 1.55 10.88
C GLN B 758 -38.99 2.66 9.92
N PRO B 759 -37.85 3.36 10.05
CA PRO B 759 -36.87 3.41 11.16
C PRO B 759 -37.27 4.47 12.19
N GLN B 760 -36.94 4.23 13.46
CA GLN B 760 -37.27 5.18 14.51
C GLN B 760 -36.45 4.84 15.74
N TRP B 761 -36.21 5.85 16.58
CA TRP B 761 -35.53 5.64 17.84
C TRP B 761 -36.37 4.74 18.75
N SER B 762 -35.71 3.76 19.36
CA SER B 762 -36.36 2.99 20.41
C SER B 762 -36.55 3.84 21.67
N LEU B 763 -35.59 4.73 21.96
CA LEU B 763 -35.61 5.56 23.17
C LEU B 763 -35.38 7.01 22.76
N PRO B 764 -36.44 7.71 22.35
CA PRO B 764 -36.28 9.10 21.90
C PRO B 764 -35.81 10.05 22.98
N THR B 765 -36.18 9.82 24.24
CA THR B 765 -35.75 10.71 25.32
C THR B 765 -34.25 10.60 25.57
N VAL B 766 -33.71 9.38 25.48
CA VAL B 766 -32.27 9.20 25.69
C VAL B 766 -31.50 9.85 24.56
N VAL B 767 -31.91 9.60 23.31
CA VAL B 767 -31.26 10.25 22.17
C VAL B 767 -31.34 11.77 22.29
N GLU B 768 -32.50 12.27 22.72
CA GLU B 768 -32.67 13.71 22.94
C GLU B 768 -31.67 14.24 23.94
N ALA B 769 -31.49 13.54 25.07
CA ALA B 769 -30.54 14.00 26.07
C ALA B 769 -29.11 13.98 25.52
N MET B 770 -28.79 12.98 24.68
CA MET B 770 -27.44 12.89 24.12
C MET B 770 -27.17 14.05 23.17
N GLN B 771 -28.12 14.34 22.29
CA GLN B 771 -27.94 15.41 21.31
C GLN B 771 -27.79 16.76 22.00
N GLU B 772 -28.63 17.03 23.00
CA GLU B 772 -28.52 18.27 23.74
C GLU B 772 -27.19 18.34 24.49
N ALA B 773 -26.69 17.20 24.97
CA ALA B 773 -25.39 17.21 25.64
C ALA B 773 -24.26 17.49 24.66
N TYR B 774 -24.26 16.80 23.51
CA TYR B 774 -23.20 17.00 22.52
C TYR B 774 -23.28 18.36 21.86
N ASN B 775 -24.43 18.70 21.30
CA ASN B 775 -24.58 19.89 20.47
C ASN B 775 -24.58 21.17 21.27
N ASN B 776 -24.45 21.10 22.60
CA ASN B 776 -24.30 22.28 23.42
C ASN B 776 -22.90 22.31 24.06
C1 GOL C . 13.38 -19.88 -16.89
O1 GOL C . 13.71 -20.95 -17.74
C2 GOL C . 12.74 -18.82 -17.79
O2 GOL C . 11.73 -19.34 -18.56
C3 GOL C . 12.21 -17.75 -16.81
O3 GOL C . 12.86 -16.57 -17.14
C1 GOL D . 22.09 -36.19 15.92
O1 GOL D . 22.77 -35.39 16.85
C2 GOL D . 22.39 -37.66 16.28
O2 GOL D . 22.32 -37.88 17.66
C3 GOL D . 21.35 -38.48 15.49
O3 GOL D . 21.68 -39.82 15.64
N1 EPE E . 18.32 20.47 -31.89
C2 EPE E . 18.00 19.05 -31.69
C3 EPE E . 18.26 18.59 -30.26
N4 EPE E . 19.63 18.88 -29.86
C5 EPE E . 20.37 19.80 -30.69
C6 EPE E . 19.46 20.96 -31.08
C7 EPE E . 20.03 18.64 -28.49
C8 EPE E . 19.44 17.37 -27.91
O8 EPE E . 18.29 17.68 -27.14
C9 EPE E . 18.61 20.69 -33.31
C10 EPE E . 17.32 20.95 -34.05
S EPE E . 17.66 21.76 -35.63
O1S EPE E . 16.68 21.33 -36.62
O2S EPE E . 19.00 21.40 -36.08
O3S EPE E . 17.57 23.21 -35.44
N1 EPE F . 18.16 13.83 -12.00
C2 EPE F . 17.20 12.77 -12.31
C3 EPE F . 17.63 12.11 -13.62
N4 EPE F . 17.74 13.10 -14.67
C5 EPE F . 18.41 14.36 -14.40
C6 EPE F . 18.10 14.91 -13.01
C7 EPE F . 17.67 12.60 -16.04
C8 EPE F . 16.76 11.38 -16.10
O8 EPE F . 17.09 10.60 -17.23
C9 EPE F . 17.88 14.32 -10.65
C10 EPE F . 18.30 13.20 -9.71
S EPE F . 18.09 13.61 -7.96
O1S EPE F . 18.53 12.47 -7.15
O2S EPE F . 16.68 13.91 -7.68
O3S EPE F . 18.90 14.78 -7.67
C1 GOL G . -18.50 -6.58 34.62
O1 GOL G . -17.92 -5.97 33.51
C2 GOL G . -18.12 -8.08 34.57
O2 GOL G . -17.23 -8.43 35.59
C3 GOL G . -19.45 -8.84 34.66
O3 GOL G . -19.44 -9.80 33.64
N1 EPE H . -18.69 44.39 7.18
C2 EPE H . -19.28 43.12 6.73
C3 EPE H . -18.88 42.84 5.29
N4 EPE H . -19.23 43.96 4.46
C5 EPE H . -18.79 45.27 4.87
C6 EPE H . -19.13 45.51 6.34
C7 EPE H . -19.67 43.75 3.09
C8 EPE H . -20.48 42.47 2.95
O8 EPE H . -19.62 41.40 2.62
C9 EPE H . -19.16 44.64 8.54
C10 EPE H . -18.29 43.90 9.55
S EPE H . -19.05 44.01 11.18
O1S EPE H . -18.52 42.96 12.06
O2S EPE H . -20.49 43.85 11.04
O3S EPE H . -18.74 45.32 11.75
#